data_6OHP
#
_entry.id   6OHP
#
_cell.length_a   89.186
_cell.length_b   132.509
_cell.length_c   114.638
_cell.angle_alpha   90.00
_cell.angle_beta   100.34
_cell.angle_gamma   90.00
#
_symmetry.space_group_name_H-M   'P 1 21 1'
#
loop_
_entity.id
_entity.type
_entity.pdbx_description
1 polymer 'Phospholipase D2'
2 non-polymer N-{2-[4-(5-chloro-2-oxo-2,3-dihydro-1H-benzimidazol-1-yl)piperidin-1-yl]ethyl}-4-fluorobenzamide
3 non-polymer 'SULFATE ION'
4 non-polymer GLYCEROL
5 water water
#
_entity_poly.entity_id   1
_entity_poly.type   'polypeptide(L)'
_entity_poly.pdbx_seq_one_letter_code
;SSYRQARWWAQEITELAQGPGRDFLQLHRHDSYAPPRPGTLARWFVNGAGYFAAVADAILRAQEEIFITDWWLSPEVYLK
RPAHSDDWRLDIMLKRKAEEGVRVSILLFKEVELALGINSGYSKRALMLLHPNIKVMRHPDQVTLWAHHEKLLVVDQVVA
FLGGLDLAYGRWDDLHYRLTDLGDSSESAASQPPTPRPDSPATPDLSHNQFFWLGKDYSNLITKDWVQLDRPFEDFIDRE
TTPRMPWRDVGVVVHGLPARDLARHFIQRWNFTKTTKAK(PTR)KTPTYPYLLPKSTSTANQLPFTLPGGQCTTVQVLRS
VDRWSAGTLENSILNAYLHTIRESQHFLYIENQFFISCSDGRTVLNKVGDEIVDRILKAHKQGWCYRVYVLLPLLPGFEG
DISTGGGNSIQAILHFTYRTLCRGEYSILHRLKAAMGTAWRDYISICGLRTHGELGGHPVSELIYIHSKVLIADDRTVII
GSANINDRSLLGKRDSELAVLIEDTETEPSLMNGAEYQAGRFALSLRKHCFGVILGANTRPDLDLRDPICDDFFQLWQDM
AESNANIYEQIFRCLPSNATRSLRTLREYVAVEPLATVSPPLARSELTQVQGHLVHFPLKFLEDESLLPPLGSKEGMIPL
EVWT
;
_entity_poly.pdbx_strand_id   A,B,C,D
#
loop_
_chem_comp.id
_chem_comp.type
_chem_comp.name
_chem_comp.formula
GOL non-polymer GLYCEROL 'C3 H8 O3'
MJV non-polymer N-{2-[4-(5-chloro-2-oxo-2,3-dihydro-1H-benzimidazol-1-yl)piperidin-1-yl]ethyl}-4-fluorobenzamide 'C21 H22 Cl F N4 O2'
SO4 non-polymer 'SULFATE ION' 'O4 S -2'
#
# COMPACT_ATOMS: atom_id res chain seq x y z
N PHE A 24 34.07 33.81 -22.39
CA PHE A 24 35.21 32.90 -22.32
C PHE A 24 36.40 33.54 -21.61
N LEU A 25 36.32 34.86 -21.38
CA LEU A 25 37.48 35.60 -20.87
C LEU A 25 37.86 35.12 -19.47
N GLN A 26 36.95 35.19 -18.52
CA GLN A 26 37.22 34.78 -17.15
C GLN A 26 36.98 33.28 -16.99
N LEU A 27 37.18 32.77 -15.78
CA LEU A 27 36.66 31.46 -15.42
C LEU A 27 35.27 31.62 -14.83
N HIS A 28 34.44 30.61 -15.03
CA HIS A 28 33.03 30.67 -14.69
C HIS A 28 32.74 29.77 -13.49
N ARG A 29 31.52 29.25 -13.43
CA ARG A 29 31.14 28.38 -12.32
C ARG A 29 32.08 27.18 -12.24
N HIS A 30 32.49 26.86 -11.01
CA HIS A 30 33.42 25.75 -10.73
C HIS A 30 34.77 25.96 -11.39
N ASP A 31 35.17 27.21 -11.61
CA ASP A 31 36.44 27.54 -12.27
C ASP A 31 36.58 26.80 -13.60
N SER A 32 35.53 26.86 -14.40
CA SER A 32 35.51 26.23 -15.71
C SER A 32 35.80 27.27 -16.80
N TYR A 33 36.41 26.79 -17.89
CA TYR A 33 36.66 27.65 -19.03
C TYR A 33 35.38 28.00 -19.79
N ALA A 34 34.28 27.30 -19.52
CA ALA A 34 33.04 27.52 -20.23
C ALA A 34 31.92 27.76 -19.23
N PRO A 35 30.99 28.66 -19.56
CA PRO A 35 29.90 28.96 -18.63
C PRO A 35 28.75 28.00 -18.83
N PRO A 36 27.81 27.93 -17.88
CA PRO A 36 26.64 27.07 -18.07
C PRO A 36 25.83 27.53 -19.26
N ARG A 37 25.26 26.57 -19.99
CA ARG A 37 24.49 26.86 -21.20
C ARG A 37 23.04 26.45 -21.00
N PRO A 38 22.15 27.39 -20.72
CA PRO A 38 20.74 27.06 -20.59
C PRO A 38 20.10 26.79 -21.95
N GLY A 39 18.97 26.09 -21.90
CA GLY A 39 18.25 25.74 -23.10
C GLY A 39 18.96 24.76 -24.01
N THR A 40 19.79 23.89 -23.44
CA THR A 40 20.51 22.88 -24.19
C THR A 40 19.74 21.58 -24.18
N LEU A 41 19.56 20.98 -25.36
CA LEU A 41 18.95 19.65 -25.45
C LEU A 41 20.05 18.60 -25.36
N ALA A 42 19.93 17.72 -24.39
CA ALA A 42 20.93 16.69 -24.14
C ALA A 42 20.25 15.34 -23.99
N ARG A 43 20.91 14.30 -24.49
CA ARG A 43 20.43 12.93 -24.40
C ARG A 43 21.50 12.07 -23.76
N TRP A 44 21.13 11.35 -22.71
CA TRP A 44 22.05 10.42 -22.09
C TRP A 44 21.98 9.05 -22.76
N PHE A 45 23.05 8.29 -22.64
CA PHE A 45 23.12 6.93 -23.15
C PHE A 45 23.66 6.02 -22.06
N VAL A 46 23.08 4.83 -21.94
CA VAL A 46 23.60 3.78 -21.07
C VAL A 46 24.01 2.61 -21.95
N ASN A 47 25.26 2.17 -21.78
CA ASN A 47 25.89 1.12 -22.57
C ASN A 47 26.23 1.65 -23.95
N GLY A 48 26.92 0.86 -24.77
CA GLY A 48 27.46 1.37 -26.01
C GLY A 48 26.58 1.20 -27.23
N ALA A 49 25.55 0.35 -27.15
CA ALA A 49 24.70 0.11 -28.30
C ALA A 49 24.05 1.40 -28.78
N GLY A 50 23.44 2.16 -27.86
CA GLY A 50 22.80 3.40 -28.25
C GLY A 50 23.80 4.51 -28.55
N TYR A 51 24.89 4.57 -27.78
CA TYR A 51 25.88 5.62 -27.97
C TYR A 51 26.54 5.49 -29.34
N PHE A 52 26.95 4.28 -29.72
CA PHE A 52 27.62 4.08 -31.01
C PHE A 52 26.65 4.29 -32.17
N ALA A 53 25.42 3.81 -32.06
CA ALA A 53 24.45 4.01 -33.13
C ALA A 53 24.14 5.49 -33.31
N ALA A 54 24.05 6.24 -32.20
CA ALA A 54 23.85 7.68 -32.30
C ALA A 54 25.07 8.36 -32.92
N VAL A 55 26.27 7.92 -32.54
CA VAL A 55 27.48 8.47 -33.12
C VAL A 55 27.52 8.22 -34.62
N ALA A 56 27.18 7.00 -35.04
CA ALA A 56 27.19 6.66 -36.46
C ALA A 56 26.19 7.53 -37.25
N ASP A 57 25.01 7.76 -36.68
CA ASP A 57 24.02 8.59 -37.36
C ASP A 57 24.47 10.05 -37.43
N ALA A 58 25.11 10.55 -36.38
CA ALA A 58 25.62 11.92 -36.42
C ALA A 58 26.78 12.05 -37.40
N ILE A 59 27.63 11.03 -37.49
CA ILE A 59 28.71 11.04 -38.46
C ILE A 59 28.15 11.08 -39.87
N LEU A 60 27.06 10.35 -40.12
CA LEU A 60 26.47 10.32 -41.45
C LEU A 60 25.95 11.69 -41.86
N ARG A 61 25.55 12.52 -40.90
CA ARG A 61 25.01 13.84 -41.19
C ARG A 61 26.05 14.95 -41.13
N ALA A 62 27.33 14.62 -40.99
CA ALA A 62 28.38 15.63 -40.94
C ALA A 62 28.55 16.30 -42.30
N GLN A 63 28.75 17.61 -42.28
CA GLN A 63 28.92 18.37 -43.51
C GLN A 63 30.28 19.02 -43.65
N GLU A 64 30.93 19.41 -42.55
CA GLU A 64 32.18 20.15 -42.65
C GLU A 64 33.32 19.52 -41.84
N GLU A 65 33.09 19.28 -40.55
CA GLU A 65 34.18 18.92 -39.66
C GLU A 65 33.75 17.82 -38.70
N ILE A 66 34.71 16.96 -38.35
CA ILE A 66 34.55 15.96 -37.30
C ILE A 66 35.81 15.98 -36.43
N PHE A 67 35.62 16.16 -35.13
CA PHE A 67 36.71 16.15 -34.16
C PHE A 67 36.60 14.89 -33.31
N ILE A 68 37.71 14.18 -33.11
CA ILE A 68 37.71 12.94 -32.33
C ILE A 68 38.92 12.94 -31.39
N THR A 69 38.67 12.79 -30.09
CA THR A 69 39.71 12.47 -29.12
C THR A 69 39.37 11.13 -28.48
N ASP A 70 40.37 10.25 -28.40
CA ASP A 70 40.18 8.94 -27.81
C ASP A 70 41.45 8.52 -27.07
N TRP A 71 41.26 7.91 -25.90
CA TRP A 71 42.36 7.21 -25.26
C TRP A 71 42.78 6.01 -26.11
N TRP A 72 41.81 5.31 -26.70
CA TRP A 72 42.06 4.24 -27.63
C TRP A 72 40.96 4.28 -28.69
N LEU A 73 41.36 4.26 -29.96
CA LEU A 73 40.43 4.21 -31.08
C LEU A 73 40.74 2.97 -31.90
N SER A 74 39.76 2.07 -32.03
CA SER A 74 39.92 0.88 -32.85
C SER A 74 39.38 1.17 -34.24
N PRO A 75 40.23 1.19 -35.29
CA PRO A 75 39.76 1.66 -36.61
C PRO A 75 38.67 0.81 -37.22
N GLU A 76 38.69 -0.51 -37.00
CA GLU A 76 37.77 -1.42 -37.68
C GLU A 76 36.56 -1.78 -36.83
N VAL A 77 36.20 -0.93 -35.88
CA VAL A 77 35.07 -1.23 -34.99
C VAL A 77 33.77 -0.91 -35.70
N TYR A 78 32.75 -1.72 -35.43
CA TYR A 78 31.42 -1.53 -36.00
C TYR A 78 30.56 -0.73 -35.04
N LEU A 79 29.84 0.26 -35.57
CA LEU A 79 28.99 1.09 -34.74
C LEU A 79 27.55 0.59 -34.68
N LYS A 80 27.19 -0.40 -35.51
CA LYS A 80 25.88 -1.02 -35.46
C LYS A 80 26.03 -2.52 -35.63
N ARG A 81 25.26 -3.28 -34.87
CA ARG A 81 25.38 -4.73 -34.79
C ARG A 81 24.03 -5.39 -34.98
N PRO A 82 23.99 -6.61 -35.54
CA PRO A 82 25.14 -7.35 -36.06
C PRO A 82 25.57 -6.84 -37.44
N ALA A 83 26.88 -6.80 -37.65
CA ALA A 83 27.42 -6.29 -38.91
C ALA A 83 27.09 -7.23 -40.05
N HIS A 84 26.44 -6.70 -41.09
CA HIS A 84 26.15 -7.44 -42.31
C HIS A 84 26.92 -6.91 -43.50
N SER A 85 27.69 -5.85 -43.33
CA SER A 85 28.48 -5.24 -44.40
C SER A 85 29.53 -4.35 -43.76
N ASP A 86 30.29 -3.66 -44.61
CA ASP A 86 31.28 -2.71 -44.11
C ASP A 86 30.69 -1.34 -43.82
N ASP A 87 29.42 -1.12 -44.15
CA ASP A 87 28.73 0.06 -43.65
C ASP A 87 28.69 0.03 -42.13
N TRP A 88 28.69 1.21 -41.51
CA TRP A 88 28.68 1.42 -40.07
C TRP A 88 29.98 1.02 -39.39
N ARG A 89 30.99 0.58 -40.15
CA ARG A 89 32.33 0.43 -39.60
C ARG A 89 32.98 1.80 -39.53
N LEU A 90 33.66 2.08 -38.42
CA LEU A 90 34.12 3.44 -38.15
C LEU A 90 35.07 3.94 -39.22
N ASP A 91 36.04 3.10 -39.63
CA ASP A 91 36.99 3.52 -40.65
C ASP A 91 36.31 3.77 -41.99
N ILE A 92 35.34 2.92 -42.34
CA ILE A 92 34.65 3.07 -43.62
C ILE A 92 33.78 4.32 -43.63
N MET A 93 33.15 4.63 -42.49
CA MET A 93 32.30 5.82 -42.41
C MET A 93 33.14 7.09 -42.55
N LEU A 94 34.26 7.17 -41.84
CA LEU A 94 35.11 8.35 -41.93
C LEU A 94 35.75 8.49 -43.30
N LYS A 95 36.00 7.36 -43.98
CA LYS A 95 36.57 7.42 -45.32
C LYS A 95 35.53 7.93 -46.31
N ARG A 96 34.28 7.51 -46.15
CA ARG A 96 33.21 8.03 -47.00
C ARG A 96 32.96 9.50 -46.73
N LYS A 97 32.98 9.91 -45.46
CA LYS A 97 32.73 11.31 -45.14
C LYS A 97 33.87 12.19 -45.66
N ALA A 98 35.11 11.69 -45.58
CA ALA A 98 36.25 12.45 -46.07
C ALA A 98 36.23 12.57 -47.60
N GLU A 99 35.74 11.55 -48.29
CA GLU A 99 35.61 11.61 -49.74
C GLU A 99 34.60 12.67 -50.17
N GLU A 100 33.71 13.10 -49.28
CA GLU A 100 32.76 14.15 -49.57
C GLU A 100 33.26 15.53 -49.16
N GLY A 101 34.51 15.63 -48.72
CA GLY A 101 35.08 16.89 -48.32
C GLY A 101 35.03 17.20 -46.85
N VAL A 102 34.65 16.25 -46.02
CA VAL A 102 34.62 16.47 -44.57
C VAL A 102 36.00 16.22 -43.99
N ARG A 103 36.48 17.16 -43.19
CA ARG A 103 37.77 17.05 -42.54
C ARG A 103 37.59 16.43 -41.16
N VAL A 104 38.23 15.28 -40.94
CA VAL A 104 38.21 14.59 -39.66
C VAL A 104 39.56 14.82 -38.99
N SER A 105 39.53 15.49 -37.84
CA SER A 105 40.72 15.75 -37.05
C SER A 105 40.64 14.89 -35.80
N ILE A 106 41.62 14.01 -35.61
CA ILE A 106 41.59 13.01 -34.55
C ILE A 106 42.80 13.18 -33.66
N LEU A 107 42.56 13.16 -32.35
CA LEU A 107 43.61 13.27 -31.34
C LEU A 107 43.67 11.96 -30.57
N LEU A 108 44.69 11.16 -30.83
CA LEU A 108 44.88 9.89 -30.13
C LEU A 108 45.90 10.05 -29.02
N PHE A 109 45.69 9.34 -27.92
CA PHE A 109 46.69 9.29 -26.87
C PHE A 109 47.78 8.34 -27.29
N LYS A 110 49.03 8.79 -27.21
CA LYS A 110 50.17 7.96 -27.56
C LYS A 110 50.63 7.22 -26.32
N GLU A 111 50.40 5.91 -26.29
CA GLU A 111 50.81 5.11 -25.16
C GLU A 111 52.33 5.01 -25.11
N VAL A 112 52.85 4.61 -23.95
CA VAL A 112 54.24 4.18 -23.89
C VAL A 112 54.23 2.75 -24.43
N GLU A 113 54.89 2.54 -25.56
CA GLU A 113 54.68 1.31 -26.30
C GLU A 113 55.26 0.13 -25.56
N LEU A 114 54.70 -1.05 -25.83
CA LEU A 114 55.02 -2.31 -25.17
C LEU A 114 54.99 -2.17 -23.64
N ALA A 115 54.29 -1.16 -23.14
CA ALA A 115 53.90 -1.11 -21.74
C ALA A 115 52.42 -0.92 -21.54
N LEU A 116 51.67 -0.55 -22.57
CA LEU A 116 50.21 -0.49 -22.52
C LEU A 116 49.62 -1.49 -23.49
N GLY A 117 49.75 -1.25 -24.80
CA GLY A 117 49.28 -2.19 -25.81
C GLY A 117 48.09 -1.81 -26.68
N ILE A 118 47.67 -0.54 -26.70
CA ILE A 118 46.60 -0.13 -27.60
C ILE A 118 47.06 0.09 -29.04
N ASN A 119 48.37 0.15 -29.28
CA ASN A 119 48.94 0.31 -30.62
C ASN A 119 48.32 1.51 -31.35
N SER A 120 48.45 2.69 -30.73
CA SER A 120 47.97 3.92 -31.35
C SER A 120 48.66 4.19 -32.69
N GLY A 121 49.88 3.71 -32.86
CA GLY A 121 50.54 3.84 -34.16
C GLY A 121 49.75 3.18 -35.28
N TYR A 122 49.23 1.98 -35.02
CA TYR A 122 48.42 1.31 -36.03
C TYR A 122 47.12 2.06 -36.31
N SER A 123 46.49 2.59 -35.26
CA SER A 123 45.26 3.36 -35.44
C SER A 123 45.51 4.57 -36.34
N LYS A 124 46.58 5.32 -36.08
CA LYS A 124 46.91 6.47 -36.91
C LYS A 124 47.14 6.05 -38.35
N ARG A 125 47.99 5.05 -38.54
CA ARG A 125 48.35 4.59 -39.89
C ARG A 125 47.11 4.11 -40.64
N ALA A 126 46.25 3.35 -39.97
CA ALA A 126 45.02 2.90 -40.60
C ALA A 126 44.12 4.06 -40.98
N LEU A 127 43.97 5.04 -40.08
CA LEU A 127 43.05 6.15 -40.33
C LEU A 127 43.56 7.08 -41.44
N MET A 128 44.82 7.51 -41.36
CA MET A 128 45.29 8.51 -42.31
C MET A 128 45.38 7.98 -43.74
N LEU A 129 45.61 6.67 -43.91
CA LEU A 129 45.64 6.11 -45.25
C LEU A 129 44.27 6.03 -45.89
N LEU A 130 43.20 6.26 -45.13
CA LEU A 130 41.86 6.18 -45.70
C LEU A 130 41.64 7.29 -46.72
N HIS A 131 42.01 8.52 -46.37
CA HIS A 131 41.76 9.67 -47.24
C HIS A 131 42.65 10.81 -46.77
N PRO A 132 43.12 11.67 -47.69
CA PRO A 132 43.96 12.80 -47.27
C PRO A 132 43.25 13.79 -46.36
N ASN A 133 41.92 13.78 -46.30
CA ASN A 133 41.19 14.68 -45.43
C ASN A 133 41.17 14.23 -43.97
N ILE A 134 41.74 13.07 -43.66
CA ILE A 134 41.75 12.53 -42.30
C ILE A 134 43.16 12.73 -41.75
N LYS A 135 43.30 13.62 -40.79
CA LYS A 135 44.57 13.93 -40.15
C LYS A 135 44.53 13.45 -38.71
N VAL A 136 45.59 12.76 -38.29
CA VAL A 136 45.69 12.18 -36.95
C VAL A 136 46.95 12.72 -36.28
N MET A 137 46.82 13.14 -35.04
CA MET A 137 47.96 13.54 -34.23
C MET A 137 47.96 12.71 -32.94
N ARG A 138 49.16 12.47 -32.42
CA ARG A 138 49.32 11.71 -31.19
C ARG A 138 50.13 12.52 -30.20
N HIS A 139 49.77 12.41 -28.93
CA HIS A 139 50.36 13.12 -27.83
C HIS A 139 50.24 12.20 -26.63
N PRO A 140 51.25 12.13 -25.77
CA PRO A 140 52.52 12.87 -25.82
C PRO A 140 53.69 12.04 -26.33
N ASP A 141 54.79 12.70 -26.69
CA ASP A 141 56.03 12.03 -27.06
C ASP A 141 56.96 11.81 -25.89
N GLN A 142 57.01 12.78 -24.97
CA GLN A 142 57.89 12.66 -23.82
C GLN A 142 57.46 11.49 -22.95
N VAL A 143 58.42 10.91 -22.24
CA VAL A 143 58.08 9.83 -21.31
C VAL A 143 57.29 10.44 -20.17
N THR A 144 56.13 9.86 -19.89
CA THR A 144 55.28 10.39 -18.83
C THR A 144 54.35 9.28 -18.34
N LEU A 145 53.83 9.49 -17.15
CA LEU A 145 52.86 8.57 -16.56
C LEU A 145 51.43 8.87 -16.96
N TRP A 146 51.13 10.11 -17.38
CA TRP A 146 49.77 10.56 -17.57
C TRP A 146 49.35 10.44 -19.03
N ALA A 147 48.03 10.39 -19.23
CA ALA A 147 47.45 10.07 -20.53
C ALA A 147 46.37 11.09 -20.90
N HIS A 148 46.02 11.08 -22.18
CA HIS A 148 44.84 11.80 -22.67
C HIS A 148 43.68 10.83 -22.62
N HIS A 149 42.79 10.99 -21.66
CA HIS A 149 41.76 10.01 -21.39
C HIS A 149 40.37 10.41 -21.87
N GLU A 150 40.16 11.66 -22.26
CA GLU A 150 38.82 12.08 -22.64
C GLU A 150 38.41 11.44 -23.96
N LYS A 151 37.13 11.07 -24.04
CA LYS A 151 36.53 10.52 -25.25
C LYS A 151 35.55 11.57 -25.77
N LEU A 152 35.75 12.01 -27.00
CA LEU A 152 34.97 13.12 -27.55
C LEU A 152 34.80 12.93 -29.05
N LEU A 153 33.58 13.11 -29.53
CA LEU A 153 33.31 13.21 -30.95
C LEU A 153 32.39 14.41 -31.17
N VAL A 154 32.85 15.37 -31.98
CA VAL A 154 32.11 16.58 -32.27
C VAL A 154 31.89 16.67 -33.77
N VAL A 155 30.64 16.92 -34.17
CA VAL A 155 30.25 17.03 -35.57
C VAL A 155 29.84 18.47 -35.84
N ASP A 156 30.56 19.13 -36.75
CA ASP A 156 30.27 20.50 -37.19
C ASP A 156 30.23 21.49 -36.04
N GLN A 157 30.90 21.18 -34.92
CA GLN A 157 30.96 22.02 -33.73
C GLN A 157 29.59 22.30 -33.13
N VAL A 158 28.56 21.58 -33.58
CA VAL A 158 27.22 21.74 -33.05
C VAL A 158 26.71 20.52 -32.30
N VAL A 159 27.23 19.32 -32.59
CA VAL A 159 26.78 18.10 -31.94
C VAL A 159 28.01 17.35 -31.42
N ALA A 160 28.06 17.16 -30.12
CA ALA A 160 29.23 16.59 -29.45
C ALA A 160 28.82 15.38 -28.61
N PHE A 161 29.61 14.31 -28.69
CA PHE A 161 29.42 13.15 -27.85
C PHE A 161 30.56 13.06 -26.84
N LEU A 162 30.22 12.76 -25.59
CA LEU A 162 31.24 12.52 -24.57
C LEU A 162 30.69 11.55 -23.54
N GLY A 163 31.56 11.16 -22.61
CA GLY A 163 31.22 10.14 -21.64
C GLY A 163 32.40 9.22 -21.39
N GLY A 164 32.13 7.95 -21.08
CA GLY A 164 33.19 7.00 -20.83
C GLY A 164 33.53 6.07 -21.97
N LEU A 165 32.82 6.14 -23.09
CA LEU A 165 32.96 5.16 -24.15
C LEU A 165 33.99 5.63 -25.18
N ASP A 166 35.08 4.87 -25.31
CA ASP A 166 35.99 4.99 -26.44
C ASP A 166 35.42 4.25 -27.64
N LEU A 167 35.80 4.69 -28.84
CA LEU A 167 35.43 3.98 -30.07
C LEU A 167 36.40 2.80 -30.25
N ALA A 168 36.27 1.83 -29.35
CA ALA A 168 37.28 0.78 -29.22
C ALA A 168 36.62 -0.57 -29.01
N TYR A 169 37.45 -1.61 -29.02
CA TYR A 169 36.97 -2.98 -28.85
C TYR A 169 36.43 -3.20 -27.44
N GLY A 170 35.45 -4.09 -27.34
CA GLY A 170 34.86 -4.48 -26.08
C GLY A 170 33.86 -3.51 -25.50
N ARG A 171 33.82 -2.27 -25.98
CA ARG A 171 32.96 -1.26 -25.38
C ARG A 171 31.50 -1.44 -25.74
N TRP A 172 31.19 -2.01 -26.90
CA TRP A 172 29.81 -2.17 -27.33
C TRP A 172 29.11 -3.16 -26.42
N ASP A 173 27.90 -2.80 -25.98
CA ASP A 173 27.08 -3.71 -25.17
C ASP A 173 25.68 -3.11 -25.05
N ASP A 174 24.74 -3.94 -24.61
CA ASP A 174 23.40 -3.48 -24.29
C ASP A 174 22.97 -3.99 -22.92
N LEU A 175 21.70 -3.80 -22.56
CA LEU A 175 21.24 -4.20 -21.24
C LEU A 175 21.13 -5.72 -21.08
N HIS A 176 21.31 -6.49 -22.15
CA HIS A 176 21.30 -7.94 -22.02
C HIS A 176 22.60 -8.45 -21.41
N TYR A 177 23.72 -7.76 -21.63
CA TYR A 177 25.01 -8.11 -21.06
C TYR A 177 25.35 -9.58 -21.29
N ARG A 178 25.27 -9.99 -22.56
CA ARG A 178 25.51 -11.38 -22.92
C ARG A 178 26.94 -11.78 -22.60
N LEU A 179 27.09 -13.00 -22.07
CA LEU A 179 28.40 -13.57 -21.81
C LEU A 179 28.96 -14.38 -22.98
N THR A 180 28.11 -14.74 -23.95
CA THR A 180 28.52 -15.58 -25.06
C THR A 180 28.18 -14.89 -26.37
N ASP A 181 28.86 -15.32 -27.43
CA ASP A 181 28.64 -14.84 -28.80
C ASP A 181 29.11 -15.95 -29.74
N LEU A 182 28.31 -17.02 -29.80
CA LEU A 182 28.68 -18.22 -30.53
C LEU A 182 27.97 -18.35 -31.88
N GLY A 183 26.90 -17.60 -32.09
CA GLY A 183 26.20 -17.61 -33.37
C GLY A 183 25.74 -18.97 -33.84
N ASP A 205 33.20 -12.80 -46.08
CA ASP A 205 32.09 -11.86 -46.13
C ASP A 205 31.10 -12.12 -44.98
N LEU A 206 30.44 -11.06 -44.53
CA LEU A 206 29.55 -11.10 -43.36
C LEU A 206 28.08 -10.96 -43.72
N SER A 207 27.69 -11.36 -44.94
CA SER A 207 26.33 -11.11 -45.42
C SER A 207 25.26 -11.64 -44.47
N HIS A 208 25.54 -12.73 -43.77
CA HIS A 208 24.59 -13.28 -42.80
C HIS A 208 25.23 -13.48 -41.44
N ASN A 209 26.19 -12.62 -41.09
CA ASN A 209 26.90 -12.76 -39.83
C ASN A 209 25.94 -12.65 -38.65
N GLN A 210 26.13 -13.50 -37.65
CA GLN A 210 25.36 -13.47 -36.42
C GLN A 210 26.20 -13.10 -35.20
N PHE A 211 27.48 -12.80 -35.39
CA PHE A 211 28.37 -12.49 -34.26
C PHE A 211 28.28 -11.00 -33.95
N PHE A 212 27.86 -10.68 -32.72
CA PHE A 212 27.79 -9.28 -32.30
C PHE A 212 29.17 -8.70 -32.02
N TRP A 213 30.10 -9.53 -31.54
CA TRP A 213 31.47 -9.10 -31.26
C TRP A 213 32.41 -9.91 -32.15
N LEU A 214 32.92 -9.27 -33.20
CA LEU A 214 33.74 -9.95 -34.20
C LEU A 214 35.21 -9.84 -33.84
N GLY A 215 35.88 -10.99 -33.78
CA GLY A 215 37.32 -11.03 -33.62
C GLY A 215 37.78 -10.39 -32.33
N LYS A 216 38.60 -9.35 -32.46
CA LYS A 216 39.15 -8.67 -31.30
C LYS A 216 38.10 -7.92 -30.49
N ASP A 217 36.88 -7.79 -31.01
CA ASP A 217 35.81 -7.15 -30.25
C ASP A 217 35.28 -8.05 -29.14
N TYR A 218 35.53 -9.36 -29.23
CA TYR A 218 35.16 -10.30 -28.17
C TYR A 218 36.35 -10.43 -27.22
N SER A 219 36.15 -10.06 -25.95
CA SER A 219 37.27 -9.98 -25.04
C SER A 219 36.79 -10.12 -23.60
N ASN A 220 37.73 -10.53 -22.74
CA ASN A 220 37.54 -10.56 -21.29
C ASN A 220 38.75 -9.86 -20.68
N LEU A 221 38.52 -8.70 -20.06
CA LEU A 221 39.63 -7.85 -19.62
C LEU A 221 40.54 -8.56 -18.62
N ILE A 222 39.97 -9.32 -17.69
CA ILE A 222 40.79 -9.98 -16.67
C ILE A 222 41.47 -11.23 -17.23
N THR A 223 40.91 -11.85 -18.26
CA THR A 223 41.45 -13.09 -18.80
C THR A 223 42.74 -12.85 -19.60
N LYS A 224 42.67 -11.97 -20.59
CA LYS A 224 43.79 -11.78 -21.52
C LYS A 224 43.77 -10.35 -22.06
N ASP A 225 44.96 -9.76 -22.18
CA ASP A 225 45.05 -8.44 -22.79
C ASP A 225 45.00 -8.56 -24.32
N TRP A 226 44.64 -7.46 -24.97
CA TRP A 226 44.55 -7.44 -26.42
C TRP A 226 45.93 -7.62 -27.04
N VAL A 227 45.98 -8.36 -28.15
CA VAL A 227 47.21 -8.59 -28.88
C VAL A 227 46.92 -8.44 -30.37
N GLN A 228 47.96 -8.09 -31.12
CA GLN A 228 47.94 -8.03 -32.59
C GLN A 228 46.69 -7.32 -33.12
N LEU A 229 46.63 -6.03 -32.81
CA LEU A 229 45.50 -5.17 -33.17
C LEU A 229 45.46 -4.82 -34.66
N ASP A 230 46.45 -5.24 -35.43
CA ASP A 230 46.42 -5.08 -36.88
C ASP A 230 45.78 -6.27 -37.58
N ARG A 231 45.32 -7.26 -36.82
CA ARG A 231 44.58 -8.40 -37.33
C ARG A 231 43.25 -8.46 -36.58
N PRO A 232 42.28 -7.61 -36.96
CA PRO A 232 41.09 -7.37 -36.11
C PRO A 232 40.08 -8.50 -36.11
N PHE A 233 40.01 -9.28 -37.18
CA PHE A 233 38.98 -10.32 -37.32
C PHE A 233 39.45 -11.69 -36.84
N GLU A 234 40.55 -11.73 -36.09
CA GLU A 234 41.02 -12.96 -35.47
C GLU A 234 40.73 -12.92 -33.99
N ASP A 235 40.16 -14.00 -33.47
CA ASP A 235 39.95 -14.10 -32.03
C ASP A 235 41.30 -14.19 -31.32
N PHE A 236 41.34 -13.66 -30.11
CA PHE A 236 42.49 -13.87 -29.25
C PHE A 236 42.13 -14.59 -27.96
N ILE A 237 40.84 -14.86 -27.74
CA ILE A 237 40.40 -15.78 -26.69
C ILE A 237 39.35 -16.71 -27.30
N ASP A 238 39.20 -17.88 -26.66
CA ASP A 238 38.37 -18.95 -27.19
C ASP A 238 36.91 -18.73 -26.78
N ARG A 239 36.04 -18.56 -27.78
CA ARG A 239 34.63 -18.30 -27.53
C ARG A 239 33.89 -19.50 -26.96
N GLU A 240 34.39 -20.72 -27.17
CA GLU A 240 33.67 -21.90 -26.72
C GLU A 240 33.97 -22.27 -25.28
N THR A 241 34.99 -21.68 -24.66
CA THR A 241 35.29 -21.91 -23.25
C THR A 241 35.35 -20.64 -22.42
N THR A 242 35.78 -19.51 -23.00
CA THR A 242 35.98 -18.28 -22.26
C THR A 242 34.84 -17.32 -22.54
N PRO A 243 34.08 -16.87 -21.54
CA PRO A 243 33.02 -15.90 -21.79
C PRO A 243 33.57 -14.48 -21.91
N ARG A 244 32.89 -13.67 -22.70
CA ARG A 244 33.24 -12.27 -22.77
C ARG A 244 32.90 -11.59 -21.44
N MET A 245 33.49 -10.43 -21.23
CA MET A 245 33.18 -9.61 -20.07
C MET A 245 32.34 -8.41 -20.47
N PRO A 246 31.11 -8.32 -19.97
CA PRO A 246 30.22 -7.22 -20.39
C PRO A 246 30.73 -5.86 -19.95
N TRP A 247 30.46 -4.87 -20.78
CA TRP A 247 30.92 -3.51 -20.59
C TRP A 247 29.72 -2.61 -20.29
N ARG A 248 29.71 -2.02 -19.10
CA ARG A 248 28.69 -1.06 -18.73
C ARG A 248 29.31 0.33 -18.66
N ASP A 249 28.68 1.29 -19.36
CA ASP A 249 29.23 2.63 -19.46
C ASP A 249 28.08 3.62 -19.63
N VAL A 250 28.41 4.90 -19.51
CA VAL A 250 27.45 5.98 -19.67
C VAL A 250 28.02 7.03 -20.62
N GLY A 251 27.17 7.54 -21.51
CA GLY A 251 27.56 8.59 -22.42
C GLY A 251 26.44 9.60 -22.57
N VAL A 252 26.77 10.70 -23.27
CA VAL A 252 25.83 11.80 -23.42
C VAL A 252 26.18 12.56 -24.70
N VAL A 253 25.14 13.13 -25.32
CA VAL A 253 25.29 14.02 -26.47
C VAL A 253 24.64 15.36 -26.12
N VAL A 254 25.29 16.45 -26.49
CA VAL A 254 24.72 17.77 -26.28
C VAL A 254 24.80 18.53 -27.61
N HIS A 255 23.91 19.49 -27.77
CA HIS A 255 23.80 20.27 -29.00
C HIS A 255 24.00 21.74 -28.72
N GLY A 256 24.43 22.48 -29.74
CA GLY A 256 24.46 23.92 -29.64
C GLY A 256 25.66 24.43 -28.88
N LEU A 257 25.41 25.32 -27.92
CA LEU A 257 26.49 26.02 -27.24
C LEU A 257 27.46 25.09 -26.53
N PRO A 258 27.02 24.10 -25.74
CA PRO A 258 28.01 23.21 -25.10
C PRO A 258 28.87 22.43 -26.08
N ALA A 259 28.34 22.11 -27.27
CA ALA A 259 29.18 21.48 -28.29
C ALA A 259 30.23 22.44 -28.83
N ARG A 260 29.93 23.75 -28.86
CA ARG A 260 30.94 24.73 -29.21
C ARG A 260 32.01 24.81 -28.13
N ASP A 261 31.59 24.76 -26.86
CA ASP A 261 32.55 24.77 -25.76
C ASP A 261 33.44 23.54 -25.78
N LEU A 262 32.86 22.37 -26.08
CA LEU A 262 33.69 21.17 -26.21
C LEU A 262 34.58 21.24 -27.44
N ALA A 263 34.06 21.77 -28.55
CA ALA A 263 34.89 21.96 -29.73
C ALA A 263 36.03 22.94 -29.46
N ARG A 264 35.78 23.94 -28.61
CA ARG A 264 36.84 24.84 -28.21
C ARG A 264 37.96 24.08 -27.51
N HIS A 265 37.61 23.14 -26.63
CA HIS A 265 38.61 22.32 -25.96
C HIS A 265 39.43 21.51 -26.96
N PHE A 266 38.77 20.91 -27.95
CA PHE A 266 39.49 20.15 -28.97
C PHE A 266 40.44 21.04 -29.75
N ILE A 267 39.97 22.22 -30.17
CA ILE A 267 40.78 23.11 -30.98
C ILE A 267 42.03 23.55 -30.23
N GLN A 268 41.89 23.83 -28.93
CA GLN A 268 43.06 24.24 -28.15
C GLN A 268 44.10 23.14 -28.07
N ARG A 269 43.66 21.89 -27.84
CA ARG A 269 44.59 20.77 -27.79
C ARG A 269 45.21 20.52 -29.16
N TRP A 270 44.44 20.72 -30.24
CA TRP A 270 44.97 20.51 -31.58
C TRP A 270 46.08 21.52 -31.90
N ASN A 271 45.79 22.82 -31.72
CA ASN A 271 46.78 23.84 -32.01
C ASN A 271 47.97 23.73 -31.08
N PHE A 272 47.74 23.33 -29.82
CA PHE A 272 48.86 23.14 -28.89
C PHE A 272 49.72 21.97 -29.30
N THR A 273 49.10 20.83 -29.61
CA THR A 273 49.86 19.66 -30.04
C THR A 273 50.60 19.91 -31.34
N LYS A 274 50.13 20.87 -32.14
CA LYS A 274 50.86 21.22 -33.36
C LYS A 274 52.26 21.75 -33.05
N THR A 275 52.42 22.44 -31.93
CA THR A 275 53.71 23.02 -31.55
C THR A 275 54.57 22.05 -30.74
N THR A 276 54.16 20.80 -30.60
CA THR A 276 54.86 19.83 -29.77
C THR A 276 55.91 19.01 -30.53
N LYS A 277 55.73 18.81 -31.84
CA LYS A 277 56.64 18.02 -32.67
C LYS A 277 57.11 18.86 -33.85
N ALA A 278 58.07 18.33 -34.62
CA ALA A 278 58.49 19.03 -35.84
C ALA A 278 57.54 18.76 -37.01
N LYS A 279 57.08 17.51 -37.17
CA LYS A 279 56.23 17.15 -38.30
C LYS A 279 54.81 17.75 -38.27
N PTR A 280 54.20 17.85 -37.10
CA PTR A 280 52.84 18.38 -37.02
C PTR A 280 52.85 19.91 -37.23
O PTR A 280 51.79 20.53 -37.42
CB PTR A 280 52.22 17.98 -35.67
CG PTR A 280 52.14 16.49 -35.39
CD1 PTR A 280 52.02 16.01 -34.09
CD2 PTR A 280 52.15 15.54 -36.42
CE1 PTR A 280 51.95 14.65 -33.82
CE2 PTR A 280 52.07 14.18 -36.15
CZ PTR A 280 51.96 13.73 -34.85
OH PTR A 280 51.88 12.45 -34.55
P PTR A 280 53.04 11.33 -34.79
O1P PTR A 280 52.59 10.34 -35.78
O2P PTR A 280 54.31 11.98 -35.37
O3P PTR A 280 53.36 10.59 -33.47
N LYS A 281 54.04 20.52 -37.19
CA LYS A 281 54.22 21.95 -37.50
C LYS A 281 54.02 22.20 -38.99
N THR A 282 54.08 21.13 -39.77
CA THR A 282 53.88 21.21 -41.21
C THR A 282 52.47 21.71 -41.50
N PRO A 283 52.25 22.40 -42.63
CA PRO A 283 50.89 22.84 -42.97
C PRO A 283 49.94 21.72 -43.37
N THR A 284 50.39 20.45 -43.41
CA THR A 284 49.44 19.37 -43.62
C THR A 284 48.53 19.18 -42.41
N TYR A 285 48.93 19.71 -41.26
CA TYR A 285 48.13 19.76 -40.05
C TYR A 285 47.71 21.21 -39.84
N PRO A 286 46.59 21.63 -40.42
CA PRO A 286 46.20 23.04 -40.35
C PRO A 286 45.80 23.44 -38.94
N TYR A 287 45.87 24.73 -38.68
CA TYR A 287 45.29 25.25 -37.45
C TYR A 287 43.78 25.12 -37.51
N LEU A 288 43.17 24.90 -36.35
CA LEU A 288 41.73 24.80 -36.23
C LEU A 288 41.21 26.02 -35.48
N LEU A 289 40.01 26.48 -35.87
CA LEU A 289 39.44 27.67 -35.28
C LEU A 289 37.99 27.42 -34.90
N PRO A 290 37.52 28.00 -33.80
CA PRO A 290 36.14 27.79 -33.39
C PRO A 290 35.16 28.65 -34.17
N LYS A 291 33.92 28.16 -34.23
CA LYS A 291 32.84 28.93 -34.81
C LYS A 291 32.22 29.77 -33.69
N SER A 292 31.63 30.90 -34.06
CA SER A 292 31.17 31.85 -33.06
C SER A 292 29.93 31.32 -32.34
N THR A 293 29.91 31.50 -31.01
CA THR A 293 28.79 31.02 -30.22
C THR A 293 27.47 31.62 -30.69
N SER A 294 27.49 32.83 -31.24
CA SER A 294 26.27 33.52 -31.63
C SER A 294 25.49 32.77 -32.70
N THR A 295 26.09 31.81 -33.37
CA THR A 295 25.39 31.01 -34.37
C THR A 295 24.46 30.01 -33.71
N PHE A 301 21.08 19.73 -38.01
CA PHE A 301 20.42 18.50 -37.58
C PHE A 301 20.43 18.36 -36.06
N THR A 302 19.58 17.46 -35.55
CA THR A 302 19.46 17.21 -34.12
C THR A 302 19.33 15.73 -33.86
N LEU A 303 19.84 15.28 -32.71
CA LEU A 303 19.64 13.87 -32.42
C LEU A 303 18.31 13.65 -31.70
N PRO A 304 17.55 12.63 -32.07
CA PRO A 304 16.29 12.31 -31.38
C PRO A 304 16.55 11.79 -29.96
N GLY A 305 15.96 12.46 -28.96
CA GLY A 305 16.20 12.07 -27.59
C GLY A 305 16.65 13.18 -26.66
N GLY A 306 16.70 14.41 -27.17
CA GLY A 306 17.20 15.52 -26.37
C GLY A 306 16.17 16.00 -25.36
N GLN A 307 16.60 16.13 -24.11
CA GLN A 307 15.82 16.80 -23.07
C GLN A 307 16.41 18.20 -22.87
N CYS A 308 15.53 19.18 -22.68
CA CYS A 308 15.99 20.56 -22.48
C CYS A 308 16.57 20.70 -21.07
N THR A 309 17.85 21.06 -20.99
CA THR A 309 18.57 21.10 -19.74
C THR A 309 19.53 22.29 -19.74
N THR A 310 20.16 22.53 -18.60
CA THR A 310 21.28 23.45 -18.49
C THR A 310 22.56 22.62 -18.39
N VAL A 311 23.43 22.77 -19.38
CA VAL A 311 24.62 21.94 -19.51
C VAL A 311 25.84 22.84 -19.37
N GLN A 312 26.79 22.44 -18.53
CA GLN A 312 28.05 23.15 -18.38
C GLN A 312 29.19 22.16 -18.59
N VAL A 313 30.06 22.47 -19.55
CA VAL A 313 31.21 21.63 -19.84
C VAL A 313 32.27 21.84 -18.77
N LEU A 314 32.88 20.75 -18.34
CA LEU A 314 33.95 20.77 -17.34
C LEU A 314 35.12 19.96 -17.88
N ARG A 315 36.30 20.20 -17.33
CA ARG A 315 37.47 19.53 -17.89
C ARG A 315 38.58 19.43 -16.84
N SER A 316 39.50 18.52 -17.09
CA SER A 316 40.74 18.39 -16.34
C SER A 316 41.87 18.51 -17.35
N VAL A 317 42.64 19.60 -17.28
CA VAL A 317 43.74 19.82 -18.20
C VAL A 317 44.92 20.39 -17.45
N ASP A 318 46.11 20.12 -17.97
CA ASP A 318 47.36 20.65 -17.43
C ASP A 318 48.14 21.25 -18.59
N ARG A 319 49.16 22.04 -18.26
CA ARG A 319 49.97 22.62 -19.32
C ARG A 319 50.77 21.59 -20.09
N TRP A 320 50.86 20.34 -19.61
CA TRP A 320 51.43 19.28 -20.44
C TRP A 320 50.41 18.77 -21.44
N SER A 321 49.14 18.68 -21.03
CA SER A 321 48.09 18.15 -21.90
C SER A 321 47.58 19.23 -22.85
N ALA A 322 47.42 20.45 -22.34
CA ALA A 322 46.99 21.60 -23.13
C ALA A 322 47.96 22.73 -22.83
N GLY A 323 47.45 23.93 -22.56
CA GLY A 323 48.35 25.03 -22.26
C GLY A 323 48.08 25.69 -20.92
N THR A 324 47.04 25.23 -20.23
CA THR A 324 46.62 25.83 -18.98
C THR A 324 46.20 24.73 -18.01
N LEU A 325 45.99 25.15 -16.77
CA LEU A 325 45.57 24.25 -15.70
C LEU A 325 44.09 24.47 -15.40
N GLU A 326 43.38 23.35 -15.21
CA GLU A 326 41.96 23.39 -14.84
C GLU A 326 41.59 22.07 -14.18
N ASN A 327 40.75 22.16 -13.16
CA ASN A 327 40.17 20.99 -12.51
C ASN A 327 38.71 21.28 -12.16
N SER A 328 37.95 21.76 -13.14
CA SER A 328 36.55 22.11 -12.90
C SER A 328 35.70 20.87 -12.67
N ILE A 329 36.10 19.72 -13.21
CA ILE A 329 35.36 18.49 -12.95
C ILE A 329 35.37 18.18 -11.45
N LEU A 330 36.55 18.28 -10.84
CA LEU A 330 36.65 18.05 -9.40
C LEU A 330 35.84 19.07 -8.63
N ASN A 331 35.87 20.33 -9.07
CA ASN A 331 35.12 21.38 -8.38
C ASN A 331 33.62 21.11 -8.45
N ALA A 332 33.13 20.68 -9.61
CA ALA A 332 31.71 20.37 -9.74
C ALA A 332 31.32 19.15 -8.92
N TYR A 333 32.22 18.16 -8.80
CA TYR A 333 31.93 16.97 -8.00
C TYR A 333 31.73 17.36 -6.53
N LEU A 334 32.64 18.16 -5.98
CA LEU A 334 32.55 18.54 -4.57
C LEU A 334 31.32 19.39 -4.30
N HIS A 335 31.06 20.37 -5.17
CA HIS A 335 29.91 21.24 -4.97
C HIS A 335 28.60 20.46 -5.05
N THR A 336 28.49 19.57 -6.03
CA THR A 336 27.26 18.78 -6.18
C THR A 336 27.02 17.91 -4.96
N ILE A 337 28.09 17.37 -4.37
CA ILE A 337 27.93 16.57 -3.16
C ILE A 337 27.57 17.46 -1.99
N ARG A 338 28.20 18.63 -1.88
CA ARG A 338 27.92 19.52 -0.76
C ARG A 338 26.50 20.04 -0.80
N GLU A 339 25.98 20.33 -2.00
CA GLU A 339 24.65 20.91 -2.15
C GLU A 339 23.58 19.87 -2.39
N SER A 340 23.93 18.58 -2.38
CA SER A 340 22.91 17.54 -2.48
C SER A 340 22.00 17.62 -1.27
N GLN A 341 20.71 17.32 -1.49
CA GLN A 341 19.72 17.39 -0.42
C GLN A 341 19.12 16.05 -0.05
N HIS A 342 19.19 15.04 -0.92
CA HIS A 342 18.46 13.81 -0.66
C HIS A 342 19.29 12.55 -0.89
N PHE A 343 19.94 12.43 -2.05
CA PHE A 343 20.70 11.21 -2.31
C PHE A 343 21.78 11.46 -3.34
N LEU A 344 22.76 10.55 -3.35
CA LEU A 344 23.81 10.50 -4.35
C LEU A 344 23.82 9.11 -4.98
N TYR A 345 23.78 9.07 -6.31
CA TYR A 345 23.97 7.83 -7.05
C TYR A 345 25.27 7.94 -7.83
N ILE A 346 26.26 7.12 -7.47
CA ILE A 346 27.60 7.17 -8.05
C ILE A 346 27.86 5.86 -8.77
N GLU A 347 28.25 5.97 -10.05
CA GLU A 347 28.66 4.83 -10.86
C GLU A 347 30.01 5.19 -11.47
N ASN A 348 31.08 4.56 -10.98
CA ASN A 348 32.42 4.91 -11.41
C ASN A 348 33.29 3.66 -11.51
N GLN A 349 34.21 3.68 -12.47
CA GLN A 349 35.17 2.60 -12.62
C GLN A 349 36.10 2.52 -11.42
N PHE A 350 36.49 3.67 -10.88
CA PHE A 350 37.37 3.74 -9.72
C PHE A 350 36.74 4.60 -8.64
N PHE A 351 37.13 4.32 -7.38
CA PHE A 351 36.67 5.08 -6.22
C PHE A 351 37.85 5.15 -5.25
N ILE A 352 38.79 6.04 -5.56
CA ILE A 352 40.00 6.24 -4.78
C ILE A 352 40.04 7.69 -4.36
N SER A 353 39.86 7.94 -3.06
CA SER A 353 39.74 9.30 -2.57
C SER A 353 40.17 9.39 -1.11
N CYS A 354 39.46 10.20 -0.32
CA CYS A 354 39.75 10.37 1.10
C CYS A 354 41.20 10.85 1.26
N SER A 355 41.41 12.14 0.95
CA SER A 355 42.76 12.71 0.95
C SER A 355 43.42 12.33 2.27
N ASP A 356 44.46 11.50 2.18
CA ASP A 356 45.13 11.00 3.36
C ASP A 356 46.57 11.48 3.48
N GLY A 357 47.51 10.54 3.35
CA GLY A 357 48.91 10.82 3.59
C GLY A 357 49.73 11.07 2.36
N ARG A 358 49.61 12.27 1.78
CA ARG A 358 50.47 12.74 0.69
C ARG A 358 50.50 11.76 -0.48
N THR A 359 49.49 10.89 -0.57
CA THR A 359 49.38 9.91 -1.64
C THR A 359 48.08 10.09 -2.41
N VAL A 360 46.96 10.15 -1.70
CA VAL A 360 45.67 10.49 -2.30
C VAL A 360 45.32 11.89 -1.83
N LEU A 361 44.88 12.74 -2.76
CA LEU A 361 44.72 14.16 -2.48
C LEU A 361 43.32 14.69 -2.71
N ASN A 362 42.52 14.07 -3.57
CA ASN A 362 41.20 14.62 -3.84
C ASN A 362 40.27 14.38 -2.66
N LYS A 363 39.33 15.29 -2.47
CA LYS A 363 38.48 15.31 -1.29
C LYS A 363 37.05 14.87 -1.59
N VAL A 364 36.86 14.02 -2.60
CA VAL A 364 35.51 13.55 -2.92
C VAL A 364 34.99 12.66 -1.80
N GLY A 365 35.84 11.79 -1.26
CA GLY A 365 35.42 10.92 -0.17
C GLY A 365 35.10 11.70 1.09
N ASP A 366 35.86 12.77 1.37
CA ASP A 366 35.61 13.59 2.55
C ASP A 366 34.28 14.32 2.46
N GLU A 367 33.95 14.84 1.27
CA GLU A 367 32.67 15.54 1.11
C GLU A 367 31.50 14.60 1.29
N ILE A 368 31.64 13.35 0.86
CA ILE A 368 30.60 12.35 1.08
C ILE A 368 30.43 12.09 2.57
N VAL A 369 31.54 11.94 3.29
CA VAL A 369 31.48 11.70 4.73
C VAL A 369 30.84 12.89 5.42
N ASP A 370 31.28 14.11 5.08
CA ASP A 370 30.73 15.31 5.70
C ASP A 370 29.23 15.43 5.43
N ARG A 371 28.80 15.08 4.22
CA ARG A 371 27.37 15.16 3.90
C ARG A 371 26.57 14.10 4.65
N ILE A 372 27.11 12.88 4.77
CA ILE A 372 26.41 11.83 5.51
C ILE A 372 26.34 12.19 7.00
N LEU A 373 27.44 12.69 7.56
CA LEU A 373 27.42 13.10 8.96
C LEU A 373 26.46 14.26 9.18
N LYS A 374 26.37 15.17 8.20
CA LYS A 374 25.43 16.28 8.31
C LYS A 374 23.99 15.79 8.27
N ALA A 375 23.71 14.83 7.38
CA ALA A 375 22.38 14.25 7.32
C ALA A 375 22.07 13.46 8.58
N HIS A 376 23.05 12.72 9.10
CA HIS A 376 22.86 11.96 10.33
C HIS A 376 22.63 12.88 11.52
N LYS A 377 23.38 13.99 11.60
CA LYS A 377 23.19 14.94 12.69
C LYS A 377 21.80 15.55 12.64
N GLN A 378 21.38 16.01 11.46
CA GLN A 378 20.04 16.54 11.27
C GLN A 378 18.98 15.45 11.21
N GLY A 379 19.38 14.18 11.20
CA GLY A 379 18.44 13.07 11.19
C GLY A 379 17.55 13.02 9.97
N TRP A 380 18.02 13.52 8.84
CA TRP A 380 17.23 13.52 7.62
C TRP A 380 17.54 12.27 6.79
N CYS A 381 16.66 11.98 5.84
CA CYS A 381 16.78 10.78 5.01
C CYS A 381 17.72 11.06 3.85
N TYR A 382 18.90 10.44 3.88
CA TYR A 382 19.94 10.63 2.87
C TYR A 382 20.57 9.29 2.53
N ARG A 383 20.75 9.03 1.25
CA ARG A 383 21.33 7.78 0.77
C ARG A 383 22.47 8.07 -0.21
N VAL A 384 23.46 7.18 -0.21
CA VAL A 384 24.57 7.25 -1.16
C VAL A 384 24.73 5.87 -1.77
N TYR A 385 24.47 5.75 -3.07
CA TYR A 385 24.65 4.51 -3.81
C TYR A 385 25.99 4.60 -4.55
N VAL A 386 26.89 3.67 -4.25
CA VAL A 386 28.19 3.61 -4.91
C VAL A 386 28.25 2.29 -5.66
N LEU A 387 28.38 2.36 -6.98
CA LEU A 387 28.45 1.20 -7.86
C LEU A 387 29.83 1.13 -8.49
N LEU A 388 30.54 0.04 -8.24
CA LEU A 388 31.89 -0.15 -8.73
C LEU A 388 32.03 -1.53 -9.37
N PRO A 389 32.97 -1.69 -10.30
CA PRO A 389 33.27 -3.04 -10.80
C PRO A 389 33.83 -3.90 -9.69
N LEU A 390 33.45 -5.18 -9.69
CA LEU A 390 33.91 -6.09 -8.64
C LEU A 390 35.42 -6.22 -8.64
N LEU A 391 36.05 -6.08 -9.80
CA LEU A 391 37.50 -6.12 -9.95
C LEU A 391 37.93 -5.02 -10.91
N PRO A 392 39.16 -4.50 -10.74
CA PRO A 392 39.68 -3.55 -11.74
C PRO A 392 39.95 -4.24 -13.06
N GLY A 393 39.76 -3.49 -14.14
CA GLY A 393 39.85 -4.04 -15.47
C GLY A 393 41.27 -4.25 -15.96
N PHE A 394 41.99 -5.18 -15.33
CA PHE A 394 43.36 -5.51 -15.71
C PHE A 394 43.49 -7.02 -15.84
N GLU A 395 44.40 -7.45 -16.70
CA GLU A 395 44.66 -8.87 -16.85
C GLU A 395 45.35 -9.41 -15.60
N GLY A 396 44.74 -10.40 -14.96
CA GLY A 396 45.34 -11.02 -13.81
C GLY A 396 44.59 -12.28 -13.44
N ASP A 397 45.29 -13.16 -12.72
CA ASP A 397 44.70 -14.43 -12.29
C ASP A 397 44.15 -14.21 -10.89
N ILE A 398 42.83 -14.02 -10.80
CA ILE A 398 42.18 -13.77 -9.52
C ILE A 398 42.30 -14.99 -8.59
N SER A 399 42.37 -16.20 -9.17
CA SER A 399 42.50 -17.40 -8.33
C SER A 399 43.81 -17.41 -7.56
N THR A 400 44.79 -16.60 -7.98
CA THR A 400 46.05 -16.41 -7.25
C THR A 400 46.06 -15.14 -6.43
N GLY A 401 44.99 -14.35 -6.50
CA GLY A 401 44.93 -13.07 -5.83
C GLY A 401 45.08 -11.86 -6.73
N GLY A 402 45.16 -12.07 -8.04
CA GLY A 402 45.31 -10.97 -8.98
C GLY A 402 46.75 -10.56 -9.15
N GLY A 403 46.98 -9.76 -10.19
CA GLY A 403 48.30 -9.25 -10.47
C GLY A 403 48.62 -8.04 -9.61
N ASN A 404 49.73 -7.39 -9.97
CA ASN A 404 50.15 -6.19 -9.25
C ASN A 404 49.13 -5.06 -9.43
N SER A 405 48.61 -4.89 -10.65
CA SER A 405 47.64 -3.83 -10.91
C SER A 405 46.36 -4.05 -10.12
N ILE A 406 45.84 -5.28 -10.14
CA ILE A 406 44.61 -5.59 -9.41
C ILE A 406 44.80 -5.31 -7.92
N GLN A 407 45.95 -5.71 -7.38
CA GLN A 407 46.19 -5.54 -5.95
C GLN A 407 46.38 -4.06 -5.59
N ALA A 408 47.12 -3.33 -6.43
CA ALA A 408 47.38 -1.91 -6.14
C ALA A 408 46.07 -1.11 -6.13
N ILE A 409 45.19 -1.36 -7.10
CA ILE A 409 43.94 -0.61 -7.15
C ILE A 409 43.03 -1.00 -5.99
N LEU A 410 42.98 -2.30 -5.66
CA LEU A 410 42.17 -2.73 -4.53
C LEU A 410 42.67 -2.16 -3.22
N HIS A 411 43.98 -1.96 -3.09
CA HIS A 411 44.53 -1.38 -1.87
C HIS A 411 43.99 0.03 -1.64
N PHE A 412 44.12 0.90 -2.63
CA PHE A 412 43.65 2.26 -2.48
C PHE A 412 42.13 2.35 -2.46
N THR A 413 41.46 1.40 -3.12
CA THR A 413 40.00 1.36 -3.05
C THR A 413 39.52 0.99 -1.64
N TYR A 414 40.09 -0.08 -1.06
CA TYR A 414 39.72 -0.47 0.29
C TYR A 414 40.18 0.55 1.33
N ARG A 415 41.33 1.18 1.10
CA ARG A 415 41.76 2.27 1.98
C ARG A 415 40.79 3.44 1.94
N THR A 416 40.08 3.60 0.82
CA THR A 416 39.10 4.67 0.70
C THR A 416 37.80 4.35 1.42
N LEU A 417 37.36 3.10 1.37
CA LEU A 417 36.03 2.74 1.83
C LEU A 417 35.99 2.34 3.31
N CYS A 418 36.74 1.30 3.69
CA CYS A 418 36.56 0.75 5.02
C CYS A 418 37.84 0.42 5.79
N ARG A 419 39.02 0.55 5.20
CA ARG A 419 40.26 0.15 5.86
C ARG A 419 41.13 1.37 6.13
N GLY A 420 41.57 1.51 7.38
CA GLY A 420 42.33 2.67 7.82
C GLY A 420 41.44 3.70 8.49
N GLU A 421 42.10 4.70 9.09
CA GLU A 421 41.38 5.76 9.79
C GLU A 421 40.86 6.84 8.85
N TYR A 422 41.32 6.88 7.61
CA TYR A 422 40.80 7.81 6.61
C TYR A 422 39.59 7.26 5.87
N SER A 423 39.34 5.96 5.96
CA SER A 423 38.28 5.36 5.15
C SER A 423 36.92 5.92 5.54
N ILE A 424 36.00 5.87 4.57
CA ILE A 424 34.66 6.42 4.78
C ILE A 424 33.95 5.71 5.92
N LEU A 425 34.01 4.37 5.92
CA LEU A 425 33.24 3.60 6.89
C LEU A 425 33.79 3.72 8.30
N HIS A 426 35.13 3.75 8.44
CA HIS A 426 35.72 3.91 9.76
C HIS A 426 35.32 5.25 10.39
N ARG A 427 35.31 6.31 9.59
CA ARG A 427 34.88 7.61 10.08
C ARG A 427 33.40 7.62 10.38
N LEU A 428 32.61 6.92 9.58
CA LEU A 428 31.17 6.85 9.81
C LEU A 428 30.84 6.01 11.04
N LYS A 429 31.49 4.86 11.21
CA LYS A 429 31.22 4.04 12.39
C LYS A 429 31.57 4.79 13.68
N ALA A 430 32.60 5.63 13.64
CA ALA A 430 33.00 6.36 14.84
C ALA A 430 31.89 7.30 15.31
N ALA A 431 31.13 7.86 14.37
CA ALA A 431 30.10 8.84 14.69
C ALA A 431 28.70 8.25 14.84
N MET A 432 28.39 7.17 14.11
CA MET A 432 27.03 6.63 14.15
C MET A 432 26.97 5.11 14.36
N GLY A 433 28.11 4.42 14.46
CA GLY A 433 28.08 2.99 14.72
C GLY A 433 27.51 2.21 13.56
N THR A 434 26.63 1.25 13.85
CA THR A 434 26.04 0.42 12.81
C THR A 434 25.08 1.19 11.92
N ALA A 435 24.74 2.43 12.27
CA ALA A 435 23.78 3.19 11.49
C ALA A 435 24.31 3.59 10.12
N TRP A 436 25.58 3.34 9.83
CA TRP A 436 26.12 3.72 8.53
C TRP A 436 25.45 2.95 7.41
N ARG A 437 24.95 1.75 7.68
CA ARG A 437 24.25 0.96 6.66
C ARG A 437 23.03 1.66 6.13
N ASP A 438 22.53 2.68 6.82
CA ASP A 438 21.33 3.40 6.40
C ASP A 438 21.63 4.54 5.43
N TYR A 439 22.90 4.93 5.29
CA TYR A 439 23.26 6.08 4.47
C TYR A 439 24.11 5.75 3.26
N ILE A 440 24.80 4.62 3.23
CA ILE A 440 25.71 4.31 2.13
C ILE A 440 25.58 2.84 1.78
N SER A 441 25.60 2.55 0.49
CA SER A 441 25.53 1.19 -0.03
C SER A 441 26.56 1.06 -1.15
N ILE A 442 27.48 0.10 -1.01
CA ILE A 442 28.52 -0.13 -2.01
C ILE A 442 28.27 -1.49 -2.65
N CYS A 443 28.08 -1.49 -3.96
CA CYS A 443 27.68 -2.68 -4.68
C CYS A 443 28.45 -2.80 -5.99
N GLY A 444 28.30 -3.95 -6.62
CA GLY A 444 28.85 -4.21 -7.94
C GLY A 444 27.82 -4.89 -8.80
N LEU A 445 28.19 -5.30 -10.00
CA LEU A 445 27.25 -5.94 -10.91
C LEU A 445 27.83 -7.26 -11.39
N ARG A 446 26.97 -8.27 -11.50
CA ARG A 446 27.37 -9.58 -11.98
C ARG A 446 26.17 -10.20 -12.69
N THR A 447 26.47 -11.04 -13.68
CA THR A 447 25.45 -11.76 -14.43
C THR A 447 25.93 -13.19 -14.63
N HIS A 448 25.03 -14.04 -15.12
CA HIS A 448 25.37 -15.42 -15.38
C HIS A 448 24.76 -15.85 -16.71
N GLY A 449 25.36 -16.90 -17.29
CA GLY A 449 24.90 -17.46 -18.54
C GLY A 449 25.20 -18.94 -18.65
N GLU A 450 25.22 -19.45 -19.88
CA GLU A 450 25.51 -20.86 -20.13
C GLU A 450 26.61 -20.96 -21.17
N LEU A 451 27.64 -21.76 -20.86
CA LEU A 451 28.75 -21.97 -21.78
C LEU A 451 29.34 -23.35 -21.52
N GLY A 452 29.40 -24.17 -22.55
CA GLY A 452 29.95 -25.51 -22.39
C GLY A 452 29.02 -26.47 -21.69
N GLY A 453 27.71 -26.22 -21.71
CA GLY A 453 26.75 -27.09 -21.09
C GLY A 453 26.49 -26.87 -19.61
N HIS A 454 27.06 -25.83 -19.02
CA HIS A 454 26.93 -25.57 -17.60
C HIS A 454 26.84 -24.07 -17.37
N PRO A 455 26.32 -23.64 -16.23
CA PRO A 455 26.25 -22.20 -15.94
C PRO A 455 27.64 -21.59 -15.83
N VAL A 456 27.78 -20.36 -16.33
CA VAL A 456 28.99 -19.57 -16.20
C VAL A 456 28.61 -18.21 -15.64
N SER A 457 29.56 -17.58 -14.96
CA SER A 457 29.35 -16.29 -14.33
C SER A 457 30.51 -15.36 -14.67
N GLU A 458 30.20 -14.07 -14.74
CA GLU A 458 31.22 -13.05 -14.96
C GLU A 458 30.68 -11.72 -14.45
N LEU A 459 31.58 -10.89 -13.95
CA LEU A 459 31.19 -9.56 -13.53
C LEU A 459 30.89 -8.68 -14.74
N ILE A 460 30.00 -7.72 -14.55
CA ILE A 460 29.72 -6.69 -15.55
C ILE A 460 30.61 -5.50 -15.24
N TYR A 461 31.47 -5.13 -16.18
CA TYR A 461 32.48 -4.10 -15.92
C TYR A 461 31.85 -2.73 -15.96
N ILE A 462 31.81 -2.07 -14.80
CA ILE A 462 31.25 -0.72 -14.68
C ILE A 462 32.36 0.25 -15.08
N HIS A 463 32.34 0.69 -16.34
CA HIS A 463 33.26 1.70 -16.82
C HIS A 463 32.63 3.09 -16.82
N SER A 464 31.41 3.21 -16.31
CA SER A 464 30.73 4.50 -16.27
C SER A 464 31.49 5.47 -15.38
N LYS A 465 31.27 6.76 -15.62
CA LYS A 465 31.79 7.84 -14.80
C LYS A 465 30.64 8.84 -14.66
N VAL A 466 29.64 8.48 -13.87
CA VAL A 466 28.42 9.25 -13.76
C VAL A 466 28.08 9.46 -12.29
N LEU A 467 27.56 10.64 -11.98
CA LEU A 467 27.04 10.97 -10.66
C LEU A 467 25.65 11.55 -10.83
N ILE A 468 24.70 11.09 -10.03
CA ILE A 468 23.33 11.62 -10.03
C ILE A 468 23.03 12.11 -8.63
N ALA A 469 22.40 13.29 -8.55
CA ALA A 469 22.09 13.92 -7.26
C ALA A 469 20.65 14.37 -7.27
N ASP A 470 19.87 13.90 -6.28
CA ASP A 470 18.53 14.40 -5.99
C ASP A 470 17.58 14.32 -7.19
N ASP A 471 17.89 13.46 -8.16
CA ASP A 471 17.08 13.31 -9.37
C ASP A 471 16.97 14.61 -10.16
N ARG A 472 17.94 15.52 -9.99
CA ARG A 472 17.88 16.81 -10.68
C ARG A 472 19.20 17.15 -11.37
N THR A 473 20.31 16.64 -10.84
CA THR A 473 21.64 17.02 -11.32
C THR A 473 22.43 15.76 -11.67
N VAL A 474 23.11 15.80 -12.80
CA VAL A 474 23.90 14.67 -13.29
C VAL A 474 25.24 15.18 -13.81
N ILE A 475 26.29 14.39 -13.59
CA ILE A 475 27.61 14.63 -14.16
C ILE A 475 27.98 13.39 -14.97
N ILE A 476 28.27 13.57 -16.26
CA ILE A 476 28.69 12.49 -17.14
C ILE A 476 30.00 12.88 -17.81
N GLY A 477 30.96 11.97 -17.83
CA GLY A 477 32.24 12.25 -18.45
C GLY A 477 33.15 11.05 -18.42
N SER A 478 34.44 11.31 -18.65
CA SER A 478 35.46 10.28 -18.64
C SER A 478 36.26 10.23 -17.35
N ALA A 479 35.98 11.14 -16.41
CA ALA A 479 36.81 11.30 -15.22
C ALA A 479 36.44 10.25 -14.18
N ASN A 480 37.43 9.45 -13.78
CA ASN A 480 37.26 8.53 -12.67
C ASN A 480 37.40 9.26 -11.35
N ILE A 481 36.86 8.65 -10.29
CA ILE A 481 37.01 9.21 -8.95
C ILE A 481 38.35 8.78 -8.40
N ASN A 482 39.41 9.48 -8.82
CA ASN A 482 40.76 9.25 -8.33
C ASN A 482 41.56 10.51 -8.60
N ASP A 483 42.81 10.53 -8.09
CA ASP A 483 43.66 11.69 -8.33
C ASP A 483 44.04 11.83 -9.80
N ARG A 484 44.19 10.71 -10.51
CA ARG A 484 44.65 10.77 -11.89
C ARG A 484 43.68 11.56 -12.77
N SER A 485 42.37 11.43 -12.52
CA SER A 485 41.37 12.09 -13.34
C SER A 485 40.98 13.46 -12.81
N LEU A 486 40.85 13.61 -11.49
CA LEU A 486 40.24 14.78 -10.90
C LEU A 486 41.20 15.93 -10.66
N LEU A 487 42.49 15.66 -10.48
CA LEU A 487 43.43 16.72 -10.13
C LEU A 487 43.69 17.69 -11.27
N GLY A 488 43.61 17.22 -12.51
CA GLY A 488 43.87 18.06 -13.67
C GLY A 488 45.34 18.11 -14.04
N LYS A 489 46.23 18.07 -13.05
CA LYS A 489 47.66 18.08 -13.32
C LYS A 489 48.14 16.82 -14.02
N ARG A 490 47.33 15.77 -14.06
CA ARG A 490 47.75 14.49 -14.61
C ARG A 490 47.03 14.19 -15.92
N ASP A 491 46.17 13.18 -15.92
CA ASP A 491 45.40 12.85 -17.12
C ASP A 491 44.46 13.99 -17.48
N SER A 492 44.24 14.15 -18.78
CA SER A 492 43.26 15.11 -19.27
C SER A 492 41.90 14.41 -19.39
N GLU A 493 40.86 15.07 -18.89
CA GLU A 493 39.52 14.49 -18.85
C GLU A 493 38.49 15.54 -19.27
N LEU A 494 37.32 15.06 -19.65
CA LEU A 494 36.19 15.92 -19.99
C LEU A 494 34.96 15.44 -19.24
N ALA A 495 34.03 16.37 -19.00
CA ALA A 495 32.77 16.06 -18.36
C ALA A 495 31.79 17.18 -18.66
N VAL A 496 30.51 16.90 -18.40
CA VAL A 496 29.46 17.91 -18.48
C VAL A 496 28.61 17.84 -17.22
N LEU A 497 28.22 19.01 -16.71
CA LEU A 497 27.29 19.13 -15.60
C LEU A 497 25.92 19.44 -16.17
N ILE A 498 24.96 18.55 -15.93
CA ILE A 498 23.63 18.65 -16.52
C ILE A 498 22.62 18.91 -15.41
N GLU A 499 22.00 20.09 -15.44
CA GLU A 499 20.99 20.48 -14.48
C GLU A 499 19.65 20.58 -15.17
N ASP A 500 18.63 20.03 -14.53
CA ASP A 500 17.29 19.99 -15.10
C ASP A 500 16.53 21.27 -14.81
N THR A 501 15.85 21.79 -15.83
CA THR A 501 14.93 22.91 -15.66
C THR A 501 13.47 22.50 -15.82
N GLU A 502 13.20 21.28 -16.26
CA GLU A 502 11.85 20.77 -16.44
C GLU A 502 11.69 19.53 -15.59
N THR A 503 10.53 19.38 -14.95
CA THR A 503 10.33 18.39 -13.92
C THR A 503 9.15 17.48 -14.23
N GLU A 504 9.03 16.40 -13.44
CA GLU A 504 7.95 15.43 -13.45
C GLU A 504 7.49 15.17 -12.03
N PRO A 505 6.24 14.76 -11.84
CA PRO A 505 5.81 14.32 -10.50
C PRO A 505 6.54 13.04 -10.12
N SER A 506 7.14 13.04 -8.94
CA SER A 506 7.89 11.88 -8.46
C SER A 506 7.74 11.84 -6.94
N LEU A 507 8.56 11.01 -6.30
CA LEU A 507 8.53 10.86 -4.85
C LEU A 507 9.93 11.02 -4.28
N MET A 508 9.97 11.49 -3.03
CA MET A 508 11.23 11.62 -2.30
C MET A 508 10.90 11.38 -0.84
N ASN A 509 11.29 10.21 -0.33
CA ASN A 509 10.94 9.78 1.02
C ASN A 509 9.44 9.88 1.25
N GLY A 510 8.67 9.39 0.28
CA GLY A 510 7.23 9.35 0.36
C GLY A 510 6.50 10.67 0.17
N ALA A 511 7.23 11.75 -0.12
CA ALA A 511 6.63 13.06 -0.31
C ALA A 511 6.63 13.44 -1.78
N GLU A 512 5.69 14.31 -2.15
CA GLU A 512 5.59 14.77 -3.52
C GLU A 512 6.86 15.54 -3.91
N TYR A 513 7.44 15.18 -5.04
CA TYR A 513 8.72 15.72 -5.44
C TYR A 513 8.71 15.97 -6.94
N GLN A 514 9.18 17.14 -7.35
CA GLN A 514 9.29 17.49 -8.76
C GLN A 514 10.72 17.16 -9.17
N ALA A 515 10.90 16.03 -9.83
CA ALA A 515 12.22 15.55 -10.23
C ALA A 515 12.50 15.94 -11.67
N GLY A 516 13.77 16.22 -11.95
CA GLY A 516 14.15 16.63 -13.29
C GLY A 516 14.04 15.49 -14.28
N ARG A 517 13.60 15.83 -15.51
CA ARG A 517 13.30 14.82 -16.50
C ARG A 517 14.55 14.07 -16.96
N PHE A 518 15.63 14.81 -17.23
CA PHE A 518 16.87 14.17 -17.66
C PHE A 518 17.40 13.24 -16.58
N ALA A 519 17.51 13.75 -15.35
CA ALA A 519 18.13 12.98 -14.28
C ALA A 519 17.25 11.81 -13.84
N LEU A 520 15.94 12.04 -13.70
CA LEU A 520 15.06 10.98 -13.21
C LEU A 520 15.00 9.83 -14.20
N SER A 521 14.89 10.13 -15.49
CA SER A 521 14.85 9.07 -16.50
C SER A 521 16.13 8.26 -16.49
N LEU A 522 17.27 8.94 -16.33
CA LEU A 522 18.55 8.23 -16.29
C LEU A 522 18.66 7.37 -15.03
N ARG A 523 18.29 7.92 -13.88
CA ARG A 523 18.41 7.17 -12.64
C ARG A 523 17.47 5.97 -12.63
N LYS A 524 16.25 6.14 -13.12
CA LYS A 524 15.30 5.03 -13.17
C LYS A 524 15.78 3.91 -14.10
N HIS A 525 16.33 4.29 -15.26
CA HIS A 525 16.85 3.30 -16.18
C HIS A 525 18.02 2.53 -15.56
N CYS A 526 18.87 3.23 -14.79
CA CYS A 526 19.96 2.56 -14.09
C CYS A 526 19.41 1.60 -13.04
N PHE A 527 18.43 2.05 -12.26
CA PHE A 527 17.85 1.18 -11.24
C PHE A 527 17.16 -0.03 -11.88
N GLY A 528 16.41 0.20 -12.96
CA GLY A 528 15.61 -0.87 -13.55
C GLY A 528 16.47 -1.98 -14.13
N VAL A 529 17.52 -1.61 -14.87
CA VAL A 529 18.39 -2.61 -15.47
C VAL A 529 19.15 -3.36 -14.39
N ILE A 530 19.60 -2.64 -13.35
CA ILE A 530 20.38 -3.27 -12.29
C ILE A 530 19.52 -4.24 -11.49
N LEU A 531 18.28 -3.88 -11.20
CA LEU A 531 17.38 -4.68 -10.39
C LEU A 531 16.54 -5.65 -11.21
N GLY A 532 16.66 -5.65 -12.53
CA GLY A 532 15.85 -6.52 -13.37
C GLY A 532 14.36 -6.22 -13.30
N ALA A 533 14.00 -4.94 -13.38
CA ALA A 533 12.60 -4.53 -13.26
C ALA A 533 11.73 -5.03 -14.41
N ASN A 534 12.32 -5.41 -15.54
CA ASN A 534 11.52 -5.95 -16.64
C ASN A 534 10.78 -7.22 -16.22
N THR A 535 11.41 -8.04 -15.38
CA THR A 535 10.77 -9.26 -14.91
C THR A 535 10.04 -9.06 -13.58
N ARG A 536 10.17 -7.89 -12.96
CA ARG A 536 9.54 -7.59 -11.67
C ARG A 536 8.90 -6.22 -11.78
N PRO A 537 7.75 -6.12 -12.46
CA PRO A 537 7.08 -4.81 -12.61
C PRO A 537 6.45 -4.30 -11.33
N ASP A 538 6.32 -5.14 -10.31
CA ASP A 538 5.74 -4.70 -9.04
C ASP A 538 6.66 -3.73 -8.30
N LEU A 539 7.94 -3.69 -8.67
CA LEU A 539 8.89 -2.84 -7.98
C LEU A 539 8.67 -1.38 -8.35
N ASP A 540 8.59 -0.52 -7.34
CA ASP A 540 8.37 0.91 -7.52
C ASP A 540 9.70 1.65 -7.44
N LEU A 541 10.09 2.31 -8.53
CA LEU A 541 11.33 3.05 -8.61
C LEU A 541 11.13 4.56 -8.53
N ARG A 542 9.94 5.02 -8.12
CA ARG A 542 9.71 6.46 -8.04
C ARG A 542 10.52 7.08 -6.92
N ASP A 543 10.56 6.44 -5.74
CA ASP A 543 11.21 7.01 -4.58
C ASP A 543 12.58 6.38 -4.41
N PRO A 544 13.67 7.14 -4.47
CA PRO A 544 15.01 6.55 -4.37
C PRO A 544 15.60 6.53 -2.96
N ILE A 545 14.92 7.08 -1.96
CA ILE A 545 15.54 7.20 -0.64
C ILE A 545 14.67 6.62 0.46
N CYS A 546 13.42 6.28 0.16
CA CYS A 546 12.53 5.78 1.21
C CYS A 546 13.03 4.43 1.71
N ASP A 547 12.71 4.13 2.98
CA ASP A 547 13.30 2.98 3.65
C ASP A 547 12.86 1.66 3.00
N ASP A 548 11.62 1.59 2.52
CA ASP A 548 11.14 0.35 1.93
C ASP A 548 11.95 -0.01 0.69
N PHE A 549 12.27 0.98 -0.15
CA PHE A 549 13.08 0.72 -1.33
C PHE A 549 14.53 0.42 -0.96
N PHE A 550 15.08 1.18 -0.01
CA PHE A 550 16.48 1.00 0.37
C PHE A 550 16.73 -0.40 0.90
N GLN A 551 15.83 -0.92 1.72
CA GLN A 551 15.99 -2.29 2.22
C GLN A 551 15.86 -3.31 1.09
N LEU A 552 14.94 -3.08 0.15
CA LEU A 552 14.86 -3.95 -1.02
C LEU A 552 16.15 -3.88 -1.83
N TRP A 553 16.75 -2.70 -1.93
CA TRP A 553 18.04 -2.56 -2.59
C TRP A 553 19.10 -3.36 -1.86
N GLN A 554 19.14 -3.24 -0.53
CA GLN A 554 20.16 -3.95 0.24
C GLN A 554 19.89 -5.46 0.24
N ASP A 555 18.61 -5.86 0.34
CA ASP A 555 18.28 -7.29 0.38
C ASP A 555 18.62 -7.98 -0.94
N MET A 556 18.30 -7.35 -2.07
CA MET A 556 18.59 -7.98 -3.35
C MET A 556 20.09 -8.10 -3.59
N ALA A 557 20.84 -7.05 -3.24
CA ALA A 557 22.30 -7.11 -3.39
C ALA A 557 22.91 -8.17 -2.50
N GLU A 558 22.43 -8.29 -1.26
CA GLU A 558 22.93 -9.32 -0.36
C GLU A 558 22.53 -10.71 -0.85
N SER A 559 21.26 -10.88 -1.25
CA SER A 559 20.78 -12.17 -1.69
C SER A 559 21.51 -12.64 -2.94
N ASN A 560 21.64 -11.77 -3.94
CA ASN A 560 22.29 -12.16 -5.18
C ASN A 560 23.75 -12.55 -4.94
N ALA A 561 24.46 -11.77 -4.13
CA ALA A 561 25.84 -12.10 -3.82
C ALA A 561 25.95 -13.45 -3.12
N ASN A 562 24.94 -13.81 -2.33
CA ASN A 562 24.94 -15.11 -1.67
C ASN A 562 24.75 -16.24 -2.66
N ILE A 563 23.86 -16.07 -3.63
CA ILE A 563 23.63 -17.13 -4.60
C ILE A 563 24.83 -17.31 -5.52
N TYR A 564 25.44 -16.21 -5.97
CA TYR A 564 26.59 -16.33 -6.86
C TYR A 564 27.77 -16.98 -6.15
N GLU A 565 28.01 -16.61 -4.90
CA GLU A 565 29.05 -17.28 -4.12
C GLU A 565 28.76 -18.77 -3.98
N GLN A 566 27.56 -19.12 -3.53
CA GLN A 566 27.24 -20.52 -3.28
C GLN A 566 27.30 -21.34 -4.57
N ILE A 567 26.86 -20.77 -5.69
CA ILE A 567 26.79 -21.51 -6.95
C ILE A 567 28.13 -21.51 -7.67
N PHE A 568 28.77 -20.34 -7.78
CA PHE A 568 29.96 -20.23 -8.61
C PHE A 568 31.26 -20.16 -7.82
N ARG A 569 31.20 -19.85 -6.53
CA ARG A 569 32.41 -19.61 -5.73
C ARG A 569 33.32 -18.60 -6.42
N CYS A 570 32.70 -17.56 -6.99
CA CYS A 570 33.42 -16.56 -7.74
C CYS A 570 34.09 -15.56 -6.80
N LEU A 571 35.13 -14.90 -7.32
CA LEU A 571 35.85 -13.90 -6.58
C LEU A 571 35.71 -12.55 -7.27
N PRO A 572 35.78 -11.44 -6.52
CA PRO A 572 36.06 -11.33 -5.08
C PRO A 572 34.88 -11.74 -4.21
N SER A 573 35.18 -12.09 -2.96
CA SER A 573 34.16 -12.58 -2.02
C SER A 573 34.65 -12.32 -0.61
N ASN A 574 33.69 -12.26 0.31
CA ASN A 574 34.01 -12.14 1.73
C ASN A 574 34.47 -13.46 2.35
N ALA A 575 34.45 -14.56 1.59
CA ALA A 575 34.82 -15.86 2.13
C ALA A 575 36.33 -16.04 2.22
N THR A 576 37.11 -15.28 1.46
CA THR A 576 38.56 -15.40 1.43
C THR A 576 39.17 -14.10 1.91
N ARG A 577 39.45 -14.03 3.22
CA ARG A 577 40.05 -12.84 3.82
C ARG A 577 41.56 -12.86 3.84
N SER A 578 42.19 -13.92 3.33
CA SER A 578 43.64 -13.98 3.26
C SER A 578 44.04 -14.75 2.00
N LEU A 579 45.28 -14.57 1.58
CA LEU A 579 45.78 -15.30 0.43
C LEU A 579 45.93 -16.79 0.72
N ARG A 580 46.06 -17.15 2.00
CA ARG A 580 46.14 -18.56 2.35
C ARG A 580 44.78 -19.24 2.24
N THR A 581 43.74 -18.60 2.78
CA THR A 581 42.39 -19.10 2.58
C THR A 581 42.01 -19.10 1.11
N LEU A 582 42.55 -18.15 0.33
CA LEU A 582 42.24 -18.10 -1.09
C LEU A 582 42.79 -19.32 -1.82
N ARG A 583 44.03 -19.73 -1.48
CA ARG A 583 44.62 -20.90 -2.12
C ARG A 583 43.84 -22.18 -1.84
N GLU A 584 43.27 -22.30 -0.64
CA GLU A 584 42.44 -23.47 -0.36
C GLU A 584 41.05 -23.31 -0.96
N TYR A 585 40.55 -22.07 -1.04
CA TYR A 585 39.19 -21.83 -1.51
C TYR A 585 39.03 -22.23 -2.96
N VAL A 586 39.99 -21.83 -3.82
CA VAL A 586 39.88 -22.09 -5.25
C VAL A 586 40.18 -23.53 -5.61
N ALA A 587 40.59 -24.36 -4.65
CA ALA A 587 40.86 -25.76 -4.93
C ALA A 587 39.60 -26.58 -5.12
N VAL A 588 38.46 -26.10 -4.60
CA VAL A 588 37.20 -26.81 -4.65
C VAL A 588 36.48 -26.49 -5.95
N GLU A 589 35.83 -27.49 -6.53
CA GLU A 589 35.09 -27.30 -7.76
C GLU A 589 33.71 -26.72 -7.46
N PRO A 590 33.29 -25.66 -8.16
CA PRO A 590 31.99 -25.05 -7.86
C PRO A 590 30.82 -25.87 -8.35
N LEU A 591 29.68 -25.67 -7.69
CA LEU A 591 28.45 -26.40 -8.02
C LEU A 591 28.00 -26.16 -9.45
N ALA A 592 28.41 -25.05 -10.06
CA ALA A 592 28.00 -24.76 -11.43
C ALA A 592 28.45 -25.86 -12.39
N THR A 593 29.65 -26.38 -12.18
CA THR A 593 30.17 -27.48 -13.00
C THR A 593 29.93 -28.85 -12.38
N VAL A 594 29.80 -28.92 -11.06
CA VAL A 594 29.54 -30.20 -10.40
C VAL A 594 28.20 -30.76 -10.83
N SER A 595 27.14 -29.96 -10.66
CA SER A 595 25.78 -30.38 -11.00
C SER A 595 25.09 -29.19 -11.66
N PRO A 596 25.27 -29.02 -12.97
CA PRO A 596 24.64 -27.88 -13.67
C PRO A 596 23.13 -27.84 -13.49
N PRO A 597 22.42 -28.98 -13.49
CA PRO A 597 20.98 -28.92 -13.18
C PRO A 597 20.71 -28.28 -11.83
N LEU A 598 21.45 -28.67 -10.80
CA LEU A 598 21.23 -28.10 -9.48
C LEU A 598 21.68 -26.65 -9.43
N ALA A 599 22.68 -26.29 -10.23
CA ALA A 599 23.10 -24.89 -10.30
C ALA A 599 22.02 -24.02 -10.91
N ARG A 600 21.43 -24.45 -12.03
CA ARG A 600 20.41 -23.65 -12.69
C ARG A 600 19.17 -23.48 -11.83
N SER A 601 18.83 -24.50 -11.04
CA SER A 601 17.65 -24.39 -10.18
C SER A 601 17.83 -23.33 -9.12
N GLU A 602 19.06 -23.13 -8.63
CA GLU A 602 19.31 -22.11 -7.63
C GLU A 602 19.60 -20.75 -8.23
N LEU A 603 19.99 -20.70 -9.51
CA LEU A 603 20.18 -19.42 -10.17
C LEU A 603 18.86 -18.78 -10.60
N THR A 604 17.74 -19.48 -10.48
CA THR A 604 16.44 -18.88 -10.75
C THR A 604 16.05 -17.84 -9.72
N GLN A 605 16.67 -17.87 -8.53
CA GLN A 605 16.35 -16.94 -7.47
C GLN A 605 17.17 -15.65 -7.54
N VAL A 606 18.01 -15.50 -8.56
CA VAL A 606 18.76 -14.26 -8.76
C VAL A 606 17.85 -13.26 -9.46
N GLN A 607 17.76 -12.05 -8.90
CA GLN A 607 16.94 -10.98 -9.45
C GLN A 607 17.84 -9.78 -9.74
N GLY A 608 17.92 -9.41 -11.02
CA GLY A 608 18.79 -8.31 -11.40
C GLY A 608 20.25 -8.72 -11.36
N HIS A 609 21.12 -7.71 -11.40
CA HIS A 609 22.56 -7.94 -11.39
C HIS A 609 23.25 -7.39 -10.15
N LEU A 610 22.50 -6.75 -9.24
CA LEU A 610 23.12 -6.07 -8.11
C LEU A 610 23.67 -7.08 -7.10
N VAL A 611 24.95 -6.93 -6.76
CA VAL A 611 25.58 -7.74 -5.73
C VAL A 611 26.34 -6.80 -4.79
N HIS A 612 26.35 -7.15 -3.51
CA HIS A 612 27.09 -6.36 -2.53
C HIS A 612 28.59 -6.42 -2.81
N PHE A 613 29.25 -5.29 -2.64
CA PHE A 613 30.70 -5.23 -2.83
C PHE A 613 31.40 -5.87 -1.64
N PRO A 614 32.23 -6.87 -1.85
CA PRO A 614 32.87 -7.56 -0.71
C PRO A 614 33.98 -6.73 -0.11
N LEU A 615 33.73 -6.16 1.07
CA LEU A 615 34.67 -5.26 1.71
C LEU A 615 35.75 -5.98 2.50
N LYS A 616 35.61 -7.28 2.76
CA LYS A 616 36.58 -8.04 3.53
C LYS A 616 37.41 -8.99 2.67
N PHE A 617 37.41 -8.79 1.35
CA PHE A 617 38.18 -9.65 0.46
C PHE A 617 39.67 -9.39 0.65
N LEU A 618 40.42 -10.44 1.02
CA LEU A 618 41.85 -10.33 1.32
C LEU A 618 42.08 -9.25 2.38
N GLU A 619 41.22 -9.27 3.41
CA GLU A 619 41.23 -8.27 4.46
C GLU A 619 42.47 -8.36 5.34
N ASP A 620 43.03 -9.55 5.47
CA ASP A 620 44.19 -9.79 6.30
C ASP A 620 45.51 -9.53 5.60
N GLU A 621 45.48 -9.06 4.37
CA GLU A 621 46.69 -8.83 3.59
C GLU A 621 46.93 -7.35 3.39
N SER A 622 48.10 -7.05 2.85
CA SER A 622 48.54 -5.67 2.63
C SER A 622 48.18 -5.11 1.24
N LEU A 623 48.31 -5.90 0.16
CA LEU A 623 47.80 -5.59 -1.19
C LEU A 623 48.59 -4.52 -1.95
N LEU A 624 49.78 -4.14 -1.50
CA LEU A 624 50.58 -3.13 -2.18
C LEU A 624 51.89 -3.72 -2.67
N PRO A 625 52.20 -3.60 -3.97
CA PRO A 625 53.52 -4.01 -4.48
C PRO A 625 54.62 -3.37 -3.66
N PRO A 626 55.62 -4.15 -3.23
CA PRO A 626 56.73 -3.77 -2.34
C PRO A 626 57.28 -2.36 -2.55
N GLY A 632 59.51 -1.14 -6.85
CA GLY A 632 60.95 -1.06 -7.01
C GLY A 632 61.46 0.37 -7.04
N MET A 633 60.90 1.19 -7.94
CA MET A 633 61.31 2.58 -8.10
C MET A 633 60.20 3.42 -8.68
N ILE A 634 58.94 3.11 -8.35
CA ILE A 634 57.79 3.58 -9.11
C ILE A 634 56.91 4.42 -8.18
N PRO A 635 56.44 5.58 -8.63
CA PRO A 635 55.52 6.36 -7.80
C PRO A 635 54.19 5.62 -7.63
N LEU A 636 53.66 5.67 -6.42
CA LEU A 636 52.36 5.06 -6.17
C LEU A 636 51.21 5.83 -6.79
N GLU A 637 51.47 7.07 -7.24
CA GLU A 637 50.46 7.83 -7.98
C GLU A 637 50.12 7.22 -9.33
N VAL A 638 50.79 6.14 -9.72
CA VAL A 638 50.41 5.43 -10.94
C VAL A 638 49.00 4.86 -10.81
N TRP A 639 48.63 4.42 -9.61
CA TRP A 639 47.34 3.79 -9.39
C TRP A 639 46.36 4.63 -8.58
N THR A 640 46.76 5.78 -8.06
CA THR A 640 45.89 6.59 -7.23
C THR A 640 44.97 7.49 -8.05
N LEU B 25 4.19 17.65 8.23
CA LEU B 25 5.24 17.55 9.24
C LEU B 25 6.39 16.67 8.76
N GLN B 26 7.62 17.16 8.97
CA GLN B 26 8.82 16.45 8.52
C GLN B 26 9.43 15.71 9.72
N LEU B 27 9.39 14.39 9.65
CA LEU B 27 9.85 13.47 10.66
C LEU B 27 11.23 12.92 10.30
N HIS B 28 11.91 12.36 11.28
CA HIS B 28 13.29 11.92 11.07
C HIS B 28 13.35 10.41 10.92
N ARG B 29 14.47 9.79 11.30
CA ARG B 29 14.59 8.35 11.16
C ARG B 29 13.49 7.65 11.94
N HIS B 30 12.90 6.61 11.32
CA HIS B 30 11.79 5.86 11.90
C HIS B 30 10.57 6.74 12.16
N ASP B 31 10.43 7.82 11.38
CA ASP B 31 9.32 8.77 11.51
C ASP B 31 9.17 9.27 12.94
N SER B 32 10.30 9.70 13.51
CA SER B 32 10.32 10.24 14.86
C SER B 32 10.32 11.76 14.81
N TYR B 33 9.75 12.36 15.86
CA TYR B 33 9.76 13.81 15.99
C TYR B 33 11.15 14.34 16.30
N ALA B 34 12.09 13.48 16.67
CA ALA B 34 13.41 13.91 17.05
C ALA B 34 14.49 13.10 16.33
N PRO B 35 15.60 13.73 15.97
CA PRO B 35 16.67 13.05 15.19
C PRO B 35 17.69 12.38 16.09
N PRO B 36 18.46 11.42 15.59
CA PRO B 36 19.47 10.78 16.45
C PRO B 36 20.48 11.78 16.99
N ARG B 37 20.91 11.56 18.23
CA ARG B 37 21.84 12.46 18.91
C ARG B 37 23.15 11.75 19.20
N PRO B 38 24.19 12.02 18.42
CA PRO B 38 25.51 11.43 18.72
C PRO B 38 26.15 12.13 19.91
N GLY B 39 27.12 11.43 20.50
CA GLY B 39 27.83 11.97 21.64
C GLY B 39 26.99 12.11 22.89
N THR B 40 26.00 11.24 23.07
CA THR B 40 25.15 11.26 24.25
C THR B 40 25.68 10.26 25.27
N LEU B 41 25.83 10.71 26.52
CA LEU B 41 26.21 9.80 27.59
C LEU B 41 24.95 9.22 28.20
N ALA B 42 24.82 7.90 28.14
CA ALA B 42 23.65 7.20 28.64
C ALA B 42 24.10 6.03 29.48
N ARG B 43 23.38 5.78 30.58
CA ARG B 43 23.64 4.64 31.45
C ARG B 43 22.33 3.91 31.67
N TRP B 44 22.35 2.59 31.48
CA TRP B 44 21.18 1.76 31.70
C TRP B 44 21.06 1.36 33.17
N PHE B 45 19.84 0.99 33.54
CA PHE B 45 19.55 0.47 34.88
C PHE B 45 18.77 -0.82 34.74
N VAL B 46 19.10 -1.80 35.58
CA VAL B 46 18.34 -3.03 35.70
C VAL B 46 17.82 -3.09 37.13
N ASN B 47 16.50 -3.28 37.27
CA ASN B 47 15.81 -3.28 38.55
C ASN B 47 15.71 -1.86 39.10
N GLY B 48 14.81 -1.64 40.05
CA GLY B 48 14.52 -0.29 40.52
C GLY B 48 15.46 0.28 41.55
N ALA B 49 16.30 -0.55 42.17
CA ALA B 49 17.19 -0.05 43.22
C ALA B 49 18.14 1.02 42.68
N GLY B 50 18.81 0.74 41.57
CA GLY B 50 19.71 1.73 41.01
C GLY B 50 18.99 2.88 40.31
N TYR B 51 17.90 2.56 39.61
CA TYR B 51 17.14 3.58 38.88
C TYR B 51 16.54 4.61 39.84
N PHE B 52 15.92 4.13 40.92
CA PHE B 52 15.30 5.05 41.87
C PHE B 52 16.34 5.86 42.64
N ALA B 53 17.45 5.24 43.01
CA ALA B 53 18.51 5.98 43.69
C ALA B 53 19.13 7.03 42.76
N ALA B 54 19.30 6.68 41.48
CA ALA B 54 19.79 7.66 40.52
C ALA B 54 18.78 8.80 40.35
N VAL B 55 17.49 8.46 40.32
CA VAL B 55 16.44 9.48 40.22
C VAL B 55 16.49 10.42 41.42
N ALA B 56 16.67 9.87 42.62
CA ALA B 56 16.69 10.70 43.82
C ALA B 56 17.86 11.69 43.77
N ASP B 57 19.02 11.25 43.29
CA ASP B 57 20.17 12.14 43.20
C ASP B 57 19.93 13.23 42.17
N ALA B 58 19.30 12.90 41.04
CA ALA B 58 19.01 13.91 40.04
C ALA B 58 17.97 14.90 40.54
N ILE B 59 16.99 14.42 41.31
CA ILE B 59 15.99 15.31 41.90
C ILE B 59 16.66 16.26 42.87
N LEU B 60 17.63 15.77 43.66
CA LEU B 60 18.31 16.60 44.63
C LEU B 60 19.10 17.71 43.96
N ARG B 61 19.58 17.48 42.73
CA ARG B 61 20.40 18.45 42.02
C ARG B 61 19.58 19.36 41.11
N ALA B 62 18.26 19.29 41.18
CA ALA B 62 17.42 20.14 40.34
C ALA B 62 17.51 21.58 40.77
N GLN B 63 17.56 22.49 39.80
CA GLN B 63 17.62 23.91 40.08
C GLN B 63 16.43 24.70 39.55
N GLU B 64 15.80 24.27 38.46
CA GLU B 64 14.74 25.06 37.86
C GLU B 64 13.44 24.28 37.70
N GLU B 65 13.49 23.14 37.02
CA GLU B 65 12.29 22.45 36.59
C GLU B 65 12.43 20.95 36.79
N ILE B 66 11.31 20.31 37.09
CA ILE B 66 11.21 18.85 37.13
C ILE B 66 9.91 18.45 36.42
N PHE B 67 10.03 17.61 35.40
CA PHE B 67 8.88 17.10 34.66
C PHE B 67 8.71 15.61 34.99
N ILE B 68 7.48 15.21 35.28
CA ILE B 68 7.17 13.83 35.63
C ILE B 68 5.91 13.38 34.89
N THR B 69 6.02 12.27 34.16
CA THR B 69 4.85 11.55 33.65
C THR B 69 4.86 10.16 34.26
N ASP B 70 3.70 9.71 34.75
CA ASP B 70 3.58 8.39 35.32
C ASP B 70 2.22 7.80 34.99
N TRP B 71 2.22 6.50 34.65
CA TRP B 71 0.99 5.75 34.62
C TRP B 71 0.39 5.62 36.01
N TRP B 72 1.24 5.42 37.02
CA TRP B 72 0.86 5.42 38.42
C TRP B 72 2.01 6.00 39.24
N LEU B 73 1.71 6.98 40.07
CA LEU B 73 2.71 7.59 40.95
C LEU B 73 2.25 7.41 42.39
N SER B 74 3.05 6.73 43.19
CA SER B 74 2.77 6.58 44.61
C SER B 74 3.51 7.68 45.36
N PRO B 75 2.81 8.65 45.94
CA PRO B 75 3.51 9.83 46.49
C PRO B 75 4.44 9.51 47.64
N GLU B 76 4.13 8.51 48.48
CA GLU B 76 4.90 8.26 49.69
C GLU B 76 5.93 7.16 49.49
N VAL B 77 6.36 6.91 48.27
CA VAL B 77 7.34 5.84 48.02
C VAL B 77 8.74 6.35 48.35
N TYR B 78 9.57 5.44 48.86
CA TYR B 78 10.95 5.76 49.19
C TYR B 78 11.85 5.39 48.01
N LEU B 79 12.77 6.30 47.69
CA LEU B 79 13.67 6.10 46.56
C LEU B 79 14.98 5.43 46.96
N LYS B 80 15.27 5.29 48.26
CA LYS B 80 16.44 4.60 48.74
C LYS B 80 16.05 3.74 49.95
N ARG B 81 16.60 2.54 50.04
CA ARG B 81 16.20 1.57 51.03
C ARG B 81 17.42 1.01 51.76
N PRO B 82 17.26 0.58 53.03
CA PRO B 82 16.03 0.68 53.82
C PRO B 82 15.80 2.08 54.36
N ALA B 83 14.54 2.54 54.34
CA ALA B 83 14.22 3.88 54.79
C ALA B 83 14.44 4.00 56.29
N HIS B 84 15.28 4.96 56.69
CA HIS B 84 15.51 5.26 58.10
C HIS B 84 14.97 6.64 58.48
N SER B 85 14.41 7.38 57.53
CA SER B 85 13.85 8.70 57.79
C SER B 85 12.95 9.05 56.61
N ASP B 86 12.40 10.25 56.64
CA ASP B 86 11.57 10.73 55.54
C ASP B 86 12.38 11.32 54.40
N ASP B 87 13.69 11.46 54.57
CA ASP B 87 14.53 11.76 53.42
C ASP B 87 14.42 10.62 52.42
N TRP B 88 14.58 10.97 51.14
CA TRP B 88 14.49 10.07 50.00
C TRP B 88 13.07 9.59 49.74
N ARG B 89 12.08 10.03 50.51
CA ARG B 89 10.69 9.81 50.15
C ARG B 89 10.29 10.78 49.05
N LEU B 90 9.58 10.29 48.04
CA LEU B 90 9.38 11.07 46.83
C LEU B 90 8.62 12.36 47.10
N ASP B 91 7.58 12.30 47.92
CA ASP B 91 6.82 13.52 48.22
C ASP B 91 7.67 14.53 48.98
N ILE B 92 8.49 14.05 49.92
CA ILE B 92 9.31 14.95 50.73
C ILE B 92 10.41 15.58 49.88
N MET B 93 10.98 14.82 48.95
CA MET B 93 12.03 15.37 48.09
C MET B 93 11.47 16.46 47.17
N LEU B 94 10.33 16.19 46.52
CA LEU B 94 9.73 17.18 45.62
C LEU B 94 9.22 18.40 46.39
N LYS B 95 8.80 18.19 47.64
CA LYS B 95 8.33 19.32 48.45
C LYS B 95 9.50 20.21 48.86
N ARG B 96 10.64 19.60 49.19
CA ARG B 96 11.83 20.39 49.52
C ARG B 96 12.33 21.15 48.31
N LYS B 97 12.32 20.50 47.14
CA LYS B 97 12.81 21.17 45.93
C LYS B 97 11.90 22.32 45.56
N ALA B 98 10.59 22.16 45.74
CA ALA B 98 9.65 23.23 45.45
C ALA B 98 9.83 24.39 46.42
N GLU B 99 10.17 24.09 47.68
CA GLU B 99 10.47 25.15 48.64
C GLU B 99 11.70 25.95 48.26
N GLU B 100 12.56 25.41 47.40
CA GLU B 100 13.73 26.11 46.90
C GLU B 100 13.47 26.85 45.60
N GLY B 101 12.23 26.85 45.11
CA GLY B 101 11.88 27.54 43.90
C GLY B 101 11.81 26.69 42.65
N VAL B 102 11.93 25.37 42.78
CA VAL B 102 11.84 24.48 41.62
C VAL B 102 10.37 24.19 41.32
N ARG B 103 9.98 24.35 40.07
CA ARG B 103 8.63 24.08 39.63
C ARG B 103 8.54 22.63 39.16
N VAL B 104 7.71 21.84 39.83
CA VAL B 104 7.50 20.45 39.48
C VAL B 104 6.19 20.35 38.70
N SER B 105 6.30 19.91 37.45
CA SER B 105 5.14 19.71 36.57
C SER B 105 4.96 18.21 36.39
N ILE B 106 3.79 17.70 36.79
CA ILE B 106 3.54 16.26 36.82
C ILE B 106 2.31 15.97 35.96
N LEU B 107 2.43 14.94 35.11
CA LEU B 107 1.33 14.47 34.25
C LEU B 107 0.95 13.06 34.66
N LEU B 108 -0.18 12.92 35.33
CA LEU B 108 -0.69 11.62 35.74
C LEU B 108 -1.75 11.13 34.78
N PHE B 109 -1.78 9.80 34.59
CA PHE B 109 -2.85 9.19 33.81
C PHE B 109 -4.09 9.09 34.68
N LYS B 110 -5.22 9.57 34.15
CA LYS B 110 -6.49 9.52 34.86
C LYS B 110 -7.17 8.20 34.51
N GLU B 111 -7.20 7.28 35.47
CA GLU B 111 -7.81 5.99 35.25
C GLU B 111 -9.33 6.12 35.21
N VAL B 112 -9.98 5.12 34.64
CA VAL B 112 -11.41 4.95 34.82
C VAL B 112 -11.60 4.22 36.14
N GLU B 113 -11.77 4.97 37.22
CA GLU B 113 -11.79 4.31 38.53
C GLU B 113 -13.07 3.51 38.66
N LEU B 114 -13.03 2.52 39.56
CA LEU B 114 -13.80 1.28 39.54
C LEU B 114 -13.04 0.29 38.68
N ALA B 115 -12.02 -0.35 39.28
CA ALA B 115 -11.25 -1.45 38.71
C ALA B 115 -10.19 -0.98 37.70
N LEU B 116 -9.49 0.10 38.06
CA LEU B 116 -8.04 0.17 37.90
C LEU B 116 -7.45 0.13 39.29
N GLY B 117 -7.59 1.20 40.07
CA GLY B 117 -7.15 1.20 41.45
C GLY B 117 -5.88 1.94 41.74
N ILE B 118 -5.38 2.74 40.79
CA ILE B 118 -4.19 3.53 41.07
C ILE B 118 -4.53 4.78 41.88
N ASN B 119 -5.81 5.15 41.93
CA ASN B 119 -6.30 6.29 42.71
C ASN B 119 -5.48 7.56 42.41
N SER B 120 -5.46 7.92 41.13
CA SER B 120 -4.77 9.13 40.71
C SER B 120 -5.30 10.37 41.42
N GLY B 121 -6.56 10.35 41.84
CA GLY B 121 -7.08 11.45 42.64
C GLY B 121 -6.30 11.66 43.91
N TYR B 122 -5.97 10.58 44.62
CA TYR B 122 -5.17 10.71 45.84
C TYR B 122 -3.77 11.18 45.53
N SER B 123 -3.18 10.67 44.45
CA SER B 123 -1.82 11.09 44.09
C SER B 123 -1.77 12.59 43.83
N LYS B 124 -2.72 13.10 43.05
CA LYS B 124 -2.77 14.53 42.77
C LYS B 124 -2.99 15.35 44.04
N ARG B 125 -3.95 14.94 44.88
CA ARG B 125 -4.24 15.69 46.10
C ARG B 125 -3.03 15.76 47.00
N ALA B 126 -2.35 14.63 47.20
CA ALA B 126 -1.18 14.60 48.06
C ALA B 126 -0.05 15.47 47.52
N LEU B 127 0.20 15.40 46.21
CA LEU B 127 1.31 16.14 45.63
C LEU B 127 1.07 17.65 45.68
N MET B 128 -0.11 18.08 45.26
CA MET B 128 -0.37 19.52 45.13
C MET B 128 -0.40 20.21 46.49
N LEU B 129 -0.78 19.49 47.54
CA LEU B 129 -0.78 20.08 48.88
C LEU B 129 0.61 20.25 49.44
N LEU B 130 1.63 19.68 48.80
CA LEU B 130 3.00 19.81 49.32
C LEU B 130 3.47 21.25 49.22
N HIS B 131 3.30 21.88 48.06
CA HIS B 131 3.78 23.22 47.83
C HIS B 131 3.12 23.77 46.57
N PRO B 132 2.86 25.08 46.51
CA PRO B 132 2.25 25.65 45.29
C PRO B 132 3.09 25.51 44.04
N ASN B 133 4.38 25.23 44.16
CA ASN B 133 5.24 25.06 42.98
C ASN B 133 5.07 23.70 42.32
N ILE B 134 4.26 22.81 42.89
CA ILE B 134 4.04 21.48 42.35
C ILE B 134 2.66 21.46 41.71
N LYS B 135 2.62 21.48 40.38
CA LYS B 135 1.38 21.46 39.63
C LYS B 135 1.19 20.09 38.99
N VAL B 136 -0.02 19.54 39.15
CA VAL B 136 -0.35 18.22 38.62
C VAL B 136 -1.53 18.36 37.67
N MET B 137 -1.42 17.74 36.50
CA MET B 137 -2.53 17.65 35.56
C MET B 137 -2.80 16.18 35.26
N ARG B 138 -4.06 15.90 34.98
CA ARG B 138 -4.51 14.54 34.73
C ARG B 138 -5.25 14.46 33.41
N HIS B 139 -5.05 13.35 32.71
CA HIS B 139 -5.63 13.14 31.40
C HIS B 139 -5.83 11.63 31.28
N PRO B 140 -6.94 11.18 30.70
CA PRO B 140 -8.04 11.97 30.15
C PRO B 140 -9.28 12.02 31.03
N ASP B 141 -10.20 12.94 30.73
CA ASP B 141 -11.51 12.94 31.37
C ASP B 141 -12.53 12.15 30.57
N GLN B 142 -12.40 12.15 29.24
CA GLN B 142 -13.30 11.37 28.40
C GLN B 142 -13.14 9.87 28.66
N VAL B 143 -14.24 9.14 28.47
CA VAL B 143 -14.21 7.69 28.66
C VAL B 143 -13.41 7.07 27.52
N THR B 144 -12.44 6.23 27.86
CA THR B 144 -11.62 5.61 26.83
C THR B 144 -11.01 4.32 27.38
N LEU B 145 -10.54 3.49 26.45
CA LEU B 145 -9.83 2.28 26.79
C LEU B 145 -8.33 2.51 26.97
N TRP B 146 -7.80 3.59 26.39
CA TRP B 146 -6.37 3.80 26.30
C TRP B 146 -5.86 4.71 27.40
N ALA B 147 -4.57 4.58 27.69
CA ALA B 147 -3.97 5.23 28.85
C ALA B 147 -2.69 5.95 28.44
N HIS B 148 -2.23 6.82 29.34
CA HIS B 148 -0.91 7.43 29.25
C HIS B 148 0.04 6.53 30.03
N HIS B 149 0.87 5.79 29.31
CA HIS B 149 1.69 4.74 29.91
C HIS B 149 3.17 5.10 30.07
N GLU B 150 3.63 6.18 29.45
CA GLU B 150 5.06 6.50 29.51
C GLU B 150 5.48 6.93 30.90
N LYS B 151 6.68 6.51 31.29
CA LYS B 151 7.28 6.90 32.56
C LYS B 151 8.47 7.80 32.24
N LEU B 152 8.46 9.01 32.77
CA LEU B 152 9.48 9.99 32.41
C LEU B 152 9.73 10.93 33.57
N LEU B 153 11.00 11.15 33.88
CA LEU B 153 11.41 12.19 34.82
C LEU B 153 12.53 12.99 34.19
N VAL B 154 12.33 14.29 34.04
CA VAL B 154 13.31 15.18 33.42
C VAL B 154 13.66 16.27 34.41
N VAL B 155 14.95 16.50 34.60
CA VAL B 155 15.46 17.52 35.51
C VAL B 155 16.14 18.59 34.68
N ASP B 156 15.63 19.82 34.77
CA ASP B 156 16.21 20.99 34.12
C ASP B 156 16.33 20.82 32.60
N GLN B 157 15.54 19.93 32.02
CA GLN B 157 15.53 19.62 30.59
C GLN B 157 16.87 19.11 30.08
N VAL B 158 17.78 18.75 30.98
CA VAL B 158 19.10 18.22 30.60
C VAL B 158 19.31 16.77 31.00
N VAL B 159 18.60 16.26 32.01
CA VAL B 159 18.76 14.88 32.49
C VAL B 159 17.39 14.22 32.52
N ALA B 160 17.23 13.13 31.77
CA ALA B 160 15.92 12.48 31.60
C ALA B 160 15.99 11.00 31.94
N PHE B 161 15.04 10.54 32.75
CA PHE B 161 14.89 9.14 33.09
C PHE B 161 13.66 8.58 32.39
N LEU B 162 13.79 7.40 31.79
CA LEU B 162 12.66 6.72 31.18
C LEU B 162 12.91 5.22 31.22
N GLY B 163 11.90 4.46 30.79
CA GLY B 163 11.94 3.02 30.87
C GLY B 163 10.58 2.46 31.27
N GLY B 164 10.58 1.34 31.99
CA GLY B 164 9.34 0.73 32.44
C GLY B 164 8.98 0.97 33.89
N LEU B 165 9.83 1.67 34.65
CA LEU B 165 9.63 1.81 36.09
C LEU B 165 8.81 3.06 36.40
N ASP B 166 7.62 2.85 36.94
CA ASP B 166 6.85 3.93 37.55
C ASP B 166 7.36 4.19 38.97
N LEU B 167 7.20 5.43 39.42
CA LEU B 167 7.53 5.79 40.80
C LEU B 167 6.38 5.37 41.71
N ALA B 168 6.21 4.05 41.82
CA ALA B 168 5.04 3.48 42.44
C ALA B 168 5.43 2.30 43.32
N TYR B 169 4.45 1.79 44.05
CA TYR B 169 4.68 0.66 44.95
C TYR B 169 5.01 -0.60 44.17
N GLY B 170 5.82 -1.47 44.79
CA GLY B 170 6.17 -2.75 44.22
C GLY B 170 7.25 -2.72 43.17
N ARG B 171 7.57 -1.55 42.61
CA ARG B 171 8.52 -1.49 41.52
C ARG B 171 9.97 -1.64 41.99
N TRP B 172 10.26 -1.23 43.23
CA TRP B 172 11.62 -1.30 43.74
C TRP B 172 12.05 -2.75 43.91
N ASP B 173 13.26 -3.07 43.45
CA ASP B 173 13.82 -4.40 43.62
C ASP B 173 15.29 -4.37 43.21
N ASP B 174 16.01 -5.42 43.60
CA ASP B 174 17.40 -5.60 43.17
C ASP B 174 17.63 -7.02 42.64
N LEU B 175 18.88 -7.36 42.34
CA LEU B 175 19.18 -8.67 41.76
C LEU B 175 19.01 -9.81 42.77
N HIS B 176 18.78 -9.49 44.05
CA HIS B 176 18.50 -10.54 45.02
C HIS B 176 17.09 -11.07 44.86
N TYR B 177 16.16 -10.24 44.43
CA TYR B 177 14.76 -10.62 44.19
C TYR B 177 14.17 -11.33 45.40
N ARG B 178 14.15 -10.61 46.52
CA ARG B 178 13.74 -11.19 47.80
C ARG B 178 12.25 -11.51 47.79
N LEU B 179 11.90 -12.74 48.19
CA LEU B 179 10.51 -13.12 48.36
C LEU B 179 9.98 -12.82 49.75
N THR B 180 10.84 -12.57 50.72
CA THR B 180 10.42 -12.34 52.09
C THR B 180 10.89 -10.98 52.54
N ASP B 181 10.24 -10.47 53.57
CA ASP B 181 10.61 -9.15 54.05
C ASP B 181 10.15 -8.97 55.50
N LEU B 182 10.80 -9.67 56.42
CA LEU B 182 10.38 -9.66 57.81
C LEU B 182 11.34 -8.81 58.67
N ASP B 205 7.90 5.24 63.77
CA ASP B 205 9.20 5.84 63.50
C ASP B 205 10.11 4.83 62.79
N LEU B 206 10.98 5.33 61.90
CA LEU B 206 11.83 4.47 61.08
C LEU B 206 13.30 4.54 61.47
N SER B 207 13.62 5.00 62.68
CA SER B 207 15.02 5.27 63.03
C SER B 207 15.90 4.04 62.85
N HIS B 208 15.37 2.84 63.12
CA HIS B 208 16.12 1.61 62.95
C HIS B 208 15.35 0.63 62.08
N ASN B 209 14.56 1.14 61.14
CA ASN B 209 13.74 0.28 60.31
C ASN B 209 14.62 -0.66 59.49
N GLN B 210 14.19 -1.91 59.42
CA GLN B 210 14.85 -2.92 58.60
C GLN B 210 13.98 -3.34 57.43
N PHE B 211 12.83 -2.69 57.25
CA PHE B 211 11.89 -3.04 56.20
C PHE B 211 12.24 -2.31 54.90
N PHE B 212 12.56 -3.10 53.87
CA PHE B 212 12.82 -2.58 52.52
C PHE B 212 11.54 -2.19 51.79
N TRP B 213 10.44 -2.91 52.03
CA TRP B 213 9.15 -2.61 51.41
C TRP B 213 8.15 -2.31 52.53
N LEU B 214 7.83 -1.03 52.71
CA LEU B 214 7.00 -0.58 53.82
C LEU B 214 5.53 -0.55 53.39
N GLY B 215 4.69 -1.21 54.17
CA GLY B 215 3.25 -1.11 53.98
C GLY B 215 2.83 -1.61 52.61
N LYS B 216 2.19 -0.73 51.84
CA LYS B 216 1.68 -1.09 50.52
C LYS B 216 2.79 -1.38 49.52
N ASP B 217 4.05 -1.11 49.87
CA ASP B 217 5.14 -1.43 48.96
C ASP B 217 5.42 -2.93 48.89
N TYR B 218 4.96 -3.68 49.89
CA TYR B 218 5.07 -5.13 49.89
C TYR B 218 3.82 -5.71 49.25
N SER B 219 3.97 -6.42 48.13
CA SER B 219 2.80 -6.86 47.38
C SER B 219 3.14 -8.06 46.52
N ASN B 220 2.08 -8.78 46.14
CA ASN B 220 2.13 -9.87 45.17
C ASN B 220 1.06 -9.60 44.13
N LEU B 221 1.49 -9.34 42.90
CA LEU B 221 0.59 -8.82 41.86
C LEU B 221 -0.59 -9.75 41.60
N ILE B 222 -0.34 -11.05 41.54
CA ILE B 222 -1.40 -12.01 41.25
C ILE B 222 -2.24 -12.33 42.48
N THR B 223 -1.69 -12.14 43.68
CA THR B 223 -2.42 -12.49 44.90
C THR B 223 -3.55 -11.51 45.17
N LYS B 224 -3.25 -10.22 45.23
CA LYS B 224 -4.26 -9.22 45.59
C LYS B 224 -3.92 -7.89 44.96
N ASP B 225 -4.95 -7.18 44.49
CA ASP B 225 -4.76 -5.84 43.96
C ASP B 225 -4.61 -4.83 45.09
N TRP B 226 -4.00 -3.69 44.76
CA TRP B 226 -3.79 -2.65 45.75
C TRP B 226 -5.11 -2.06 46.23
N VAL B 227 -5.16 -1.76 47.53
CA VAL B 227 -6.32 -1.15 48.17
C VAL B 227 -5.84 -0.03 49.08
N GLN B 228 -6.75 0.89 49.37
CA GLN B 228 -6.57 1.94 50.38
C GLN B 228 -5.21 2.64 50.25
N LEU B 229 -4.99 3.24 49.08
CA LEU B 229 -3.72 3.91 48.80
C LEU B 229 -3.51 5.17 49.63
N ASP B 230 -4.50 5.60 50.41
CA ASP B 230 -4.33 6.73 51.32
C ASP B 230 -3.87 6.30 52.71
N ARG B 231 -3.64 5.00 52.93
CA ARG B 231 -3.03 4.49 54.15
C ARG B 231 -1.79 3.72 53.72
N PRO B 232 -0.69 4.44 53.43
CA PRO B 232 0.44 3.80 52.73
C PRO B 232 1.26 2.87 53.59
N PHE B 233 1.29 3.07 54.90
CA PHE B 233 2.14 2.29 55.78
C PHE B 233 1.41 1.10 56.41
N GLU B 234 0.24 0.76 55.90
CA GLU B 234 -0.51 -0.41 56.35
C GLU B 234 -0.40 -1.51 55.30
N ASP B 235 -0.08 -2.72 55.76
CA ASP B 235 -0.04 -3.86 54.86
C ASP B 235 -1.45 -4.21 54.39
N PHE B 236 -1.53 -4.72 53.16
CA PHE B 236 -2.78 -5.26 52.64
C PHE B 236 -2.69 -6.75 52.31
N ILE B 237 -1.51 -7.36 52.44
CA ILE B 237 -1.34 -8.80 52.39
C ILE B 237 -0.48 -9.20 53.57
N ASP B 238 -0.58 -10.48 53.95
CA ASP B 238 0.07 -10.96 55.16
C ASP B 238 1.54 -11.25 54.88
N ARG B 239 2.42 -10.49 55.54
CA ARG B 239 3.85 -10.60 55.32
C ARG B 239 4.40 -11.94 55.80
N GLU B 240 3.74 -12.57 56.77
CA GLU B 240 4.21 -13.83 57.33
C GLU B 240 3.68 -15.04 56.58
N THR B 241 2.73 -14.87 55.67
CA THR B 241 2.17 -15.96 54.88
C THR B 241 2.33 -15.78 53.38
N THR B 242 2.26 -14.56 52.88
CA THR B 242 2.30 -14.29 51.44
C THR B 242 3.66 -13.75 51.04
N PRO B 243 4.34 -14.40 50.10
CA PRO B 243 5.63 -13.89 49.63
C PRO B 243 5.46 -12.73 48.67
N ARG B 244 6.52 -11.93 48.59
CA ARG B 244 6.58 -10.86 47.60
C ARG B 244 6.61 -11.44 46.20
N MET B 245 6.24 -10.62 45.24
CA MET B 245 6.46 -10.95 43.84
C MET B 245 7.58 -10.04 43.34
N PRO B 246 8.75 -10.58 43.00
CA PRO B 246 9.85 -9.71 42.62
C PRO B 246 9.57 -8.99 41.32
N TRP B 247 10.08 -7.76 41.24
CA TRP B 247 9.85 -6.87 40.11
C TRP B 247 11.16 -6.70 39.36
N ARG B 248 11.20 -7.17 38.12
CA ARG B 248 12.33 -6.99 37.24
C ARG B 248 11.96 -6.01 36.13
N ASP B 249 12.80 -4.98 35.97
CA ASP B 249 12.53 -3.93 35.00
C ASP B 249 13.86 -3.38 34.53
N VAL B 250 13.80 -2.59 33.45
CA VAL B 250 14.99 -1.95 32.90
C VAL B 250 14.68 -0.48 32.68
N GLY B 251 15.65 0.38 33.01
CA GLY B 251 15.51 1.80 32.78
C GLY B 251 16.81 2.37 32.27
N VAL B 252 16.76 3.65 31.89
CA VAL B 252 17.91 4.32 31.29
C VAL B 252 17.79 5.81 31.59
N VAL B 253 18.95 6.46 31.71
CA VAL B 253 19.02 7.91 31.84
C VAL B 253 19.88 8.44 30.71
N VAL B 254 19.47 9.57 30.13
CA VAL B 254 20.22 10.21 29.06
C VAL B 254 20.44 11.67 29.42
N HIS B 255 21.52 12.25 28.88
CA HIS B 255 21.89 13.62 29.17
C HIS B 255 21.95 14.44 27.89
N GLY B 256 21.75 15.75 28.03
CA GLY B 256 21.97 16.66 26.92
C GLY B 256 20.81 16.72 25.95
N LEU B 257 21.12 16.61 24.66
CA LEU B 257 20.12 16.80 23.61
C LEU B 257 18.95 15.84 23.72
N PRO B 258 19.15 14.51 23.88
CA PRO B 258 17.98 13.62 23.98
C PRO B 258 17.10 13.93 25.17
N ALA B 259 17.68 14.40 26.28
CA ALA B 259 16.85 14.78 27.42
C ALA B 259 16.02 16.02 27.10
N ARG B 260 16.55 16.93 26.27
CA ARG B 260 15.75 18.07 25.84
C ARG B 260 14.64 17.63 24.90
N ASP B 261 14.93 16.68 24.01
CA ASP B 261 13.88 16.14 23.15
C ASP B 261 12.80 15.42 23.96
N LEU B 262 13.19 14.70 25.01
CA LEU B 262 12.20 14.12 25.89
C LEU B 262 11.42 15.20 26.65
N ALA B 263 12.11 16.30 27.00
CA ALA B 263 11.41 17.41 27.64
C ALA B 263 10.36 18.03 26.72
N ARG B 264 10.61 18.04 25.42
CA ARG B 264 9.66 18.64 24.50
C ARG B 264 8.39 17.80 24.37
N HIS B 265 8.52 16.47 24.43
CA HIS B 265 7.35 15.62 24.48
C HIS B 265 6.49 15.95 25.69
N PHE B 266 7.12 16.13 26.86
CA PHE B 266 6.38 16.53 28.05
C PHE B 266 5.72 17.88 27.83
N ILE B 267 6.46 18.84 27.28
CA ILE B 267 5.93 20.17 27.05
C ILE B 267 4.74 20.13 26.10
N GLN B 268 4.82 19.31 25.05
CA GLN B 268 3.71 19.18 24.12
C GLN B 268 2.49 18.57 24.81
N ARG B 269 2.71 17.52 25.61
CA ARG B 269 1.60 16.90 26.34
C ARG B 269 1.04 17.86 27.39
N TRP B 270 1.91 18.67 28.00
CA TRP B 270 1.45 19.62 29.01
C TRP B 270 0.56 20.70 28.40
N ASN B 271 1.05 21.36 27.34
CA ASN B 271 0.27 22.42 26.72
C ASN B 271 -1.01 21.89 26.09
N PHE B 272 -0.97 20.66 25.56
CA PHE B 272 -2.17 20.06 25.00
C PHE B 272 -3.19 19.79 26.09
N THR B 273 -2.74 19.19 27.20
CA THR B 273 -3.65 18.91 28.31
C THR B 273 -4.17 20.20 28.94
N LYS B 274 -3.45 21.31 28.78
CA LYS B 274 -3.96 22.59 29.26
C LYS B 274 -5.25 22.97 28.53
N THR B 275 -5.34 22.66 27.25
CA THR B 275 -6.51 22.99 26.45
C THR B 275 -7.60 21.92 26.49
N THR B 276 -7.47 20.91 27.34
CA THR B 276 -8.43 19.81 27.33
C THR B 276 -9.64 20.05 28.23
N LYS B 277 -9.47 20.73 29.35
CA LYS B 277 -10.58 21.03 30.25
C LYS B 277 -10.51 22.49 30.65
N ALA B 278 -11.58 22.96 31.30
CA ALA B 278 -11.69 24.38 31.63
C ALA B 278 -10.82 24.77 32.81
N LYS B 279 -10.73 23.91 33.82
CA LYS B 279 -9.98 24.24 35.03
C LYS B 279 -8.50 24.41 34.76
N PTR B 280 -7.91 23.49 34.00
CA PTR B 280 -6.49 23.51 33.76
C PTR B 280 -6.12 24.61 32.73
O PTR B 280 -4.97 24.70 32.30
CB PTR B 280 -5.97 22.13 33.31
CG PTR B 280 -6.18 20.97 34.30
CD1 PTR B 280 -6.10 19.65 33.88
CD2 PTR B 280 -6.46 21.20 35.65
CE1 PTR B 280 -6.28 18.58 34.76
CE2 PTR B 280 -6.64 20.14 36.54
CZ PTR B 280 -6.57 18.83 36.09
OH PTR B 280 -6.71 17.80 36.92
P PTR B 280 -8.04 17.27 37.69
O1P PTR B 280 -9.24 17.15 36.74
O2P PTR B 280 -8.35 18.19 38.80
O3P PTR B 280 -7.78 15.89 38.32
N LYS B 281 -7.08 25.45 32.34
CA LYS B 281 -6.81 26.59 31.44
C LYS B 281 -6.48 27.89 32.17
N THR B 282 -6.79 27.97 33.47
CA THR B 282 -6.44 29.14 34.27
C THR B 282 -4.92 29.30 34.31
N PRO B 283 -4.44 30.53 34.57
CA PRO B 283 -2.98 30.72 34.66
C PRO B 283 -2.33 30.02 35.84
N THR B 284 -3.09 29.30 36.66
CA THR B 284 -2.49 28.46 37.70
C THR B 284 -1.71 27.29 37.10
N TYR B 285 -2.01 26.93 35.85
CA TYR B 285 -1.24 25.95 35.09
C TYR B 285 -0.52 26.67 33.96
N PRO B 286 0.68 27.19 34.18
CA PRO B 286 1.35 27.99 33.16
C PRO B 286 1.75 27.14 31.96
N TYR B 287 1.93 27.81 30.83
CA TYR B 287 2.52 27.15 29.68
C TYR B 287 3.98 26.82 29.96
N LEU B 288 4.45 25.72 29.38
CA LEU B 288 5.83 25.29 29.52
C LEU B 288 6.55 25.46 28.19
N LEU B 289 7.83 25.83 28.25
CA LEU B 289 8.55 26.10 27.01
C LEU B 289 9.92 25.42 27.01
N PRO B 290 10.35 24.92 25.86
CA PRO B 290 11.63 24.22 25.76
C PRO B 290 12.84 25.15 25.69
N LYS B 291 14.00 24.59 26.03
CA LYS B 291 15.28 25.27 25.92
C LYS B 291 15.88 25.08 24.52
N SER B 292 16.78 25.99 24.15
CA SER B 292 17.32 26.11 22.79
C SER B 292 18.33 25.05 22.34
N THR B 293 18.29 23.85 22.92
CA THR B 293 19.09 22.70 22.46
C THR B 293 20.60 22.99 22.43
N SER B 294 21.07 23.91 23.27
CA SER B 294 22.50 24.20 23.38
C SER B 294 22.93 23.87 24.81
N THR B 295 23.63 22.74 24.97
CA THR B 295 23.72 22.04 26.25
C THR B 295 25.16 21.97 26.72
N ALA B 296 25.44 22.56 27.87
CA ALA B 296 26.73 22.41 28.54
C ALA B 296 26.58 21.45 29.71
N PHE B 301 25.09 19.33 35.63
CA PHE B 301 25.51 18.11 36.31
C PHE B 301 25.26 16.86 35.47
N THR B 302 25.89 15.75 35.87
CA THR B 302 25.72 14.46 35.21
C THR B 302 25.63 13.38 36.28
N LEU B 303 24.96 12.29 35.93
CA LEU B 303 24.79 11.16 36.83
C LEU B 303 26.00 10.25 36.80
N PRO B 304 26.41 9.69 37.95
CA PRO B 304 27.54 8.76 37.95
C PRO B 304 27.20 7.52 37.13
N GLY B 305 27.99 7.30 36.08
CA GLY B 305 27.73 6.28 35.11
C GLY B 305 27.64 6.85 33.71
N GLY B 306 27.48 5.96 32.75
CA GLY B 306 27.25 6.43 31.40
C GLY B 306 28.28 6.00 30.39
N GLN B 307 27.84 5.89 29.14
CA GLN B 307 28.68 5.50 28.02
C GLN B 307 28.36 6.44 26.87
N CYS B 308 29.38 6.83 26.11
CA CYS B 308 29.13 7.72 24.98
C CYS B 308 28.44 6.93 23.87
N THR B 309 27.24 7.36 23.51
CA THR B 309 26.39 6.61 22.60
C THR B 309 25.66 7.57 21.67
N THR B 310 24.97 7.00 20.68
CA THR B 310 24.00 7.72 19.88
C THR B 310 22.61 7.31 20.34
N VAL B 311 21.84 8.26 20.87
CA VAL B 311 20.55 8.00 21.49
C VAL B 311 19.49 8.70 20.66
N GLN B 312 18.41 7.98 20.32
CA GLN B 312 17.27 8.58 19.65
C GLN B 312 16.00 8.24 20.41
N VAL B 313 15.27 9.28 20.82
CA VAL B 313 13.99 9.14 21.52
C VAL B 313 12.93 8.78 20.49
N LEU B 314 12.06 7.85 20.88
CA LEU B 314 10.95 7.41 20.06
C LEU B 314 9.71 7.46 20.93
N ARG B 315 8.54 7.50 20.30
CA ARG B 315 7.33 7.59 21.09
C ARG B 315 6.15 7.03 20.31
N SER B 316 5.08 6.76 21.05
CA SER B 316 3.77 6.40 20.49
C SER B 316 2.78 7.44 21.02
N VAL B 317 2.25 8.26 20.11
CA VAL B 317 1.29 9.30 20.50
C VAL B 317 0.20 9.35 19.45
N ASP B 318 -0.98 9.80 19.88
CA ASP B 318 -2.14 9.98 19.01
C ASP B 318 -2.72 11.37 19.25
N ARG B 319 -3.73 11.71 18.47
CA ARG B 319 -4.40 13.00 18.64
C ARG B 319 -5.11 13.08 20.00
N TRP B 320 -5.49 11.94 20.58
CA TRP B 320 -6.11 11.98 21.90
C TRP B 320 -5.07 12.15 22.99
N SER B 321 -3.90 11.51 22.83
CA SER B 321 -2.86 11.56 23.86
C SER B 321 -2.07 12.84 23.77
N ALA B 322 -1.75 13.27 22.55
CA ALA B 322 -1.02 14.50 22.32
C ALA B 322 -1.78 15.30 21.27
N GLY B 323 -1.09 15.98 20.37
CA GLY B 323 -1.80 16.73 19.35
C GLY B 323 -1.55 16.17 17.97
N THR B 324 -0.68 15.16 17.90
CA THR B 324 -0.26 14.57 16.64
C THR B 324 -0.17 13.05 16.79
N LEU B 325 -0.01 12.38 15.65
CA LEU B 325 0.12 10.93 15.61
C LEU B 325 1.56 10.54 15.33
N GLU B 326 2.05 9.53 16.05
CA GLU B 326 3.40 9.02 15.87
C GLU B 326 3.47 7.59 16.39
N ASN B 327 4.21 6.75 15.67
CA ASN B 327 4.50 5.39 16.09
C ASN B 327 5.95 5.05 15.76
N SER B 328 6.87 5.92 16.17
CA SER B 328 8.29 5.71 15.88
C SER B 328 8.88 4.53 16.66
N ILE B 329 8.32 4.21 17.83
CA ILE B 329 8.79 3.06 18.59
C ILE B 329 8.61 1.78 17.77
N LEU B 330 7.44 1.61 17.18
CA LEU B 330 7.18 0.43 16.36
C LEU B 330 8.13 0.37 15.16
N ASN B 331 8.39 1.52 14.53
CA ASN B 331 9.29 1.54 13.38
C ASN B 331 10.70 1.13 13.76
N ALA B 332 11.18 1.57 14.92
CA ALA B 332 12.53 1.20 15.35
C ALA B 332 12.62 -0.29 15.68
N TYR B 333 11.55 -0.86 16.24
CA TYR B 333 11.55 -2.30 16.54
C TYR B 333 11.67 -3.13 15.26
N LEU B 334 10.87 -2.80 14.25
CA LEU B 334 10.92 -3.58 13.01
C LEU B 334 12.26 -3.42 12.32
N HIS B 335 12.78 -2.20 12.25
CA HIS B 335 14.05 -1.97 11.58
C HIS B 335 15.18 -2.70 12.31
N THR B 336 15.20 -2.63 13.64
CA THR B 336 16.25 -3.30 14.41
C THR B 336 16.20 -4.81 14.21
N ILE B 337 14.99 -5.37 14.12
CA ILE B 337 14.88 -6.80 13.87
C ILE B 337 15.26 -7.13 12.43
N ARG B 338 14.83 -6.29 11.48
CA ARG B 338 15.11 -6.57 10.07
C ARG B 338 16.61 -6.50 9.79
N GLU B 339 17.30 -5.55 10.45
CA GLU B 339 18.70 -5.29 10.18
C GLU B 339 19.63 -5.99 11.16
N SER B 340 19.11 -6.79 12.08
CA SER B 340 19.95 -7.53 13.01
C SER B 340 20.80 -8.54 12.27
N GLN B 341 22.01 -8.80 12.80
CA GLN B 341 22.97 -9.67 12.15
C GLN B 341 23.21 -10.98 12.89
N HIS B 342 23.02 -11.02 14.21
CA HIS B 342 23.48 -12.18 14.97
C HIS B 342 22.46 -12.68 15.98
N PHE B 343 21.90 -11.80 16.81
CA PHE B 343 20.96 -12.28 17.81
C PHE B 343 20.02 -11.16 18.23
N LEU B 344 18.90 -11.57 18.82
CA LEU B 344 17.96 -10.66 19.46
C LEU B 344 17.74 -11.12 20.89
N TYR B 345 17.88 -10.20 21.84
CA TYR B 345 17.53 -10.44 23.23
C TYR B 345 16.33 -9.57 23.55
N ILE B 346 15.19 -10.22 23.82
CA ILE B 346 13.95 -9.52 24.07
C ILE B 346 13.49 -9.83 25.49
N GLU B 347 13.24 -8.78 26.26
CA GLU B 347 12.69 -8.90 27.61
C GLU B 347 11.50 -7.96 27.68
N ASN B 348 10.28 -8.51 27.67
CA ASN B 348 9.08 -7.69 27.60
C ASN B 348 7.99 -8.28 28.48
N GLN B 349 7.17 -7.38 29.02
CA GLN B 349 6.04 -7.80 29.85
C GLN B 349 5.00 -8.56 29.04
N PHE B 350 4.77 -8.14 27.79
CA PHE B 350 3.79 -8.79 26.93
C PHE B 350 4.46 -9.15 25.60
N PHE B 351 3.91 -10.17 24.93
CA PHE B 351 4.44 -10.58 23.62
C PHE B 351 3.25 -10.98 22.75
N ILE B 352 2.55 -9.99 22.21
CA ILE B 352 1.39 -10.19 21.34
C ILE B 352 1.67 -9.47 20.03
N SER B 353 1.90 -10.23 18.96
CA SER B 353 2.36 -9.57 17.73
C SER B 353 2.18 -10.29 16.39
N CYS B 354 1.49 -11.43 16.33
CA CYS B 354 1.34 -12.12 15.05
C CYS B 354 0.11 -11.59 14.32
N SER B 355 0.29 -10.40 13.74
CA SER B 355 -0.76 -9.67 13.04
C SER B 355 -1.50 -10.52 12.02
N ASP B 356 -2.83 -10.52 12.13
CA ASP B 356 -3.68 -11.25 11.20
C ASP B 356 -4.47 -10.32 10.28
N GLY B 357 -4.69 -9.07 10.68
CA GLY B 357 -5.37 -8.09 9.87
C GLY B 357 -6.59 -7.47 10.51
N ARG B 358 -7.20 -8.12 11.50
CA ARG B 358 -8.43 -7.59 12.10
C ARG B 358 -8.47 -7.62 13.62
N THR B 359 -7.55 -8.29 14.31
CA THR B 359 -7.55 -8.26 15.76
C THR B 359 -6.20 -7.83 16.33
N VAL B 360 -5.10 -8.45 15.92
CA VAL B 360 -3.75 -8.02 16.25
C VAL B 360 -3.12 -7.50 14.97
N LEU B 361 -2.44 -6.35 15.05
CA LEU B 361 -2.03 -5.66 13.84
C LEU B 361 -0.52 -5.42 13.72
N ASN B 362 0.22 -5.32 14.82
CA ASN B 362 1.64 -5.02 14.70
C ASN B 362 2.40 -6.24 14.19
N LYS B 363 3.47 -5.98 13.44
CA LYS B 363 4.22 -7.02 12.73
C LYS B 363 5.57 -7.32 13.36
N VAL B 364 5.70 -7.18 14.68
CA VAL B 364 6.96 -7.51 15.33
C VAL B 364 7.23 -9.02 15.22
N GLY B 365 6.20 -9.83 15.43
CA GLY B 365 6.38 -11.28 15.31
C GLY B 365 6.71 -11.72 13.90
N ASP B 366 6.10 -11.06 12.90
CA ASP B 366 6.35 -11.41 11.51
C ASP B 366 7.79 -11.08 11.10
N GLU B 367 8.32 -9.94 11.55
CA GLU B 367 9.71 -9.60 11.25
C GLU B 367 10.67 -10.58 11.89
N ILE B 368 10.35 -11.05 13.10
CA ILE B 368 11.19 -12.06 13.75
C ILE B 368 11.16 -13.36 12.94
N VAL B 369 9.98 -13.76 12.48
CA VAL B 369 9.87 -14.97 11.67
C VAL B 369 10.65 -14.83 10.38
N ASP B 370 10.45 -13.70 9.68
CA ASP B 370 11.17 -13.46 8.43
C ASP B 370 12.67 -13.44 8.64
N ARG B 371 13.13 -12.88 9.76
CA ARG B 371 14.56 -12.84 10.03
C ARG B 371 15.12 -14.23 10.31
N ILE B 372 14.38 -15.04 11.07
CA ILE B 372 14.83 -16.40 11.35
C ILE B 372 14.83 -17.24 10.09
N LEU B 373 13.78 -17.11 9.26
CA LEU B 373 13.74 -17.86 8.01
C LEU B 373 14.86 -17.43 7.08
N LYS B 374 15.21 -16.14 7.08
CA LYS B 374 16.30 -15.65 6.23
C LYS B 374 17.64 -16.20 6.70
N ALA B 375 17.87 -16.23 8.02
CA ALA B 375 19.10 -16.80 8.53
C ALA B 375 19.16 -18.29 8.27
N HIS B 376 18.02 -18.97 8.39
CA HIS B 376 17.96 -20.40 8.12
C HIS B 376 18.24 -20.71 6.65
N LYS B 377 17.67 -19.93 5.73
CA LYS B 377 17.95 -20.17 4.32
C LYS B 377 19.41 -19.90 3.99
N GLN B 378 19.99 -18.87 4.59
CA GLN B 378 21.41 -18.55 4.37
C GLN B 378 22.33 -19.33 5.29
N GLY B 379 21.80 -20.26 6.09
CA GLY B 379 22.61 -21.12 6.94
C GLY B 379 23.50 -20.39 7.92
N TRP B 380 23.09 -19.20 8.34
CA TRP B 380 23.87 -18.41 9.29
C TRP B 380 23.41 -18.66 10.72
N CYS B 381 24.26 -18.29 11.67
CA CYS B 381 24.00 -18.49 13.10
C CYS B 381 23.21 -17.31 13.65
N TYR B 382 21.94 -17.56 14.00
CA TYR B 382 21.05 -16.53 14.50
C TYR B 382 20.24 -17.07 15.68
N ARG B 383 20.13 -16.28 16.73
CA ARG B 383 19.41 -16.66 17.94
C ARG B 383 18.43 -15.56 18.33
N VAL B 384 17.30 -15.95 18.92
CA VAL B 384 16.32 -15.01 19.46
C VAL B 384 15.99 -15.46 20.87
N TYR B 385 16.36 -14.64 21.86
CA TYR B 385 16.03 -14.89 23.26
C TYR B 385 14.84 -14.03 23.64
N VAL B 386 13.75 -14.66 24.05
CA VAL B 386 12.55 -13.95 24.50
C VAL B 386 12.31 -14.29 25.96
N LEU B 387 12.30 -13.28 26.81
CA LEU B 387 12.08 -13.43 28.24
C LEU B 387 10.75 -12.79 28.59
N LEU B 388 9.82 -13.58 29.10
CA LEU B 388 8.50 -13.09 29.44
C LEU B 388 8.13 -13.51 30.85
N PRO B 389 7.27 -12.75 31.52
CA PRO B 389 6.77 -13.21 32.82
C PRO B 389 5.95 -14.48 32.64
N LEU B 390 6.14 -15.42 33.57
CA LEU B 390 5.44 -16.70 33.49
C LEU B 390 3.93 -16.52 33.52
N LEU B 391 3.45 -15.50 34.21
CA LEU B 391 2.04 -15.15 34.25
C LEU B 391 1.90 -13.64 34.14
N PRO B 392 0.79 -13.17 33.58
CA PRO B 392 0.55 -11.73 33.53
C PRO B 392 0.27 -11.15 34.90
N GLY B 393 0.69 -9.90 35.09
CA GLY B 393 0.57 -9.25 36.38
C GLY B 393 -0.83 -8.78 36.72
N PHE B 394 -1.76 -9.72 36.90
CA PHE B 394 -3.13 -9.41 37.28
C PHE B 394 -3.54 -10.28 38.45
N GLU B 395 -4.44 -9.77 39.29
CA GLU B 395 -4.96 -10.55 40.39
C GLU B 395 -5.83 -11.68 39.84
N GLY B 396 -5.49 -12.91 40.19
CA GLY B 396 -6.27 -14.05 39.74
C GLY B 396 -5.88 -15.30 40.49
N ASP B 397 -6.80 -16.26 40.49
CA ASP B 397 -6.59 -17.54 41.16
C ASP B 397 -6.03 -18.52 40.13
N ILE B 398 -4.71 -18.74 40.19
CA ILE B 398 -4.06 -19.64 39.24
C ILE B 398 -4.56 -21.06 39.39
N SER B 399 -4.95 -21.47 40.60
CA SER B 399 -5.40 -22.84 40.83
C SER B 399 -6.68 -23.18 40.08
N THR B 400 -7.45 -22.18 39.66
CA THR B 400 -8.64 -22.39 38.86
C THR B 400 -8.41 -22.12 37.37
N GLY B 401 -7.20 -21.72 36.98
CA GLY B 401 -6.91 -21.33 35.63
C GLY B 401 -6.73 -19.84 35.41
N GLY B 402 -6.72 -19.05 36.47
CA GLY B 402 -6.57 -17.61 36.35
C GLY B 402 -7.90 -16.93 36.14
N GLY B 403 -7.88 -15.60 36.27
CA GLY B 403 -9.07 -14.82 36.06
C GLY B 403 -9.32 -14.56 34.59
N ASN B 404 -10.31 -13.70 34.32
CA ASN B 404 -10.64 -13.37 32.94
C ASN B 404 -9.49 -12.63 32.27
N SER B 405 -8.85 -11.70 33.00
CA SER B 405 -7.73 -10.96 32.42
C SER B 405 -6.57 -11.89 32.12
N ILE B 406 -6.19 -12.74 33.07
CA ILE B 406 -5.06 -13.66 32.87
C ILE B 406 -5.29 -14.56 31.66
N GLN B 407 -6.51 -15.09 31.51
CA GLN B 407 -6.78 -16.03 30.43
C GLN B 407 -6.81 -15.34 29.08
N ALA B 408 -7.40 -14.14 29.00
CA ALA B 408 -7.49 -13.44 27.73
C ALA B 408 -6.11 -13.11 27.18
N ILE B 409 -5.22 -12.64 28.04
CA ILE B 409 -3.88 -12.26 27.60
C ILE B 409 -3.03 -13.49 27.27
N LEU B 410 -3.15 -14.57 28.05
CA LEU B 410 -2.42 -15.79 27.72
C LEU B 410 -2.84 -16.33 26.36
N HIS B 411 -4.11 -16.12 25.98
CA HIS B 411 -4.58 -16.54 24.67
C HIS B 411 -3.78 -15.84 23.56
N PHE B 412 -3.71 -14.51 23.60
CA PHE B 412 -3.02 -13.80 22.53
C PHE B 412 -1.51 -14.04 22.58
N THR B 413 -0.95 -14.32 23.76
CA THR B 413 0.46 -14.69 23.85
C THR B 413 0.71 -16.03 23.19
N TYR B 414 -0.08 -17.05 23.54
CA TYR B 414 0.10 -18.36 22.93
C TYR B 414 -0.26 -18.37 21.46
N ARG B 415 -1.26 -17.59 21.06
CA ARG B 415 -1.55 -17.45 19.64
C ARG B 415 -0.42 -16.77 18.88
N THR B 416 0.43 -16.02 19.60
CA THR B 416 1.58 -15.38 18.96
C THR B 416 2.72 -16.37 18.76
N LEU B 417 2.93 -17.27 19.72
CA LEU B 417 4.12 -18.11 19.71
C LEU B 417 3.89 -19.45 19.00
N CYS B 418 2.93 -20.24 19.48
CA CYS B 418 2.84 -21.62 19.02
C CYS B 418 1.45 -22.12 18.66
N ARG B 419 0.39 -21.35 18.88
CA ARG B 419 -0.97 -21.83 18.63
C ARG B 419 -1.59 -21.05 17.47
N GLY B 420 -2.13 -21.77 16.50
CA GLY B 420 -2.67 -21.18 15.29
C GLY B 420 -1.66 -21.18 14.16
N GLU B 421 -2.15 -20.82 12.97
CA GLU B 421 -1.29 -20.77 11.79
C GLU B 421 -0.51 -19.47 11.68
N TYR B 422 -0.85 -18.44 12.45
CA TYR B 422 -0.08 -17.21 12.49
C TYR B 422 1.06 -17.26 13.49
N SER B 423 1.08 -18.24 14.38
CA SER B 423 2.07 -18.27 15.45
C SER B 423 3.47 -18.41 14.88
N ILE B 424 4.45 -17.92 15.64
CA ILE B 424 5.83 -17.95 15.21
C ILE B 424 6.31 -19.39 15.00
N LEU B 425 6.00 -20.27 15.97
CA LEU B 425 6.54 -21.62 15.93
C LEU B 425 5.89 -22.46 14.84
N HIS B 426 4.57 -22.30 14.65
CA HIS B 426 3.90 -23.04 13.59
C HIS B 426 4.46 -22.67 12.22
N ARG B 427 4.73 -21.38 12.00
CA ARG B 427 5.33 -20.95 10.75
C ARG B 427 6.77 -21.42 10.63
N LEU B 428 7.52 -21.45 11.74
CA LEU B 428 8.89 -21.93 11.69
C LEU B 428 8.95 -23.44 11.46
N LYS B 429 8.07 -24.19 12.15
CA LYS B 429 8.04 -25.63 11.96
C LYS B 429 7.65 -25.99 10.52
N ALA B 430 6.82 -25.16 9.88
CA ALA B 430 6.43 -25.43 8.50
C ALA B 430 7.63 -25.38 7.56
N ALA B 431 8.61 -24.52 7.86
CA ALA B 431 9.75 -24.31 6.97
C ALA B 431 10.98 -25.14 7.36
N MET B 432 11.18 -25.41 8.65
CA MET B 432 12.38 -26.11 9.10
C MET B 432 12.09 -27.26 10.04
N GLY B 433 10.83 -27.52 10.39
CA GLY B 433 10.52 -28.66 11.24
C GLY B 433 11.05 -28.46 12.64
N THR B 434 11.67 -29.51 13.18
CA THR B 434 12.20 -29.48 14.54
C THR B 434 13.39 -28.54 14.70
N ALA B 435 13.94 -28.02 13.61
CA ALA B 435 15.10 -27.16 13.67
C ALA B 435 14.80 -25.78 14.27
N TRP B 436 13.55 -25.49 14.57
CA TRP B 436 13.19 -24.19 15.11
C TRP B 436 13.84 -23.93 16.46
N ARG B 437 14.11 -24.98 17.23
CA ARG B 437 14.71 -24.80 18.55
C ARG B 437 16.12 -24.24 18.49
N ASP B 438 16.76 -24.24 17.33
CA ASP B 438 18.11 -23.71 17.19
C ASP B 438 18.14 -22.19 17.02
N TYR B 439 16.99 -21.56 16.77
CA TYR B 439 16.94 -20.12 16.50
C TYR B 439 16.16 -19.32 17.53
N ILE B 440 15.29 -19.94 18.31
CA ILE B 440 14.41 -19.21 19.22
C ILE B 440 14.33 -19.95 20.55
N SER B 441 14.32 -19.19 21.63
CA SER B 441 14.21 -19.72 22.98
C SER B 441 13.25 -18.83 23.76
N ILE B 442 12.20 -19.43 24.32
CA ILE B 442 11.17 -18.70 25.05
C ILE B 442 11.27 -19.11 26.52
N CYS B 443 11.51 -18.15 27.40
CA CYS B 443 11.75 -18.44 28.81
C CYS B 443 11.05 -17.44 29.71
N GLY B 444 11.04 -17.76 31.00
CA GLY B 444 10.55 -16.89 32.06
C GLY B 444 11.51 -16.90 33.22
N LEU B 445 11.16 -16.27 34.33
CA LEU B 445 12.02 -16.21 35.50
C LEU B 445 11.26 -16.65 36.74
N ARG B 446 11.93 -17.40 37.60
CA ARG B 446 11.35 -17.87 38.85
C ARG B 446 12.46 -17.98 39.90
N THR B 447 12.08 -17.78 41.15
CA THR B 447 13.00 -17.87 42.27
C THR B 447 12.33 -18.59 43.43
N HIS B 448 13.12 -18.93 44.44
CA HIS B 448 12.60 -19.57 45.64
C HIS B 448 13.27 -18.97 46.86
N GLY B 449 12.57 -19.10 47.99
CA GLY B 449 13.04 -18.61 49.28
C GLY B 449 12.48 -19.45 50.41
N GLU B 450 12.46 -18.91 51.63
CA GLU B 450 11.93 -19.62 52.78
C GLU B 450 10.91 -18.74 53.50
N LEU B 451 9.73 -19.29 53.76
CA LEU B 451 8.68 -18.57 54.47
C LEU B 451 7.81 -19.57 55.22
N GLY B 452 7.67 -19.37 56.53
CA GLY B 452 6.86 -20.26 57.34
C GLY B 452 7.50 -21.60 57.63
N GLY B 453 8.84 -21.69 57.57
CA GLY B 453 9.53 -22.91 57.86
C GLY B 453 9.68 -23.89 56.72
N HIS B 454 9.27 -23.52 55.51
CA HIS B 454 9.34 -24.41 54.36
C HIS B 454 9.71 -23.58 53.13
N PRO B 455 10.24 -24.22 52.09
CA PRO B 455 10.56 -23.47 50.86
C PRO B 455 9.31 -22.90 50.22
N VAL B 456 9.45 -21.71 49.66
CA VAL B 456 8.40 -21.05 48.88
C VAL B 456 9.01 -20.64 47.55
N SER B 457 8.15 -20.53 46.55
CA SER B 457 8.55 -20.16 45.20
C SER B 457 7.62 -19.08 44.67
N GLU B 458 8.17 -18.22 43.82
CA GLU B 458 7.38 -17.21 43.15
C GLU B 458 8.10 -16.81 41.88
N LEU B 459 7.33 -16.48 40.86
CA LEU B 459 7.92 -16.00 39.62
C LEU B 459 8.45 -14.58 39.81
N ILE B 460 9.50 -14.26 39.06
CA ILE B 460 10.03 -12.91 39.00
C ILE B 460 9.33 -12.20 37.84
N TYR B 461 8.59 -11.14 38.14
CA TYR B 461 7.76 -10.48 37.13
C TYR B 461 8.64 -9.64 36.22
N ILE B 462 8.73 -10.04 34.96
CA ILE B 462 9.51 -9.32 33.96
C ILE B 462 8.63 -8.19 33.44
N HIS B 463 8.82 -6.99 33.99
CA HIS B 463 8.14 -5.80 33.52
C HIS B 463 9.02 -4.99 32.57
N SER B 464 10.20 -5.50 32.24
CA SER B 464 11.10 -4.80 31.34
C SER B 464 10.48 -4.67 29.96
N LYS B 465 10.96 -3.67 29.21
CA LYS B 465 10.59 -3.45 27.82
C LYS B 465 11.88 -3.13 27.06
N VAL B 466 12.70 -4.16 26.83
CA VAL B 466 14.03 -3.96 26.27
C VAL B 466 14.24 -4.93 25.12
N LEU B 467 14.95 -4.45 24.10
CA LEU B 467 15.40 -5.26 22.98
C LEU B 467 16.89 -5.01 22.83
N ILE B 468 17.67 -6.07 22.70
CA ILE B 468 19.10 -5.98 22.47
C ILE B 468 19.40 -6.72 21.17
N ALA B 469 20.21 -6.11 20.32
CA ALA B 469 20.54 -6.68 19.02
C ALA B 469 22.04 -6.61 18.81
N ASP B 470 22.64 -7.77 18.53
CA ASP B 470 24.02 -7.90 18.08
C ASP B 470 25.03 -7.27 19.03
N ASP B 471 24.65 -7.08 20.30
CA ASP B 471 25.53 -6.46 21.30
C ASP B 471 25.94 -5.06 20.91
N ARG B 472 25.13 -4.39 20.07
CA ARG B 472 25.46 -3.05 19.61
C ARG B 472 24.30 -2.07 19.73
N THR B 473 23.06 -2.57 19.68
CA THR B 473 21.87 -1.74 19.63
C THR B 473 20.91 -2.13 20.74
N VAL B 474 20.34 -1.14 21.42
CA VAL B 474 19.40 -1.36 22.52
C VAL B 474 18.23 -0.40 22.38
N ILE B 475 17.03 -0.88 22.73
CA ILE B 475 15.84 -0.05 22.85
C ILE B 475 15.30 -0.22 24.27
N ILE B 476 15.18 0.89 25.00
CA ILE B 476 14.62 0.89 26.34
C ILE B 476 13.48 1.89 26.38
N GLY B 477 12.36 1.49 26.97
CA GLY B 477 11.22 2.36 27.03
C GLY B 477 10.08 1.73 27.80
N SER B 478 8.89 2.30 27.61
CA SER B 478 7.67 1.85 28.28
C SER B 478 6.79 0.97 27.39
N ALA B 479 7.16 0.78 26.12
CA ALA B 479 6.28 0.12 25.17
C ALA B 479 6.34 -1.39 25.31
N ASN B 480 5.20 -2.01 25.55
CA ASN B 480 5.11 -3.46 25.51
C ASN B 480 5.01 -3.93 24.05
N ILE B 481 5.33 -5.21 23.84
CA ILE B 481 5.18 -5.77 22.50
C ILE B 481 3.74 -6.20 22.31
N ASN B 482 2.89 -5.23 22.00
CA ASN B 482 1.49 -5.46 21.71
C ASN B 482 0.99 -4.28 20.89
N ASP B 483 -0.25 -4.38 20.41
CA ASP B 483 -0.82 -3.29 19.63
C ASP B 483 -1.02 -2.04 20.49
N ARG B 484 -1.30 -2.22 21.78
CA ARG B 484 -1.62 -1.09 22.66
C ARG B 484 -0.46 -0.11 22.76
N SER B 485 0.76 -0.62 22.78
CA SER B 485 1.94 0.22 22.92
C SER B 485 2.50 0.65 21.58
N LEU B 486 2.52 -0.25 20.59
CA LEU B 486 3.26 -0.03 19.36
C LEU B 486 2.47 0.72 18.29
N LEU B 487 1.13 0.63 18.30
CA LEU B 487 0.35 1.23 17.23
C LEU B 487 0.37 2.76 17.29
N GLY B 488 0.52 3.34 18.47
CA GLY B 488 0.53 4.78 18.64
C GLY B 488 -0.84 5.41 18.79
N LYS B 489 -1.82 4.89 18.05
CA LYS B 489 -3.18 5.40 18.14
C LYS B 489 -3.86 5.06 19.46
N ARG B 490 -3.25 4.21 20.29
CA ARG B 490 -3.87 3.81 21.54
C ARG B 490 -3.13 4.41 22.73
N ASP B 491 -2.47 3.58 23.54
CA ASP B 491 -1.72 4.08 24.67
C ASP B 491 -0.56 4.95 24.21
N SER B 492 -0.22 5.96 25.01
CA SER B 492 0.97 6.76 24.75
C SER B 492 2.17 6.15 25.45
N GLU B 493 3.28 6.03 24.71
CA GLU B 493 4.48 5.35 25.18
C GLU B 493 5.72 6.16 24.81
N LEU B 494 6.81 5.86 25.50
CA LEU B 494 8.12 6.46 25.22
C LEU B 494 9.18 5.36 25.10
N ALA B 495 10.24 5.68 24.37
CA ALA B 495 11.40 4.80 24.26
C ALA B 495 12.59 5.60 23.76
N VAL B 496 13.78 5.01 23.89
CA VAL B 496 15.00 5.56 23.31
C VAL B 496 15.73 4.45 22.57
N LEU B 497 16.29 4.80 21.41
CA LEU B 497 17.14 3.90 20.64
C LEU B 497 18.59 4.26 20.91
N ILE B 498 19.35 3.32 21.46
CA ILE B 498 20.73 3.56 21.88
C ILE B 498 21.64 2.73 21.00
N GLU B 499 22.47 3.41 20.20
CA GLU B 499 23.42 2.77 19.32
C GLU B 499 24.85 3.07 19.80
N ASP B 500 25.69 2.05 19.84
CA ASP B 500 27.04 2.19 20.35
C ASP B 500 28.00 2.70 19.28
N THR B 501 28.84 3.66 19.67
CA THR B 501 29.94 4.11 18.82
C THR B 501 31.30 3.69 19.33
N GLU B 502 31.38 3.14 20.54
CA GLU B 502 32.61 2.69 21.15
C GLU B 502 32.49 1.20 21.45
N THR B 503 33.56 0.44 21.23
CA THR B 503 33.50 -1.02 21.21
C THR B 503 34.48 -1.62 22.21
N GLU B 504 34.32 -2.94 22.43
CA GLU B 504 35.19 -3.77 23.24
C GLU B 504 35.48 -5.07 22.50
N PRO B 505 36.61 -5.72 22.78
CA PRO B 505 36.85 -7.04 22.21
C PRO B 505 35.88 -8.04 22.80
N SER B 506 35.20 -8.79 21.93
CA SER B 506 34.22 -9.78 22.37
C SER B 506 34.22 -10.93 21.36
N LEU B 507 33.21 -11.78 21.46
CA LEU B 507 33.08 -12.94 20.59
C LEU B 507 31.68 -13.00 19.99
N MET B 508 31.58 -13.58 18.80
CA MET B 508 30.31 -13.79 18.12
C MET B 508 30.45 -15.07 17.30
N ASN B 509 29.80 -16.14 17.78
CA ASN B 509 29.93 -17.48 17.20
C ASN B 509 31.40 -17.88 17.09
N GLY B 510 32.14 -17.63 18.18
CA GLY B 510 33.53 -18.00 18.26
C GLY B 510 34.50 -17.12 17.49
N ALA B 511 34.03 -16.05 16.87
CA ALA B 511 34.89 -15.15 16.10
C ALA B 511 35.11 -13.85 16.86
N GLU B 512 36.23 -13.20 16.57
CA GLU B 512 36.53 -11.93 17.21
C GLU B 512 35.51 -10.89 16.77
N TYR B 513 34.93 -10.18 17.73
CA TYR B 513 33.80 -9.30 17.49
C TYR B 513 33.95 -8.05 18.33
N GLN B 514 33.74 -6.89 17.70
CA GLN B 514 33.80 -5.61 18.40
C GLN B 514 32.38 -5.26 18.82
N ALA B 515 32.08 -5.49 20.09
CA ALA B 515 30.75 -5.25 20.64
C ALA B 515 30.68 -3.88 21.30
N GLY B 516 29.50 -3.27 21.22
CA GLY B 516 29.33 -1.95 21.80
C GLY B 516 29.34 -2.01 23.32
N ARG B 517 29.95 -0.99 23.94
CA ARG B 517 30.12 -1.00 25.38
C ARG B 517 28.80 -0.90 26.12
N PHE B 518 27.89 -0.03 25.66
CA PHE B 518 26.60 0.09 26.31
C PHE B 518 25.80 -1.20 26.21
N ALA B 519 25.69 -1.75 25.00
CA ALA B 519 24.85 -2.92 24.77
C ALA B 519 25.45 -4.17 25.40
N LEU B 520 26.76 -4.38 25.24
CA LEU B 520 27.37 -5.61 25.73
C LEU B 520 27.32 -5.67 27.26
N SER B 521 27.60 -4.55 27.93
CA SER B 521 27.53 -4.52 29.38
C SER B 521 26.12 -4.84 29.86
N LEU B 522 25.11 -4.30 29.15
CA LEU B 522 23.73 -4.55 29.52
C LEU B 522 23.36 -6.02 29.30
N ARG B 523 23.73 -6.58 28.15
CA ARG B 523 23.38 -7.96 27.85
C ARG B 523 24.08 -8.93 28.80
N LYS B 524 25.35 -8.70 29.10
CA LYS B 524 26.07 -9.59 30.01
C LYS B 524 25.48 -9.55 31.40
N HIS B 525 25.11 -8.36 31.88
CA HIS B 525 24.49 -8.24 33.19
C HIS B 525 23.17 -8.98 33.25
N CYS B 526 22.38 -8.91 32.18
CA CYS B 526 21.12 -9.64 32.12
C CYS B 526 21.36 -11.15 32.13
N PHE B 527 22.32 -11.61 31.32
CA PHE B 527 22.63 -13.03 31.29
C PHE B 527 23.16 -13.52 32.64
N GLY B 528 24.04 -12.74 33.25
CA GLY B 528 24.68 -13.19 34.49
C GLY B 528 23.70 -13.33 35.63
N VAL B 529 22.82 -12.34 35.81
CA VAL B 529 21.83 -12.41 36.87
C VAL B 529 20.83 -13.53 36.60
N ILE B 530 20.44 -13.70 35.34
CA ILE B 530 19.46 -14.72 35.00
C ILE B 530 20.04 -16.12 35.20
N LEU B 531 21.28 -16.32 34.78
CA LEU B 531 21.93 -17.63 34.86
C LEU B 531 22.64 -17.86 36.20
N GLY B 532 22.65 -16.87 37.09
CA GLY B 532 23.33 -17.00 38.35
C GLY B 532 24.83 -17.13 38.21
N ALA B 533 25.44 -16.30 37.37
CA ALA B 533 26.87 -16.37 37.12
C ALA B 533 27.69 -16.03 38.36
N ASN B 534 27.08 -15.35 39.35
CA ASN B 534 27.78 -15.05 40.58
C ASN B 534 28.24 -16.33 41.29
N THR B 535 27.44 -17.40 41.20
CA THR B 535 27.79 -18.67 41.82
C THR B 535 28.54 -19.60 40.89
N ARG B 536 28.65 -19.28 39.61
CA ARG B 536 29.36 -20.11 38.64
C ARG B 536 30.24 -19.23 37.77
N PRO B 537 31.41 -18.83 38.27
CA PRO B 537 32.31 -17.97 37.48
C PRO B 537 32.90 -18.68 36.26
N ASP B 538 32.76 -20.00 36.17
CA ASP B 538 33.25 -20.73 35.01
C ASP B 538 32.46 -20.42 33.75
N LEU B 539 31.27 -19.85 33.88
CA LEU B 539 30.44 -19.56 32.72
C LEU B 539 31.01 -18.39 31.94
N ASP B 540 31.17 -18.58 30.63
CA ASP B 540 31.67 -17.54 29.74
C ASP B 540 30.49 -16.90 29.02
N LEU B 541 30.29 -15.61 29.24
CA LEU B 541 29.19 -14.87 28.64
C LEU B 541 29.65 -13.99 27.47
N ARG B 542 30.86 -14.18 26.97
CA ARG B 542 31.34 -13.36 25.87
C ARG B 542 30.56 -13.62 24.58
N ASP B 543 30.32 -14.89 24.26
CA ASP B 543 29.68 -15.26 23.01
C ASP B 543 28.21 -15.56 23.26
N PRO B 544 27.29 -14.81 22.66
CA PRO B 544 25.86 -15.05 22.91
C PRO B 544 25.17 -15.96 21.91
N ILE B 545 25.85 -16.46 20.88
CA ILE B 545 25.18 -17.21 19.83
C ILE B 545 25.84 -18.56 19.54
N CYS B 546 27.01 -18.81 20.12
CA CYS B 546 27.70 -20.06 19.83
C CYS B 546 26.93 -21.26 20.39
N ASP B 547 27.16 -22.43 19.79
CA ASP B 547 26.36 -23.60 20.11
C ASP B 547 26.52 -24.02 21.57
N ASP B 548 27.74 -23.91 22.12
CA ASP B 548 27.96 -24.34 23.49
C ASP B 548 27.17 -23.49 24.47
N PHE B 549 27.12 -22.17 24.26
CA PHE B 549 26.35 -21.34 25.16
C PHE B 549 24.86 -21.53 24.95
N PHE B 550 24.41 -21.59 23.69
CA PHE B 550 22.98 -21.73 23.42
C PHE B 550 22.41 -23.01 24.01
N GLN B 551 23.11 -24.13 23.85
CA GLN B 551 22.61 -25.37 24.44
C GLN B 551 22.65 -25.30 25.97
N LEU B 552 23.70 -24.70 26.53
CA LEU B 552 23.74 -24.49 27.97
C LEU B 552 22.59 -23.61 28.42
N TRP B 553 22.23 -22.61 27.60
CA TRP B 553 21.06 -21.79 27.88
C TRP B 553 19.81 -22.65 27.90
N GLN B 554 19.66 -23.51 26.89
CA GLN B 554 18.47 -24.35 26.81
C GLN B 554 18.46 -25.38 27.94
N ASP B 555 19.64 -25.92 28.28
CA ASP B 555 19.71 -26.95 29.31
C ASP B 555 19.33 -26.40 30.68
N MET B 556 19.84 -25.21 31.03
CA MET B 556 19.53 -24.64 32.34
C MET B 556 18.05 -24.30 32.47
N ALA B 557 17.47 -23.72 31.41
CA ALA B 557 16.06 -23.37 31.46
C ALA B 557 15.18 -24.61 31.61
N GLU B 558 15.49 -25.67 30.87
CA GLU B 558 14.74 -26.91 31.02
C GLU B 558 14.97 -27.54 32.39
N SER B 559 16.23 -27.58 32.82
CA SER B 559 16.56 -28.20 34.11
C SER B 559 15.88 -27.47 35.27
N ASN B 560 15.98 -26.14 35.30
CA ASN B 560 15.38 -25.38 36.39
C ASN B 560 13.87 -25.54 36.41
N ALA B 561 13.23 -25.49 35.24
CA ALA B 561 11.78 -25.68 35.17
C ALA B 561 11.38 -27.07 35.65
N ASN B 562 12.25 -28.06 35.43
CA ASN B 562 11.96 -29.41 35.90
C ASN B 562 12.02 -29.49 37.42
N ILE B 563 12.99 -28.81 38.03
CA ILE B 563 13.12 -28.86 39.49
C ILE B 563 11.98 -28.11 40.17
N TYR B 564 11.63 -26.93 39.65
CA TYR B 564 10.57 -26.14 40.29
C TYR B 564 9.22 -26.86 40.21
N GLU B 565 8.90 -27.47 39.07
CA GLU B 565 7.69 -28.28 38.97
C GLU B 565 7.71 -29.42 39.97
N GLN B 566 8.78 -30.23 39.96
CA GLN B 566 8.84 -31.40 40.84
C GLN B 566 8.77 -31.00 42.31
N ILE B 567 9.39 -29.87 42.68
CA ILE B 567 9.42 -29.47 44.08
C ILE B 567 8.16 -28.70 44.46
N PHE B 568 7.75 -27.73 43.63
CA PHE B 568 6.66 -26.83 43.99
C PHE B 568 5.34 -27.15 43.29
N ARG B 569 5.37 -27.89 42.19
CA ARG B 569 4.18 -28.12 41.36
C ARG B 569 3.50 -26.80 41.04
N CYS B 570 4.32 -25.78 40.78
CA CYS B 570 3.83 -24.43 40.55
C CYS B 570 3.26 -24.30 39.14
N LEU B 571 2.42 -23.30 38.97
CA LEU B 571 1.83 -23.02 37.67
C LEU B 571 2.28 -21.64 37.20
N PRO B 572 2.37 -21.41 35.89
CA PRO B 572 2.00 -22.30 34.79
C PRO B 572 3.00 -23.44 34.57
N SER B 573 2.53 -24.52 33.94
CA SER B 573 3.36 -25.70 33.74
C SER B 573 2.82 -26.47 32.54
N ASN B 574 3.69 -27.27 31.94
CA ASN B 574 3.30 -28.17 30.87
C ASN B 574 2.55 -29.40 31.38
N ALA B 575 2.42 -29.55 32.69
CA ALA B 575 1.75 -30.71 33.26
C ALA B 575 0.23 -30.60 33.20
N THR B 576 -0.31 -29.40 33.07
CA THR B 576 -1.76 -29.17 33.07
C THR B 576 -2.14 -28.57 31.72
N ARG B 577 -2.50 -29.45 30.79
CA ARG B 577 -2.90 -29.04 29.45
C ARG B 577 -4.39 -28.80 29.31
N SER B 578 -5.17 -28.99 30.38
CA SER B 578 -6.61 -28.74 30.36
C SER B 578 -7.05 -28.26 31.73
N LEU B 579 -8.24 -27.65 31.79
CA LEU B 579 -8.76 -27.18 33.07
C LEU B 579 -9.11 -28.33 34.00
N ARG B 580 -9.57 -29.46 33.46
CA ARG B 580 -9.99 -30.56 34.31
C ARG B 580 -8.78 -31.25 34.95
N THR B 581 -7.71 -31.46 34.18
CA THR B 581 -6.48 -31.95 34.79
C THR B 581 -5.89 -30.92 35.74
N LEU B 582 -6.11 -29.64 35.49
CA LEU B 582 -5.61 -28.60 36.39
C LEU B 582 -6.29 -28.66 37.75
N ARG B 583 -7.62 -28.81 37.75
CA ARG B 583 -8.35 -28.88 39.02
C ARG B 583 -7.94 -30.11 39.82
N GLU B 584 -7.63 -31.21 39.13
CA GLU B 584 -7.12 -32.39 39.81
C GLU B 584 -5.63 -32.25 40.14
N TYR B 585 -4.88 -31.50 39.31
CA TYR B 585 -3.44 -31.35 39.55
C TYR B 585 -3.17 -30.61 40.85
N VAL B 586 -3.92 -29.53 41.11
CA VAL B 586 -3.69 -28.66 42.25
C VAL B 586 -4.17 -29.35 43.53
N ALA B 587 -4.78 -30.52 43.39
CA ALA B 587 -5.27 -31.26 44.55
C ALA B 587 -4.14 -31.88 45.37
N VAL B 588 -2.98 -32.09 44.77
CA VAL B 588 -1.86 -32.74 45.43
C VAL B 588 -1.03 -31.71 46.17
N GLU B 589 -0.56 -32.05 47.36
CA GLU B 589 0.30 -31.15 48.12
C GLU B 589 1.74 -31.28 47.65
N PRO B 590 2.43 -30.17 47.38
CA PRO B 590 3.79 -30.25 46.84
C PRO B 590 4.80 -30.65 47.91
N LEU B 591 5.93 -31.20 47.42
CA LEU B 591 6.99 -31.64 48.31
C LEU B 591 7.54 -30.53 49.18
N ALA B 592 7.40 -29.27 48.76
CA ALA B 592 7.92 -28.14 49.53
C ALA B 592 7.29 -28.08 50.92
N THR B 593 5.99 -28.34 51.02
CA THR B 593 5.34 -28.36 52.33
C THR B 593 5.29 -29.76 52.94
N VAL B 594 5.31 -30.80 52.11
CA VAL B 594 5.29 -32.17 52.60
C VAL B 594 6.56 -32.48 53.40
N SER B 595 7.72 -32.28 52.78
CA SER B 595 9.00 -32.56 53.44
C SER B 595 9.95 -31.43 53.08
N PRO B 596 9.92 -30.34 53.85
CA PRO B 596 10.81 -29.20 53.57
C PRO B 596 12.28 -29.57 53.53
N PRO B 597 12.76 -30.45 54.43
CA PRO B 597 14.18 -30.87 54.30
C PRO B 597 14.50 -31.49 52.95
N LEU B 598 13.66 -32.40 52.46
CA LEU B 598 13.93 -33.03 51.17
C LEU B 598 13.73 -32.04 50.03
N ALA B 599 12.85 -31.06 50.21
CA ALA B 599 12.67 -30.03 49.19
C ALA B 599 13.92 -29.18 49.05
N ARG B 600 14.50 -28.76 50.18
CA ARG B 600 15.70 -27.93 50.11
C ARG B 600 16.87 -28.66 49.48
N SER B 601 16.96 -29.98 49.68
CA SER B 601 18.06 -30.73 49.08
C SER B 601 17.98 -30.74 47.56
N GLU B 602 16.77 -30.74 47.00
CA GLU B 602 16.61 -30.76 45.56
C GLU B 602 16.64 -29.37 44.94
N LEU B 603 16.40 -28.33 45.73
CA LEU B 603 16.55 -26.96 45.25
C LEU B 603 18.01 -26.54 45.15
N THR B 604 18.93 -27.39 45.62
CA THR B 604 20.36 -27.13 45.49
C THR B 604 20.80 -27.20 44.02
N GLN B 605 20.05 -27.89 43.17
CA GLN B 605 20.42 -28.06 41.78
C GLN B 605 19.86 -26.96 40.88
N VAL B 606 19.19 -25.97 41.46
CA VAL B 606 18.72 -24.82 40.68
C VAL B 606 19.86 -23.83 40.53
N GLN B 607 20.14 -23.44 39.30
CA GLN B 607 21.18 -22.47 38.97
C GLN B 607 20.53 -21.30 38.24
N GLY B 608 20.57 -20.12 38.86
CA GLY B 608 19.95 -18.96 38.27
C GLY B 608 18.43 -19.00 38.41
N HIS B 609 17.77 -18.16 37.62
CA HIS B 609 16.32 -18.05 37.64
C HIS B 609 15.66 -18.44 36.34
N LEU B 610 16.42 -18.80 35.31
CA LEU B 610 15.85 -19.06 34.00
C LEU B 610 15.05 -20.35 33.99
N VAL B 611 13.80 -20.26 33.54
CA VAL B 611 12.94 -21.43 33.37
C VAL B 611 12.33 -21.37 31.98
N HIS B 612 12.13 -22.54 31.38
CA HIS B 612 11.48 -22.59 30.08
C HIS B 612 10.03 -22.13 30.21
N PHE B 613 9.57 -21.38 29.20
CA PHE B 613 8.20 -20.92 29.19
C PHE B 613 7.28 -22.08 28.78
N PRO B 614 6.28 -22.43 29.58
CA PRO B 614 5.43 -23.58 29.26
C PRO B 614 4.43 -23.25 28.16
N LEU B 615 4.70 -23.79 26.96
CA LEU B 615 3.87 -23.50 25.80
C LEU B 615 2.62 -24.35 25.72
N LYS B 616 2.52 -25.41 26.53
CA LYS B 616 1.38 -26.31 26.51
C LYS B 616 0.46 -26.13 27.71
N PHE B 617 0.59 -25.01 28.43
CA PHE B 617 -0.25 -24.79 29.61
C PHE B 617 -1.68 -24.52 29.18
N LEU B 618 -2.60 -25.39 29.63
CA LEU B 618 -4.01 -25.32 29.24
C LEU B 618 -4.16 -25.27 27.72
N GLU B 619 -3.34 -26.06 27.02
CA GLU B 619 -3.33 -26.04 25.56
C GLU B 619 -4.59 -26.63 24.95
N ASP B 620 -5.33 -27.47 25.69
CA ASP B 620 -6.54 -28.08 25.16
C ASP B 620 -7.76 -27.16 25.28
N GLU B 621 -7.59 -25.94 25.76
CA GLU B 621 -8.69 -25.01 25.97
C GLU B 621 -8.58 -23.83 25.00
N SER B 622 -9.64 -23.03 24.98
CA SER B 622 -9.68 -21.84 24.13
C SER B 622 -9.18 -20.60 24.84
N LEU B 623 -9.49 -20.46 26.13
CA LEU B 623 -8.97 -19.44 27.04
C LEU B 623 -9.60 -18.07 26.79
N LEU B 624 -10.69 -18.02 26.03
CA LEU B 624 -11.34 -16.77 25.65
C LEU B 624 -12.77 -16.70 26.14
N PRO B 625 -13.14 -15.70 26.94
CA PRO B 625 -14.53 -15.50 27.35
C PRO B 625 -15.47 -15.44 26.14
N GLY B 632 -19.34 -9.77 26.80
CA GLY B 632 -20.32 -9.37 25.80
C GLY B 632 -20.15 -7.96 25.29
N MET B 633 -19.73 -7.84 24.03
CA MET B 633 -19.55 -6.54 23.36
C MET B 633 -18.53 -5.67 24.10
N ILE B 634 -17.47 -6.31 24.60
CA ILE B 634 -16.28 -5.60 25.02
C ILE B 634 -15.23 -5.82 23.93
N PRO B 635 -14.52 -4.79 23.49
CA PRO B 635 -13.51 -5.01 22.45
C PRO B 635 -12.38 -5.89 22.96
N LEU B 636 -11.96 -6.83 22.10
CA LEU B 636 -10.82 -7.67 22.44
C LEU B 636 -9.53 -6.88 22.39
N GLU B 637 -9.57 -5.67 21.82
CA GLU B 637 -8.47 -4.73 21.84
C GLU B 637 -8.16 -4.22 23.25
N VAL B 638 -8.91 -4.64 24.26
CA VAL B 638 -8.49 -4.32 25.63
C VAL B 638 -7.16 -4.99 25.93
N TRP B 639 -6.92 -6.20 25.39
CA TRP B 639 -5.78 -7.02 25.77
C TRP B 639 -4.77 -7.29 24.68
N THR B 640 -4.94 -6.76 23.46
CA THR B 640 -4.01 -7.07 22.38
C THR B 640 -2.95 -5.99 22.22
N GLN C 26 -5.17 27.73 -53.78
CA GLN C 26 -6.41 27.00 -53.59
C GLN C 26 -6.13 25.62 -52.99
N LEU C 27 -5.90 24.63 -53.84
CA LEU C 27 -5.53 23.29 -53.41
C LEU C 27 -4.15 22.95 -53.96
N HIS C 28 -3.43 22.10 -53.23
CA HIS C 28 -2.03 21.82 -53.49
C HIS C 28 -1.90 20.41 -54.07
N ARG C 29 -0.76 19.76 -53.81
CA ARG C 29 -0.51 18.42 -54.34
C ARG C 29 -1.58 17.45 -53.87
N HIS C 30 -2.07 16.63 -54.81
CA HIS C 30 -3.14 15.67 -54.55
C HIS C 30 -4.43 16.34 -54.07
N ASP C 31 -4.64 17.59 -54.48
CA ASP C 31 -5.83 18.36 -54.14
C ASP C 31 -6.06 18.38 -52.62
N SER C 32 -5.01 18.71 -51.88
CA SER C 32 -5.05 18.79 -50.43
C SER C 32 -5.21 20.23 -49.95
N TYR C 33 -5.83 20.39 -48.78
CA TYR C 33 -5.97 21.71 -48.18
C TYR C 33 -4.63 22.27 -47.70
N ALA C 34 -3.59 21.44 -47.58
CA ALA C 34 -2.30 21.87 -47.09
C ALA C 34 -1.21 21.44 -48.07
N PRO C 35 -0.19 22.27 -48.26
CA PRO C 35 0.89 21.92 -49.18
C PRO C 35 1.96 21.11 -48.49
N PRO C 36 2.84 20.45 -49.24
CA PRO C 36 3.95 19.73 -48.60
C PRO C 36 4.87 20.69 -47.86
N ARG C 37 5.40 20.24 -46.73
CA ARG C 37 6.25 21.06 -45.87
C ARG C 37 7.65 20.45 -45.79
N PRO C 38 8.64 21.02 -46.48
CA PRO C 38 10.00 20.49 -46.39
C PRO C 38 10.65 20.82 -45.06
N GLY C 39 11.68 20.05 -44.72
CA GLY C 39 12.42 20.26 -43.49
C GLY C 39 11.62 19.97 -42.24
N THR C 40 10.69 19.03 -42.29
CA THR C 40 9.83 18.71 -41.15
C THR C 40 10.44 17.57 -40.35
N LEU C 41 10.45 17.71 -39.03
CA LEU C 41 10.88 16.65 -38.13
C LEU C 41 9.70 15.75 -37.82
N ALA C 42 9.82 14.48 -38.17
CA ALA C 42 8.76 13.49 -37.98
C ALA C 42 9.31 12.25 -37.33
N ARG C 43 8.54 11.66 -36.43
CA ARG C 43 8.89 10.42 -35.74
C ARG C 43 7.74 9.45 -35.86
N TRP C 44 8.01 8.23 -36.33
CA TRP C 44 6.98 7.21 -36.39
C TRP C 44 6.91 6.43 -35.08
N PHE C 45 5.74 5.85 -34.83
CA PHE C 45 5.50 5.00 -33.68
C PHE C 45 4.83 3.71 -34.11
N VAL C 46 5.24 2.60 -33.50
CA VAL C 46 4.64 1.30 -33.72
C VAL C 46 4.05 0.79 -32.40
N ASN C 47 2.83 0.26 -32.48
CA ASN C 47 2.04 -0.28 -31.37
C ASN C 47 1.35 0.79 -30.53
N GLY C 48 2.09 1.52 -29.69
CA GLY C 48 1.40 2.46 -28.83
C GLY C 48 2.02 2.68 -27.47
N ALA C 49 2.91 1.78 -27.05
CA ALA C 49 3.60 1.99 -25.79
C ALA C 49 4.40 3.28 -25.84
N GLY C 50 5.18 3.46 -26.91
CA GLY C 50 5.92 4.69 -27.09
C GLY C 50 5.03 5.85 -27.51
N TYR C 51 4.02 5.56 -28.33
CA TYR C 51 3.12 6.62 -28.80
C TYR C 51 2.38 7.27 -27.64
N PHE C 52 1.82 6.44 -26.75
CA PHE C 52 1.09 7.01 -25.61
C PHE C 52 2.03 7.69 -24.63
N ALA C 53 3.22 7.12 -24.42
CA ALA C 53 4.20 7.76 -23.56
C ALA C 53 4.66 9.09 -24.17
N ALA C 54 4.85 9.11 -25.49
CA ALA C 54 5.24 10.36 -26.16
C ALA C 54 4.15 11.40 -26.05
N VAL C 55 2.89 10.99 -26.21
CA VAL C 55 1.78 11.93 -26.07
C VAL C 55 1.76 12.52 -24.67
N ALA C 56 1.97 11.69 -23.65
CA ALA C 56 1.98 12.16 -22.28
C ALA C 56 3.09 13.19 -22.06
N ASP C 57 4.26 12.97 -22.67
CA ASP C 57 5.35 13.93 -22.54
C ASP C 57 5.00 15.26 -23.21
N ALA C 58 4.31 15.21 -24.35
CA ALA C 58 3.88 16.44 -25.00
C ALA C 58 2.79 17.14 -24.20
N ILE C 59 1.90 16.38 -23.57
CA ILE C 59 0.86 16.96 -22.73
C ILE C 59 1.49 17.71 -21.56
N LEU C 60 2.56 17.14 -20.99
CA LEU C 60 3.21 17.76 -19.84
C LEU C 60 3.83 19.11 -20.20
N ARG C 61 4.27 19.29 -21.44
CA ARG C 61 4.94 20.50 -21.87
C ARG C 61 3.99 21.52 -22.50
N ALA C 62 2.68 21.29 -22.44
CA ALA C 62 1.73 22.21 -23.04
C ALA C 62 1.72 23.53 -22.28
N GLN C 63 1.61 24.63 -23.03
CA GLN C 63 1.59 25.96 -22.42
C GLN C 63 0.28 26.70 -22.61
N GLU C 64 -0.41 26.51 -23.74
CA GLU C 64 -1.62 27.27 -24.02
C GLU C 64 -2.79 26.38 -24.42
N GLU C 65 -2.59 25.48 -25.38
CA GLU C 65 -3.69 24.78 -26.02
C GLU C 65 -3.37 23.30 -26.19
N ILE C 66 -4.44 22.50 -26.10
CA ILE C 66 -4.39 21.07 -26.42
C ILE C 66 -5.62 20.76 -27.26
N PHE C 67 -5.41 20.22 -28.46
CA PHE C 67 -6.49 19.82 -29.36
C PHE C 67 -6.52 18.30 -29.45
N ILE C 68 -7.72 17.73 -29.34
CA ILE C 68 -7.89 16.28 -29.39
C ILE C 68 -9.11 15.95 -30.26
N THR C 69 -8.90 15.11 -31.28
CA THR C 69 -9.99 14.46 -31.99
C THR C 69 -9.86 12.96 -31.79
N ASP C 70 -10.96 12.31 -31.42
CA ASP C 70 -10.96 10.88 -31.24
C ASP C 70 -12.29 10.29 -31.67
N TRP C 71 -12.22 9.15 -32.36
CA TRP C 71 -13.41 8.33 -32.56
C TRP C 71 -13.91 7.79 -31.24
N TRP C 72 -13.00 7.40 -30.35
CA TRP C 72 -13.34 6.99 -28.99
C TRP C 72 -12.20 7.42 -28.07
N LEU C 73 -12.54 8.12 -26.99
CA LEU C 73 -11.57 8.53 -25.98
C LEU C 73 -11.99 7.96 -24.63
N SER C 74 -11.13 7.13 -24.05
CA SER C 74 -11.37 6.59 -22.71
C SER C 74 -10.67 7.48 -21.70
N PRO C 75 -11.39 8.18 -20.82
CA PRO C 75 -10.72 9.18 -19.97
C PRO C 75 -9.73 8.60 -18.98
N GLU C 76 -9.97 7.41 -18.45
CA GLU C 76 -9.15 6.85 -17.37
C GLU C 76 -8.11 5.85 -17.87
N VAL C 77 -7.70 5.94 -19.12
CA VAL C 77 -6.65 5.07 -19.64
C VAL C 77 -5.30 5.63 -19.22
N TYR C 78 -4.35 4.75 -18.92
CA TYR C 78 -3.01 5.15 -18.51
C TYR C 78 -2.09 5.18 -19.72
N LEU C 79 -1.29 6.25 -19.81
CA LEU C 79 -0.40 6.44 -20.95
C LEU C 79 1.00 5.89 -20.70
N LYS C 80 1.32 5.49 -19.48
CA LYS C 80 2.58 4.85 -19.17
C LYS C 80 2.32 3.70 -18.22
N ARG C 81 3.00 2.57 -18.45
CA ARG C 81 2.74 1.33 -17.74
C ARG C 81 4.01 0.73 -17.20
N PRO C 82 3.94 -0.03 -16.09
CA PRO C 82 2.71 -0.27 -15.31
C PRO C 82 2.34 0.91 -14.43
N ALA C 83 1.04 1.20 -14.34
CA ALA C 83 0.58 2.34 -13.57
C ALA C 83 0.85 2.10 -12.08
N HIS C 84 1.62 2.99 -11.46
CA HIS C 84 1.87 2.93 -10.03
C HIS C 84 1.24 4.09 -9.28
N SER C 85 0.56 5.00 -9.98
CA SER C 85 -0.10 6.13 -9.37
C SER C 85 -1.09 6.70 -10.39
N ASP C 86 -1.75 7.78 -10.01
CA ASP C 86 -2.71 8.43 -10.90
C ASP C 86 -2.09 9.44 -11.86
N ASP C 87 -0.82 9.79 -11.69
CA ASP C 87 -0.13 10.53 -12.74
C ASP C 87 -0.02 9.65 -13.98
N TRP C 88 0.04 10.30 -15.15
CA TRP C 88 0.05 9.70 -16.48
C TRP C 88 -1.31 9.13 -16.86
N ARG C 89 -2.32 9.25 -16.01
CA ARG C 89 -3.69 8.97 -16.43
C ARG C 89 -4.19 10.19 -17.21
N LEU C 90 -4.85 9.93 -18.34
CA LEU C 90 -5.11 10.99 -19.30
C LEU C 90 -6.00 12.09 -18.70
N ASP C 91 -7.05 11.70 -17.98
CA ASP C 91 -7.94 12.70 -17.39
C ASP C 91 -7.21 13.56 -16.37
N ILE C 92 -6.39 12.94 -15.53
CA ILE C 92 -5.65 13.68 -14.50
C ILE C 92 -4.57 14.55 -15.13
N MET C 93 -3.94 14.07 -16.20
CA MET C 93 -2.95 14.89 -16.88
C MET C 93 -3.61 16.12 -17.49
N LEU C 94 -4.75 15.93 -18.16
CA LEU C 94 -5.47 17.07 -18.73
C LEU C 94 -6.04 17.97 -17.65
N LYS C 95 -6.43 17.40 -16.50
CA LYS C 95 -6.94 18.21 -15.41
C LYS C 95 -5.82 19.03 -14.76
N ARG C 96 -4.64 18.43 -14.61
CA ARG C 96 -3.51 19.19 -14.08
C ARG C 96 -3.10 20.30 -15.04
N LYS C 97 -3.08 20.00 -16.34
CA LYS C 97 -2.72 21.02 -17.33
C LYS C 97 -3.77 22.13 -17.38
N ALA C 98 -5.06 21.76 -17.23
CA ALA C 98 -6.12 22.77 -17.24
C ALA C 98 -6.05 23.65 -16.01
N GLU C 99 -5.67 23.10 -14.86
CA GLU C 99 -5.51 23.90 -13.66
C GLU C 99 -4.39 24.92 -13.79
N GLU C 100 -3.49 24.74 -14.75
CA GLU C 100 -2.41 25.68 -15.03
C GLU C 100 -2.79 26.71 -16.09
N GLY C 101 -4.03 26.68 -16.58
CA GLY C 101 -4.49 27.62 -17.58
C GLY C 101 -4.42 27.14 -19.00
N VAL C 102 -4.08 25.87 -19.22
CA VAL C 102 -4.04 25.31 -20.57
C VAL C 102 -5.45 24.80 -20.91
N ARG C 103 -6.05 25.40 -21.93
CA ARG C 103 -7.39 24.98 -22.33
C ARG C 103 -7.30 23.73 -23.21
N VAL C 104 -8.23 22.80 -22.98
CA VAL C 104 -8.29 21.54 -23.72
C VAL C 104 -9.55 21.54 -24.55
N SER C 105 -9.38 21.46 -25.87
CA SER C 105 -10.50 21.39 -26.81
C SER C 105 -10.55 19.97 -27.39
N ILE C 106 -11.66 19.29 -27.15
CA ILE C 106 -11.83 17.89 -27.53
C ILE C 106 -13.05 17.76 -28.44
N LEU C 107 -12.88 17.03 -29.54
CA LEU C 107 -13.97 16.72 -30.46
C LEU C 107 -14.19 15.22 -30.40
N LEU C 108 -15.27 14.80 -29.76
CA LEU C 108 -15.59 13.39 -29.62
C LEU C 108 -16.61 13.00 -30.69
N PHE C 109 -16.49 11.79 -31.21
CA PHE C 109 -17.49 11.29 -32.12
C PHE C 109 -18.70 10.81 -31.33
N LYS C 110 -19.88 11.26 -31.74
CA LYS C 110 -21.12 10.86 -31.08
C LYS C 110 -21.65 9.62 -31.78
N GLU C 111 -21.56 8.47 -31.10
CA GLU C 111 -21.97 7.20 -31.67
C GLU C 111 -23.49 7.11 -31.79
N VAL C 112 -23.93 6.14 -32.59
CA VAL C 112 -25.32 5.69 -32.53
C VAL C 112 -25.38 4.73 -31.36
N GLU C 113 -26.17 5.08 -30.34
CA GLU C 113 -26.04 4.43 -29.05
C GLU C 113 -26.49 2.97 -29.08
N LEU C 114 -25.75 2.14 -28.35
CA LEU C 114 -25.99 0.69 -28.22
C LEU C 114 -26.19 0.01 -29.57
N ALA C 115 -25.67 0.62 -30.63
CA ALA C 115 -25.18 -0.14 -31.77
C ALA C 115 -23.67 -0.07 -31.87
N LEU C 116 -23.05 0.76 -31.03
CA LEU C 116 -21.60 0.79 -30.88
C LEU C 116 -21.21 0.42 -29.45
N GLY C 117 -21.44 1.30 -28.49
CA GLY C 117 -21.13 1.04 -27.10
C GLY C 117 -19.93 1.79 -26.55
N ILE C 118 -19.43 2.81 -27.25
CA ILE C 118 -18.29 3.58 -26.75
C ILE C 118 -18.67 4.54 -25.64
N ASN C 119 -19.96 4.82 -25.46
CA ASN C 119 -20.45 5.71 -24.40
C ASN C 119 -19.72 7.05 -24.43
N SER C 120 -19.77 7.71 -25.58
CA SER C 120 -19.19 9.05 -25.70
C SER C 120 -19.83 10.03 -24.74
N GLY C 121 -21.10 9.79 -24.38
CA GLY C 121 -21.73 10.63 -23.36
C GLY C 121 -20.98 10.59 -22.04
N TYR C 122 -20.56 9.40 -21.62
CA TYR C 122 -19.78 9.30 -20.39
C TYR C 122 -18.41 9.94 -20.55
N SER C 123 -17.78 9.77 -21.71
CA SER C 123 -16.47 10.38 -21.94
C SER C 123 -16.54 11.89 -21.78
N LYS C 124 -17.52 12.52 -22.44
CA LYS C 124 -17.65 13.97 -22.33
C LYS C 124 -17.96 14.38 -20.91
N ARG C 125 -18.92 13.70 -20.29
CA ARG C 125 -19.32 14.03 -18.93
C ARG C 125 -18.12 13.95 -17.99
N ALA C 126 -17.34 12.89 -18.11
CA ALA C 126 -16.14 12.72 -17.29
C ALA C 126 -15.11 13.80 -17.59
N LEU C 127 -14.92 14.13 -18.87
CA LEU C 127 -13.91 15.10 -19.24
C LEU C 127 -14.23 16.49 -18.70
N MET C 128 -15.47 16.96 -18.90
CA MET C 128 -15.82 18.32 -18.54
C MET C 128 -15.80 18.54 -17.03
N LEU C 129 -16.04 17.48 -16.25
CA LEU C 129 -16.03 17.60 -14.79
C LEU C 129 -14.65 17.85 -14.23
N LEU C 130 -13.58 17.67 -15.03
CA LEU C 130 -12.23 17.85 -14.53
C LEU C 130 -11.94 19.32 -14.21
N HIS C 131 -12.22 20.21 -15.16
CA HIS C 131 -11.89 21.62 -15.00
C HIS C 131 -12.65 22.43 -16.04
N PRO C 132 -13.05 23.65 -15.72
CA PRO C 132 -13.78 24.48 -16.71
C PRO C 132 -12.98 24.78 -17.97
N ASN C 133 -11.66 24.63 -17.94
CA ASN C 133 -10.83 24.88 -19.11
C ASN C 133 -10.88 23.74 -20.13
N ILE C 134 -11.60 22.66 -19.83
CA ILE C 134 -11.69 21.51 -20.72
C ILE C 134 -13.05 21.55 -21.40
N LYS C 135 -13.06 21.88 -22.68
CA LYS C 135 -14.27 21.95 -23.49
C LYS C 135 -14.25 20.84 -24.52
N VAL C 136 -15.34 20.07 -24.57
CA VAL C 136 -15.49 18.97 -25.51
C VAL C 136 -16.85 19.09 -26.17
N MET C 137 -16.87 18.88 -27.49
CA MET C 137 -18.08 18.86 -28.29
C MET C 137 -18.19 17.51 -28.98
N ARG C 138 -19.43 17.08 -29.23
CA ARG C 138 -19.68 15.80 -29.89
C ARG C 138 -20.53 16.03 -31.12
N HIS C 139 -20.21 15.29 -32.19
CA HIS C 139 -20.82 15.44 -33.50
C HIS C 139 -20.85 14.09 -34.19
N PRO C 140 -21.92 13.76 -34.92
CA PRO C 140 -23.12 14.56 -35.17
C PRO C 140 -24.34 14.11 -34.37
N ASP C 141 -25.37 14.95 -34.31
CA ASP C 141 -26.64 14.59 -33.69
C ASP C 141 -27.64 13.98 -34.67
N GLN C 142 -27.65 14.43 -35.91
CA GLN C 142 -28.53 13.81 -36.91
C GLN C 142 -28.10 12.37 -37.16
N VAL C 143 -29.08 11.54 -37.48
CA VAL C 143 -28.81 10.11 -37.73
C VAL C 143 -28.06 9.96 -39.03
N THR C 144 -26.96 9.21 -38.99
CA THR C 144 -26.12 8.98 -40.16
C THR C 144 -25.35 7.69 -39.96
N LEU C 145 -24.84 7.16 -41.07
CA LEU C 145 -24.01 5.96 -41.04
C LEU C 145 -22.54 6.27 -40.80
N TRP C 146 -22.11 7.50 -41.06
CA TRP C 146 -20.70 7.85 -41.07
C TRP C 146 -20.25 8.45 -39.75
N ALA C 147 -18.95 8.37 -39.50
CA ALA C 147 -18.36 8.71 -38.21
C ALA C 147 -17.18 9.64 -38.40
N HIS C 148 -16.77 10.26 -37.31
CA HIS C 148 -15.50 10.99 -37.24
C HIS C 148 -14.43 10.02 -36.75
N HIS C 149 -13.56 9.58 -37.65
CA HIS C 149 -12.62 8.51 -37.32
C HIS C 149 -11.18 8.98 -37.12
N GLU C 150 -10.85 10.23 -37.45
CA GLU C 150 -9.47 10.66 -37.34
C GLU C 150 -9.05 10.76 -35.88
N LYS C 151 -7.80 10.38 -35.61
CA LYS C 151 -7.20 10.49 -34.29
C LYS C 151 -6.10 11.55 -34.37
N LEU C 152 -6.21 12.57 -33.52
CA LEU C 152 -5.29 13.70 -33.59
C LEU C 152 -5.08 14.29 -32.21
N LEU C 153 -3.83 14.54 -31.86
CA LEU C 153 -3.48 15.30 -30.65
C LEU C 153 -2.47 16.37 -31.04
N VAL C 154 -2.82 17.63 -30.80
CA VAL C 154 -1.96 18.76 -31.13
C VAL C 154 -1.71 19.56 -29.86
N VAL C 155 -0.44 19.86 -29.60
CA VAL C 155 -0.03 20.62 -28.42
C VAL C 155 0.51 21.96 -28.88
N ASP C 156 -0.12 23.04 -28.45
CA ASP C 156 0.28 24.41 -28.75
C ASP C 156 0.37 24.69 -30.25
N GLN C 157 -0.32 23.90 -31.06
CA GLN C 157 -0.33 24.01 -32.52
C GLN C 157 1.06 23.85 -33.14
N VAL C 158 2.03 23.35 -32.37
CA VAL C 158 3.38 23.16 -32.88
C VAL C 158 3.78 21.68 -32.96
N VAL C 159 3.14 20.80 -32.19
CA VAL C 159 3.45 19.38 -32.18
C VAL C 159 2.15 18.61 -32.35
N ALA C 160 2.07 17.80 -33.40
CA ALA C 160 0.82 17.11 -33.74
C ALA C 160 1.05 15.61 -33.81
N PHE C 161 0.19 14.86 -33.12
CA PHE C 161 0.19 13.40 -33.14
C PHE C 161 -1.01 12.90 -33.93
N LEU C 162 -0.79 11.93 -34.81
CA LEU C 162 -1.89 11.32 -35.55
C LEU C 162 -1.49 9.90 -35.92
N GLY C 163 -2.43 9.19 -36.55
CA GLY C 163 -2.24 7.79 -36.89
C GLY C 163 -3.51 6.99 -36.70
N GLY C 164 -3.37 5.72 -36.34
CA GLY C 164 -4.51 4.86 -36.10
C GLY C 164 -4.88 4.65 -34.65
N LEU C 165 -4.14 5.25 -33.72
CA LEU C 165 -4.32 4.99 -32.30
C LEU C 165 -5.30 5.99 -31.69
N ASP C 166 -6.43 5.48 -31.19
CA ASP C 166 -7.30 6.25 -30.33
C ASP C 166 -6.79 6.19 -28.89
N LEU C 167 -7.08 7.25 -28.13
CA LEU C 167 -6.75 7.28 -26.70
C LEU C 167 -7.83 6.52 -25.94
N ALA C 168 -7.85 5.20 -26.17
CA ALA C 168 -8.94 4.36 -25.70
C ALA C 168 -8.40 3.05 -25.16
N TYR C 169 -9.28 2.28 -24.55
CA TYR C 169 -8.90 1.01 -23.95
C TYR C 169 -8.49 0.01 -25.04
N GLY C 170 -7.56 -0.87 -24.69
CA GLY C 170 -7.10 -1.91 -25.59
C GLY C 170 -6.06 -1.48 -26.60
N ARG C 171 -5.85 -0.17 -26.79
CA ARG C 171 -4.92 0.29 -27.83
C ARG C 171 -3.47 0.14 -27.42
N TRP C 172 -3.16 0.23 -26.13
CA TRP C 172 -1.78 0.15 -25.68
C TRP C 172 -1.21 -1.25 -25.88
N ASP C 173 0.01 -1.32 -26.39
CA ASP C 173 0.73 -2.58 -26.56
C ASP C 173 2.17 -2.28 -26.93
N ASP C 174 3.01 -3.31 -26.84
CA ASP C 174 4.39 -3.22 -27.29
C ASP C 174 4.72 -4.39 -28.20
N LEU C 175 5.99 -4.55 -28.58
CA LEU C 175 6.37 -5.61 -29.51
C LEU C 175 6.31 -7.00 -28.89
N HIS C 176 6.13 -7.11 -27.57
CA HIS C 176 5.98 -8.43 -26.96
C HIS C 176 4.59 -9.01 -27.24
N TYR C 177 3.57 -8.16 -27.34
CA TYR C 177 2.21 -8.58 -27.64
C TYR C 177 1.74 -9.67 -26.69
N ARG C 178 1.83 -9.37 -25.39
CA ARG C 178 1.47 -10.35 -24.37
C ARG C 178 0.00 -10.71 -24.44
N LEU C 179 -0.29 -12.01 -24.34
CA LEU C 179 -1.66 -12.50 -24.30
C LEU C 179 -2.24 -12.57 -22.90
N THR C 180 -1.39 -12.51 -21.88
CA THR C 180 -1.83 -12.62 -20.50
C THR C 180 -1.37 -11.42 -19.70
N ASP C 181 -2.09 -11.15 -18.61
CA ASP C 181 -1.77 -10.08 -17.69
C ASP C 181 -2.36 -10.41 -16.34
N LEU C 182 -1.72 -11.33 -15.61
CA LEU C 182 -2.23 -11.85 -14.37
C LEU C 182 -1.60 -11.24 -13.14
N GLY C 183 -0.53 -10.44 -13.31
CA GLY C 183 0.09 -9.74 -12.20
C GLY C 183 0.62 -10.62 -11.10
N ASP C 205 -4.02 0.32 -3.38
CA ASP C 205 -4.10 1.15 -4.57
C ASP C 205 -3.13 0.53 -5.60
N LEU C 206 -2.55 1.33 -6.48
CA LEU C 206 -1.70 0.81 -7.56
C LEU C 206 -0.22 0.97 -7.25
N SER C 207 0.13 1.15 -5.97
CA SER C 207 1.51 1.44 -5.60
C SER C 207 2.47 0.36 -6.08
N HIS C 208 2.02 -0.89 -6.14
CA HIS C 208 2.84 -1.99 -6.63
C HIS C 208 2.12 -2.76 -7.74
N ASN C 209 1.31 -2.06 -8.52
CA ASN C 209 0.54 -2.70 -9.58
C ASN C 209 1.46 -3.36 -10.61
N GLN C 210 1.09 -4.58 -11.00
CA GLN C 210 1.78 -5.31 -12.06
C GLN C 210 0.91 -5.52 -13.29
N PHE C 211 -0.32 -5.01 -13.29
CA PHE C 211 -1.25 -5.19 -14.38
C PHE C 211 -1.03 -4.10 -15.41
N PHE C 212 -0.64 -4.49 -16.63
CA PHE C 212 -0.47 -3.51 -17.69
C PHE C 212 -1.79 -3.01 -18.23
N TRP C 213 -2.82 -3.86 -18.24
CA TRP C 213 -4.15 -3.47 -18.71
C TRP C 213 -5.11 -3.60 -17.54
N LEU C 214 -5.49 -2.47 -16.96
CA LEU C 214 -6.31 -2.44 -15.76
C LEU C 214 -7.77 -2.37 -16.15
N GLY C 215 -8.56 -3.31 -15.65
CA GLY C 215 -10.00 -3.27 -15.83
C GLY C 215 -10.37 -3.35 -17.30
N LYS C 216 -11.02 -2.30 -17.80
CA LYS C 216 -11.52 -2.26 -19.17
C LYS C 216 -10.40 -2.21 -20.20
N ASP C 217 -9.15 -2.00 -19.80
CA ASP C 217 -8.05 -2.00 -20.75
C ASP C 217 -7.69 -3.42 -21.21
N TYR C 218 -8.06 -4.44 -20.44
CA TYR C 218 -7.83 -5.83 -20.80
C TYR C 218 -9.05 -6.34 -21.57
N SER C 219 -8.85 -6.70 -22.84
CA SER C 219 -9.98 -7.05 -23.68
C SER C 219 -9.54 -7.92 -24.83
N ASN C 220 -10.51 -8.66 -25.38
CA ASN C 220 -10.34 -9.42 -26.62
C ASN C 220 -11.52 -9.03 -27.50
N LEU C 221 -11.22 -8.37 -28.63
CA LEU C 221 -12.27 -7.77 -29.45
C LEU C 221 -13.29 -8.82 -29.91
N ILE C 222 -12.81 -10.01 -30.27
CA ILE C 222 -13.72 -11.03 -30.77
C ILE C 222 -14.49 -11.69 -29.63
N THR C 223 -13.93 -11.69 -28.42
CA THR C 223 -14.60 -12.40 -27.32
C THR C 223 -15.84 -11.65 -26.87
N LYS C 224 -15.69 -10.38 -26.49
CA LYS C 224 -16.80 -9.61 -25.99
C LYS C 224 -16.55 -8.13 -26.22
N ASP C 225 -17.62 -7.40 -26.55
CA ASP C 225 -17.55 -5.96 -26.71
C ASP C 225 -17.47 -5.29 -25.35
N TRP C 226 -16.98 -4.05 -25.36
CA TRP C 226 -16.87 -3.31 -24.12
C TRP C 226 -18.25 -3.00 -23.55
N VAL C 227 -18.34 -3.11 -22.23
CA VAL C 227 -19.53 -2.76 -21.50
C VAL C 227 -19.02 -1.97 -20.30
N GLN C 228 -19.93 -1.37 -19.56
CA GLN C 228 -19.60 -0.94 -18.20
C GLN C 228 -18.56 0.20 -18.21
N LEU C 229 -18.58 1.04 -19.24
CA LEU C 229 -17.48 2.00 -19.37
C LEU C 229 -17.48 3.07 -18.29
N ASP C 230 -18.50 3.15 -17.44
CA ASP C 230 -18.46 4.03 -16.29
C ASP C 230 -17.95 3.31 -15.04
N ARG C 231 -17.57 2.04 -15.16
CA ARG C 231 -16.90 1.25 -14.11
C ARG C 231 -15.60 0.77 -14.73
N PRO C 232 -14.57 1.62 -14.80
CA PRO C 232 -13.39 1.31 -15.64
C PRO C 232 -12.43 0.29 -15.04
N PHE C 233 -12.36 0.19 -13.71
CA PHE C 233 -11.34 -0.62 -13.07
C PHE C 233 -11.81 -2.03 -12.68
N GLU C 234 -12.98 -2.45 -13.15
CA GLU C 234 -13.40 -3.84 -12.98
C GLU C 234 -13.37 -4.54 -14.33
N ASP C 235 -12.82 -5.75 -14.35
CA ASP C 235 -12.76 -6.53 -15.57
C ASP C 235 -14.16 -6.87 -16.08
N PHE C 236 -14.28 -7.00 -17.40
CA PHE C 236 -15.49 -7.50 -18.02
C PHE C 236 -15.25 -8.81 -18.75
N ILE C 237 -14.00 -9.29 -18.78
CA ILE C 237 -13.68 -10.65 -19.17
C ILE C 237 -12.69 -11.20 -18.14
N ASP C 238 -12.65 -12.52 -18.02
CA ASP C 238 -11.85 -13.18 -16.99
C ASP C 238 -10.42 -13.35 -17.48
N ARG C 239 -9.47 -12.72 -16.77
CA ARG C 239 -8.07 -12.79 -17.17
C ARG C 239 -7.49 -14.19 -17.03
N GLU C 240 -8.08 -15.03 -16.18
CA GLU C 240 -7.54 -16.35 -15.90
C GLU C 240 -8.00 -17.41 -16.89
N THR C 241 -8.98 -17.11 -17.74
CA THR C 241 -9.45 -18.04 -18.75
C THR C 241 -9.38 -17.49 -20.17
N THR C 242 -9.59 -16.19 -20.36
CA THR C 242 -9.65 -15.59 -21.69
C THR C 242 -8.37 -14.82 -21.96
N PRO C 243 -7.64 -15.13 -23.03
CA PRO C 243 -6.42 -14.38 -23.33
C PRO C 243 -6.71 -13.04 -23.98
N ARG C 244 -5.79 -12.11 -23.77
CA ARG C 244 -5.86 -10.81 -24.40
C ARG C 244 -5.67 -10.94 -25.91
N MET C 245 -6.16 -9.92 -26.63
CA MET C 245 -5.93 -9.79 -28.06
C MET C 245 -4.97 -8.63 -28.31
N PRO C 246 -3.77 -8.90 -28.84
CA PRO C 246 -2.80 -7.82 -29.01
C PRO C 246 -3.23 -6.80 -30.03
N TRP C 247 -2.84 -5.55 -29.79
CA TRP C 247 -3.19 -4.42 -30.63
C TRP C 247 -1.92 -3.92 -31.32
N ARG C 248 -1.88 -4.04 -32.64
CA ARG C 248 -0.77 -3.51 -33.43
C ARG C 248 -1.26 -2.29 -34.21
N ASP C 249 -0.54 -1.19 -34.08
CA ASP C 249 -0.96 0.07 -34.71
C ASP C 249 0.28 0.88 -35.05
N VAL C 250 0.08 1.91 -35.87
CA VAL C 250 1.15 2.81 -36.29
C VAL C 250 0.70 4.24 -36.11
N GLY C 251 1.60 5.08 -35.59
CA GLY C 251 1.32 6.50 -35.43
C GLY C 251 2.55 7.31 -35.76
N VAL C 252 2.37 8.63 -35.79
CA VAL C 252 3.45 9.53 -36.16
C VAL C 252 3.24 10.86 -35.47
N VAL C 253 4.33 11.54 -35.17
CA VAL C 253 4.31 12.90 -34.65
C VAL C 253 5.09 13.79 -35.61
N VAL C 254 4.55 14.97 -35.88
CA VAL C 254 5.21 15.95 -36.74
C VAL C 254 5.25 17.27 -36.00
N HIS C 255 6.24 18.09 -36.35
CA HIS C 255 6.48 19.37 -35.71
C HIS C 255 6.42 20.49 -36.75
N GLY C 256 6.12 21.69 -36.28
CA GLY C 256 6.24 22.87 -37.13
C GLY C 256 5.06 23.06 -38.04
N LEU C 257 5.35 23.30 -39.32
CA LEU C 257 4.30 23.66 -40.27
C LEU C 257 3.21 22.60 -40.41
N PRO C 258 3.50 21.31 -40.59
CA PRO C 258 2.40 20.34 -40.68
C PRO C 258 1.56 20.29 -39.43
N ALA C 259 2.15 20.55 -38.26
CA ALA C 259 1.36 20.62 -37.03
C ALA C 259 0.42 21.82 -37.04
N ARG C 260 0.82 22.91 -37.70
CA ARG C 260 -0.11 24.03 -37.87
C ARG C 260 -1.23 23.67 -38.84
N ASP C 261 -0.91 22.95 -39.91
CA ASP C 261 -1.92 22.52 -40.85
C ASP C 261 -2.91 21.55 -40.19
N LEU C 262 -2.39 20.64 -39.36
CA LEU C 262 -3.26 19.74 -38.62
C LEU C 262 -4.07 20.51 -37.57
N ALA C 263 -3.46 21.54 -36.97
CA ALA C 263 -4.20 22.37 -36.03
C ALA C 263 -5.37 23.06 -36.72
N ARG C 264 -5.15 23.56 -37.94
CA ARG C 264 -6.21 24.30 -38.63
C ARG C 264 -7.31 23.38 -39.15
N HIS C 265 -7.02 22.09 -39.36
CA HIS C 265 -8.11 21.15 -39.61
C HIS C 265 -9.00 21.02 -38.37
N PHE C 266 -8.39 20.92 -37.20
CA PHE C 266 -9.16 20.92 -35.95
C PHE C 266 -9.91 22.24 -35.78
N ILE C 267 -9.24 23.36 -36.08
CA ILE C 267 -9.87 24.67 -35.91
C ILE C 267 -11.13 24.77 -36.75
N GLN C 268 -11.06 24.27 -37.98
CA GLN C 268 -12.22 24.28 -38.87
C GLN C 268 -13.33 23.37 -38.36
N ARG C 269 -12.98 22.17 -37.89
CA ARG C 269 -13.99 21.27 -37.35
C ARG C 269 -14.59 21.81 -36.06
N TRP C 270 -13.78 22.49 -35.25
CA TRP C 270 -14.29 23.07 -34.01
C TRP C 270 -15.28 24.19 -34.30
N ASN C 271 -14.87 25.16 -35.11
CA ASN C 271 -15.75 26.29 -35.42
C ASN C 271 -16.98 25.84 -36.20
N PHE C 272 -16.85 24.81 -37.04
CA PHE C 272 -17.99 24.29 -37.78
C PHE C 272 -19.01 23.66 -36.84
N THR C 273 -18.56 22.80 -35.93
CA THR C 273 -19.47 22.14 -34.99
C THR C 273 -20.09 23.12 -34.01
N LYS C 274 -19.44 24.25 -33.75
CA LYS C 274 -20.05 25.26 -32.88
C LYS C 274 -21.33 25.82 -33.48
N THR C 275 -21.34 26.01 -34.80
CA THR C 275 -22.50 26.57 -35.49
C THR C 275 -23.49 25.50 -35.93
N THR C 276 -23.29 24.24 -35.55
CA THR C 276 -24.14 23.17 -36.03
C THR C 276 -25.35 22.93 -35.14
N LYS C 277 -25.25 23.16 -33.84
CA LYS C 277 -26.34 22.95 -32.91
C LYS C 277 -26.51 24.17 -32.02
N ALA C 278 -27.62 24.19 -31.27
CA ALA C 278 -27.98 25.36 -30.48
C ALA C 278 -27.17 25.46 -29.20
N LYS C 279 -26.91 24.34 -28.54
CA LYS C 279 -26.22 24.34 -27.25
C LYS C 279 -24.81 24.89 -27.33
N PTR C 280 -24.08 24.44 -28.33
CA PTR C 280 -22.69 24.82 -28.49
C PTR C 280 -22.44 26.19 -29.12
O PTR C 280 -21.31 26.48 -29.53
CB PTR C 280 -21.97 23.78 -29.32
CG PTR C 280 -22.00 22.40 -28.76
CD1 PTR C 280 -21.75 21.36 -29.60
CD2 PTR C 280 -22.19 22.16 -27.41
CE1 PTR C 280 -21.73 20.06 -29.16
CE2 PTR C 280 -22.16 20.86 -26.92
CZ PTR C 280 -21.92 19.77 -27.78
OH PTR C 280 -21.93 18.57 -27.39
P PTR C 280 -23.01 17.81 -26.54
O1P PTR C 280 -23.38 16.48 -27.21
O2P PTR C 280 -24.19 18.60 -26.28
O3P PTR C 280 -22.39 17.50 -25.22
N LYS C 281 -23.48 26.99 -29.22
CA LYS C 281 -23.35 28.35 -29.75
C LYS C 281 -23.02 29.38 -28.67
N THR C 282 -23.28 29.00 -27.41
CA THR C 282 -22.96 29.88 -26.30
C THR C 282 -21.45 30.14 -26.26
N PRO C 283 -21.02 31.28 -25.69
CA PRO C 283 -19.58 31.56 -25.63
C PRO C 283 -18.80 30.65 -24.70
N THR C 284 -19.44 29.71 -24.01
CA THR C 284 -18.66 28.72 -23.26
C THR C 284 -17.90 27.78 -24.18
N TYR C 285 -18.30 27.71 -25.46
CA TYR C 285 -17.56 27.01 -26.50
C TYR C 285 -17.02 28.08 -27.44
N PRO C 286 -15.87 28.68 -27.14
CA PRO C 286 -15.41 29.82 -27.93
C PRO C 286 -14.97 29.39 -29.33
N TYR C 287 -14.98 30.35 -30.25
CA TYR C 287 -14.33 30.08 -31.53
C TYR C 287 -12.83 29.97 -31.32
N LEU C 288 -12.21 29.15 -32.14
CA LEU C 288 -10.78 28.96 -32.13
C LEU C 288 -10.21 29.54 -33.41
N LEU C 289 -9.00 30.11 -33.32
CA LEU C 289 -8.37 30.76 -34.44
C LEU C 289 -6.95 30.24 -34.59
N PRO C 290 -6.46 30.14 -35.83
CA PRO C 290 -5.14 29.55 -36.04
C PRO C 290 -4.02 30.50 -35.62
N LYS C 291 -2.87 29.90 -35.31
CA LYS C 291 -1.68 30.66 -34.96
C LYS C 291 -0.92 31.05 -36.22
N SER C 292 -0.18 32.15 -36.11
CA SER C 292 0.50 32.74 -37.26
C SER C 292 1.73 31.94 -37.68
N PHE C 301 9.00 23.58 -27.55
CA PHE C 301 9.62 22.27 -27.33
C PHE C 301 9.51 21.42 -28.59
N THR C 302 10.24 20.31 -28.60
CA THR C 302 10.19 19.37 -29.71
C THR C 302 10.14 17.97 -29.12
N LEU C 303 9.51 17.05 -29.86
CA LEU C 303 9.57 15.80 -29.12
C LEU C 303 10.87 15.07 -29.45
N PRO C 304 11.51 14.45 -28.44
CA PRO C 304 12.75 13.70 -28.64
C PRO C 304 12.59 12.47 -29.53
N GLY C 306 13.05 13.11 -34.13
CA GLY C 306 12.66 12.11 -35.10
C GLY C 306 13.56 12.07 -36.32
N GLN C 307 13.06 12.59 -37.44
CA GLN C 307 13.82 12.62 -38.68
C GLN C 307 13.32 13.76 -39.57
N CYS C 308 14.25 14.44 -40.22
CA CYS C 308 13.92 15.54 -41.12
C CYS C 308 13.36 14.99 -42.42
N THR C 309 12.12 15.36 -42.74
CA THR C 309 11.40 14.82 -43.89
C THR C 309 10.54 15.91 -44.52
N THR C 310 9.92 15.56 -45.63
CA THR C 310 8.88 16.39 -46.25
C THR C 310 7.53 15.77 -45.90
N VAL C 311 6.71 16.51 -45.16
CA VAL C 311 5.44 16.02 -44.63
C VAL C 311 4.32 16.87 -45.21
N GLN C 312 3.28 16.22 -45.74
CA GLN C 312 2.10 16.90 -46.24
C GLN C 312 0.87 16.34 -45.55
N VAL C 313 0.09 17.21 -44.92
CA VAL C 313 -1.13 16.81 -44.24
C VAL C 313 -2.21 16.53 -45.27
N LEU C 314 -2.93 15.43 -45.09
CA LEU C 314 -4.04 15.05 -45.95
C LEU C 314 -5.24 14.69 -45.10
N ARG C 315 -6.42 14.72 -45.73
CA ARG C 315 -7.64 14.43 -44.98
C ARG C 315 -8.73 13.98 -45.94
N SER C 316 -9.73 13.32 -45.36
CA SER C 316 -10.96 12.94 -46.05
C SER C 316 -12.09 13.62 -45.29
N VAL C 317 -12.76 14.58 -45.91
CA VAL C 317 -13.80 15.36 -45.25
C VAL C 317 -14.98 15.56 -46.20
N ASP C 318 -16.16 15.71 -45.62
CA ASP C 318 -17.38 16.01 -46.34
C ASP C 318 -18.04 17.21 -45.69
N ARG C 319 -19.01 17.81 -46.38
CA ARG C 319 -19.63 19.02 -45.85
C ARG C 319 -20.37 18.74 -44.55
N TRP C 320 -20.80 17.49 -44.32
CA TRP C 320 -21.43 17.15 -43.06
C TRP C 320 -20.41 17.16 -41.92
N SER C 321 -19.17 16.75 -42.18
CA SER C 321 -18.20 16.61 -41.10
C SER C 321 -17.52 17.93 -40.76
N ALA C 322 -17.06 18.69 -41.76
CA ALA C 322 -16.40 19.96 -41.48
C ALA C 322 -16.83 21.12 -42.37
N GLY C 323 -17.78 20.94 -43.27
CA GLY C 323 -18.24 22.00 -44.14
C GLY C 323 -17.62 22.04 -45.51
N THR C 324 -16.67 21.16 -45.81
CA THR C 324 -16.01 21.14 -47.11
C THR C 324 -15.80 19.70 -47.53
N LEU C 325 -15.54 19.50 -48.81
CA LEU C 325 -15.30 18.18 -49.36
C LEU C 325 -13.83 18.02 -49.72
N GLU C 326 -13.25 16.88 -49.34
CA GLU C 326 -11.87 16.60 -49.65
C GLU C 326 -11.63 15.11 -49.58
N ASN C 327 -10.80 14.61 -50.50
CA ASN C 327 -10.35 13.22 -50.47
C ASN C 327 -8.88 13.19 -50.85
N SER C 328 -8.07 14.01 -50.16
CA SER C 328 -6.65 14.09 -50.47
C SER C 328 -5.92 12.83 -50.07
N ILE C 329 -6.41 12.11 -49.05
CA ILE C 329 -5.81 10.84 -48.65
C ILE C 329 -5.87 9.84 -49.79
N LEU C 330 -7.05 9.73 -50.42
CA LEU C 330 -7.22 8.78 -51.52
C LEU C 330 -6.31 9.12 -52.69
N ASN C 331 -6.19 10.41 -53.02
CA ASN C 331 -5.36 10.81 -54.16
C ASN C 331 -3.90 10.48 -53.91
N ALA C 332 -3.43 10.70 -52.68
CA ALA C 332 -2.03 10.40 -52.36
C ALA C 332 -1.76 8.90 -52.41
N TYR C 333 -2.73 8.08 -52.03
CA TYR C 333 -2.57 6.63 -52.12
C TYR C 333 -2.38 6.19 -53.57
N LEU C 334 -3.26 6.66 -54.45
CA LEU C 334 -3.21 6.25 -55.85
C LEU C 334 -1.95 6.76 -56.54
N HIS C 335 -1.56 8.01 -56.26
CA HIS C 335 -0.34 8.56 -56.85
C HIS C 335 0.89 7.79 -56.38
N THR C 336 0.97 7.48 -55.09
CA THR C 336 2.12 6.75 -54.57
C THR C 336 2.20 5.35 -55.16
N ILE C 337 1.05 4.71 -55.38
CA ILE C 337 1.05 3.36 -55.96
C ILE C 337 1.42 3.41 -57.43
N ARG C 338 0.89 4.38 -58.18
CA ARG C 338 1.18 4.43 -59.61
C ARG C 338 2.65 4.72 -59.87
N GLU C 339 3.26 5.58 -59.07
CA GLU C 339 4.65 6.00 -59.26
C GLU C 339 5.62 5.20 -58.40
N SER C 340 5.13 4.17 -57.70
CA SER C 340 6.04 3.28 -56.98
C SER C 340 6.97 2.57 -57.96
N GLN C 341 8.18 2.28 -57.50
CA GLN C 341 9.21 1.77 -58.39
C GLN C 341 9.69 0.37 -58.06
N HIS C 342 9.65 -0.04 -56.79
CA HIS C 342 10.17 -1.35 -56.41
C HIS C 342 9.21 -2.17 -55.58
N PHE C 343 8.63 -1.60 -54.52
CA PHE C 343 7.75 -2.39 -53.68
C PHE C 343 6.76 -1.50 -52.94
N LEU C 344 5.69 -2.13 -52.46
CA LEU C 344 4.71 -1.52 -51.58
C LEU C 344 4.58 -2.38 -50.33
N TYR C 345 4.65 -1.75 -49.16
CA TYR C 345 4.36 -2.42 -47.89
C TYR C 345 3.11 -1.78 -47.32
N ILE C 346 2.03 -2.57 -47.24
CA ILE C 346 0.72 -2.11 -46.80
C ILE C 346 0.34 -2.83 -45.52
N GLU C 347 -0.01 -2.05 -44.49
CA GLU C 347 -0.49 -2.57 -43.21
C GLU C 347 -1.79 -1.84 -42.88
N ASN C 348 -2.92 -2.53 -43.00
CA ASN C 348 -4.21 -1.87 -42.86
C ASN C 348 -5.22 -2.77 -42.16
N GLN C 349 -6.11 -2.15 -41.38
CA GLN C 349 -7.19 -2.90 -40.72
C GLN C 349 -8.18 -3.46 -41.73
N PHE C 350 -8.50 -2.70 -42.77
CA PHE C 350 -9.41 -3.13 -43.81
C PHE C 350 -8.74 -3.00 -45.16
N PHE C 351 -9.18 -3.84 -46.10
CA PHE C 351 -8.66 -3.86 -47.47
C PHE C 351 -9.82 -4.17 -48.41
N ILE C 352 -10.65 -3.18 -48.69
CA ILE C 352 -11.80 -3.37 -49.57
C ILE C 352 -11.67 -2.32 -50.68
N SER C 353 -11.20 -2.75 -51.86
CA SER C 353 -10.93 -1.82 -52.93
C SER C 353 -10.74 -2.49 -54.29
N CYS C 354 -11.83 -2.71 -55.03
CA CYS C 354 -11.80 -3.23 -56.39
C CYS C 354 -13.05 -2.67 -57.06
N SER C 355 -12.96 -1.37 -57.33
CA SER C 355 -14.07 -0.59 -57.87
C SER C 355 -14.69 -1.21 -59.10
N ASP C 356 -16.01 -1.39 -59.05
CA ASP C 356 -16.79 -1.86 -60.19
C ASP C 356 -17.75 -0.80 -60.72
N GLY C 357 -18.28 0.05 -59.85
CA GLY C 357 -19.15 1.12 -60.27
C GLY C 357 -20.37 1.37 -59.40
N ARG C 358 -20.77 0.41 -58.57
CA ARG C 358 -22.04 0.59 -57.85
C ARG C 358 -22.04 0.18 -56.38
N THR C 359 -21.03 -0.54 -55.85
CA THR C 359 -20.98 -0.84 -54.43
C THR C 359 -19.66 -0.44 -53.78
N VAL C 360 -18.53 -0.84 -54.38
CA VAL C 360 -17.21 -0.38 -53.96
C VAL C 360 -16.70 0.52 -55.08
N LEU C 361 -16.14 1.67 -54.70
CA LEU C 361 -15.82 2.71 -55.66
C LEU C 361 -14.36 3.12 -55.69
N ASN C 362 -13.62 2.93 -54.60
CA ASN C 362 -12.23 3.37 -54.59
C ASN C 362 -11.36 2.42 -55.42
N LYS C 363 -10.34 2.99 -56.05
CA LYS C 363 -9.52 2.29 -57.05
C LYS C 363 -8.12 1.95 -56.52
N VAL C 364 -8.00 1.74 -55.21
CA VAL C 364 -6.69 1.41 -54.64
C VAL C 364 -6.22 0.05 -55.13
N GLY C 365 -7.11 -0.94 -55.15
CA GLY C 365 -6.73 -2.25 -55.64
C GLY C 365 -6.43 -2.26 -57.12
N ASP C 366 -7.16 -1.45 -57.89
CA ASP C 366 -6.94 -1.40 -59.33
C ASP C 366 -5.56 -0.83 -59.65
N GLU C 367 -5.15 0.23 -58.93
CA GLU C 367 -3.82 0.80 -59.15
C GLU C 367 -2.74 -0.21 -58.75
N ILE C 368 -2.98 -0.99 -57.70
CA ILE C 368 -2.04 -2.04 -57.34
C ILE C 368 -1.96 -3.09 -58.44
N VAL C 369 -3.12 -3.49 -58.97
CA VAL C 369 -3.13 -4.45 -60.08
C VAL C 369 -2.44 -3.86 -61.30
N ASP C 370 -2.77 -2.61 -61.63
CA ASP C 370 -2.15 -1.96 -62.79
C ASP C 370 -0.63 -1.87 -62.62
N ARG C 371 -0.17 -1.58 -61.41
CA ARG C 371 1.27 -1.46 -61.17
C ARG C 371 1.96 -2.81 -61.29
N ILE C 372 1.33 -3.87 -60.78
CA ILE C 372 1.90 -5.20 -60.88
C ILE C 372 1.92 -5.68 -62.32
N LEU C 373 0.84 -5.43 -63.06
CA LEU C 373 0.78 -5.84 -64.46
C LEU C 373 1.85 -5.13 -65.30
N LYS C 374 2.14 -3.87 -64.98
CA LYS C 374 3.17 -3.14 -65.72
C LYS C 374 4.56 -3.71 -65.44
N ALA C 375 4.84 -4.06 -64.18
CA ALA C 375 6.14 -4.61 -63.85
C ALA C 375 6.37 -5.96 -64.50
N HIS C 376 5.34 -6.81 -64.52
CA HIS C 376 5.44 -8.09 -65.22
C HIS C 376 5.56 -7.86 -66.72
N LYS C 377 4.88 -6.84 -67.23
CA LYS C 377 4.93 -6.50 -68.65
C LYS C 377 6.35 -6.18 -69.09
N GLN C 378 7.12 -5.52 -68.23
CA GLN C 378 8.49 -5.13 -68.57
C GLN C 378 9.54 -5.97 -67.85
N GLY C 379 9.14 -6.97 -67.07
CA GLY C 379 10.09 -7.88 -66.47
C GLY C 379 10.88 -7.32 -65.30
N TRP C 380 10.30 -6.39 -64.54
CA TRP C 380 10.99 -5.81 -63.40
C TRP C 380 10.65 -6.56 -62.12
N CYS C 381 11.50 -6.35 -61.11
CA CYS C 381 11.33 -6.95 -59.80
C CYS C 381 10.43 -6.06 -58.96
N TYR C 382 9.21 -6.52 -58.68
CA TYR C 382 8.24 -5.73 -57.95
C TYR C 382 7.54 -6.63 -56.95
N ARG C 383 7.41 -6.16 -55.71
CA ARG C 383 6.76 -6.92 -54.65
C ARG C 383 5.71 -6.04 -53.98
N VAL C 384 4.65 -6.68 -53.50
CA VAL C 384 3.59 -5.99 -52.77
C VAL C 384 3.30 -6.80 -51.50
N TYR C 385 3.58 -6.20 -50.35
CA TYR C 385 3.27 -6.82 -49.06
C TYR C 385 1.98 -6.22 -48.53
N VAL C 386 0.98 -7.06 -48.33
CA VAL C 386 -0.30 -6.65 -47.75
C VAL C 386 -0.45 -7.36 -46.42
N LEU C 387 -0.55 -6.59 -45.35
CA LEU C 387 -0.71 -7.12 -44.01
C LEU C 387 -2.08 -6.73 -43.49
N LEU C 388 -2.91 -7.71 -43.16
CA LEU C 388 -4.26 -7.49 -42.69
C LEU C 388 -4.50 -8.29 -41.42
N PRO C 389 -5.41 -7.85 -40.56
CA PRO C 389 -5.82 -8.69 -39.44
C PRO C 389 -6.51 -9.93 -39.96
N LEU C 390 -6.23 -11.07 -39.31
CA LEU C 390 -6.81 -12.33 -39.76
C LEU C 390 -8.34 -12.30 -39.73
N LEU C 391 -8.92 -11.56 -38.79
CA LEU C 391 -10.36 -11.42 -38.67
C LEU C 391 -10.69 -9.99 -38.34
N PRO C 392 -11.87 -9.52 -38.74
CA PRO C 392 -12.30 -8.16 -38.37
C PRO C 392 -12.52 -8.04 -36.88
N GLY C 393 -12.20 -6.86 -36.35
CA GLY C 393 -12.28 -6.62 -34.92
C GLY C 393 -13.69 -6.35 -34.45
N PHE C 394 -14.55 -7.35 -34.56
CA PHE C 394 -15.93 -7.24 -34.11
C PHE C 394 -16.26 -8.44 -33.24
N GLU C 395 -17.16 -8.24 -32.29
CA GLU C 395 -17.58 -9.34 -31.43
C GLU C 395 -18.37 -10.35 -32.24
N GLY C 396 -17.89 -11.59 -32.26
CA GLY C 396 -18.58 -12.65 -32.98
C GLY C 396 -18.01 -14.00 -32.62
N ASP C 397 -18.81 -15.03 -32.85
CA ASP C 397 -18.41 -16.40 -32.55
C ASP C 397 -17.78 -17.00 -33.80
N ILE C 398 -16.44 -17.02 -33.81
CA ILE C 398 -15.69 -17.55 -34.94
C ILE C 398 -15.93 -19.05 -35.10
N SER C 399 -16.20 -19.75 -34.00
CA SER C 399 -16.39 -21.20 -34.06
C SER C 399 -17.59 -21.60 -34.88
N THR C 400 -18.54 -20.70 -35.11
CA THR C 400 -19.63 -20.97 -36.05
C THR C 400 -19.46 -20.22 -37.38
N GLY C 401 -18.41 -19.42 -37.51
CA GLY C 401 -18.22 -18.57 -38.67
C GLY C 401 -18.44 -17.08 -38.47
N GLY C 402 -18.67 -16.63 -37.23
CA GLY C 402 -18.81 -15.22 -36.96
C GLY C 402 -20.22 -14.69 -37.16
N GLY C 403 -20.41 -13.46 -36.68
CA GLY C 403 -21.67 -12.76 -36.82
C GLY C 403 -21.83 -12.09 -38.17
N ASN C 404 -22.86 -11.24 -38.26
CA ASN C 404 -23.14 -10.52 -39.50
C ASN C 404 -22.01 -9.54 -39.85
N SER C 405 -21.47 -8.84 -38.85
CA SER C 405 -20.41 -7.88 -39.13
C SER C 405 -19.17 -8.57 -39.66
N ILE C 406 -18.74 -9.64 -38.99
CA ILE C 406 -17.54 -10.36 -39.40
C ILE C 406 -17.69 -10.90 -40.81
N GLN C 407 -18.87 -11.44 -41.15
CA GLN C 407 -19.05 -12.05 -42.46
C GLN C 407 -19.06 -11.01 -43.57
N ALA C 408 -19.72 -9.88 -43.34
CA ALA C 408 -19.81 -8.84 -44.37
C ALA C 408 -18.44 -8.31 -44.72
N ILE C 409 -17.59 -8.08 -43.72
CA ILE C 409 -16.27 -7.55 -43.98
C ILE C 409 -15.41 -8.59 -44.70
N LEU C 410 -15.53 -9.86 -44.29
CA LEU C 410 -14.80 -10.92 -44.97
C LEU C 410 -15.27 -11.08 -46.40
N HIS C 411 -16.56 -10.87 -46.66
CA HIS C 411 -17.08 -10.97 -48.02
C HIS C 411 -16.41 -9.95 -48.93
N PHE C 412 -16.42 -8.68 -48.52
CA PHE C 412 -15.80 -7.65 -49.35
C PHE C 412 -14.29 -7.77 -49.39
N THR C 413 -13.68 -8.30 -48.32
CA THR C 413 -12.24 -8.53 -48.35
C THR C 413 -11.89 -9.61 -49.35
N TYR C 414 -12.59 -10.75 -49.30
CA TYR C 414 -12.33 -11.83 -50.25
C TYR C 414 -12.74 -11.43 -51.66
N ARG C 415 -13.80 -10.62 -51.80
CA ARG C 415 -14.18 -10.11 -53.11
C ARG C 415 -13.09 -9.22 -53.68
N THR C 416 -12.44 -8.42 -52.84
CA THR C 416 -11.37 -7.54 -53.29
C THR C 416 -10.13 -8.34 -53.69
N LEU C 417 -9.84 -9.41 -52.96
CA LEU C 417 -8.56 -10.10 -53.11
C LEU C 417 -8.59 -11.21 -54.16
N CYS C 418 -9.44 -12.21 -53.97
CA CYS C 418 -9.36 -13.42 -54.80
C CYS C 418 -10.68 -13.94 -55.31
N ARG C 419 -11.82 -13.38 -54.92
CA ARG C 419 -13.11 -13.91 -55.31
C ARG C 419 -13.79 -12.95 -56.28
N GLY C 420 -14.24 -13.46 -57.41
CA GLY C 420 -14.81 -12.64 -58.46
C GLY C 420 -13.79 -12.26 -59.52
N GLU C 421 -14.30 -11.69 -60.61
CA GLU C 421 -13.46 -11.28 -61.71
C GLU C 421 -12.83 -9.90 -61.51
N TYR C 422 -13.29 -9.15 -60.52
CA TYR C 422 -12.74 -7.84 -60.21
C TYR C 422 -11.57 -7.93 -59.24
N SER C 423 -11.41 -9.07 -58.58
CA SER C 423 -10.44 -9.26 -57.52
C SER C 423 -9.01 -9.15 -58.04
N ILE C 424 -8.10 -8.82 -57.13
CA ILE C 424 -6.70 -8.63 -57.49
C ILE C 424 -6.14 -9.92 -58.07
N LEU C 425 -6.40 -11.05 -57.42
CA LEU C 425 -5.76 -12.31 -57.82
C LEU C 425 -6.33 -12.83 -59.13
N HIS C 426 -7.64 -12.70 -59.34
CA HIS C 426 -8.24 -13.18 -60.58
C HIS C 426 -7.68 -12.44 -61.79
N ARG C 427 -7.53 -11.11 -61.69
CA ARG C 427 -6.96 -10.37 -62.80
C ARG C 427 -5.49 -10.70 -62.99
N LEU C 428 -4.76 -10.94 -61.90
CA LEU C 428 -3.35 -11.30 -62.01
C LEU C 428 -3.18 -12.69 -62.61
N LYS C 429 -4.00 -13.65 -62.17
CA LYS C 429 -3.94 -14.99 -62.76
C LYS C 429 -4.30 -14.96 -64.24
N ALA C 430 -5.22 -14.08 -64.62
CA ALA C 430 -5.62 -13.97 -66.02
C ALA C 430 -4.48 -13.50 -66.91
N ALA C 431 -3.62 -12.62 -66.40
CA ALA C 431 -2.56 -12.03 -67.20
C ALA C 431 -1.22 -12.74 -67.05
N MET C 432 -0.91 -13.32 -65.89
CA MET C 432 0.38 -13.95 -65.68
C MET C 432 0.31 -15.34 -65.08
N GLY C 433 -0.89 -15.84 -64.79
CA GLY C 433 -1.01 -17.19 -64.27
C GLY C 433 -0.44 -17.33 -62.87
N THR C 434 0.34 -18.39 -62.66
CA THR C 434 0.91 -18.69 -61.35
C THR C 434 1.96 -17.68 -60.92
N ALA C 435 2.39 -16.77 -61.80
CA ALA C 435 3.43 -15.81 -61.46
C ALA C 435 2.96 -14.75 -60.45
N TRP C 436 1.68 -14.70 -60.11
CA TRP C 436 1.22 -13.68 -59.17
C TRP C 436 1.82 -13.87 -57.78
N ARG C 437 2.24 -15.10 -57.44
CA ARG C 437 2.93 -15.33 -56.18
C ARG C 437 4.22 -14.55 -56.07
N ASP C 438 4.76 -14.10 -57.21
CA ASP C 438 6.04 -13.40 -57.24
C ASP C 438 5.93 -11.90 -57.01
N TYR C 439 4.72 -11.34 -57.06
CA TYR C 439 4.54 -9.90 -56.98
C TYR C 439 3.75 -9.43 -55.76
N ILE C 440 2.95 -10.27 -55.13
CA ILE C 440 2.07 -9.84 -54.06
C ILE C 440 2.07 -10.89 -52.95
N SER C 441 2.03 -10.42 -51.70
CA SER C 441 2.01 -11.29 -50.53
C SER C 441 0.97 -10.77 -49.54
N ILE C 442 0.00 -11.62 -49.20
CA ILE C 442 -1.05 -11.28 -48.26
C ILE C 442 -0.90 -12.18 -47.04
N CYS C 443 -0.67 -11.57 -45.88
CA CYS C 443 -0.38 -12.31 -44.66
C CYS C 443 -1.10 -11.67 -43.48
N GLY C 444 -1.04 -12.35 -42.34
CA GLY C 444 -1.57 -11.83 -41.10
C GLY C 444 -0.59 -12.05 -39.98
N LEU C 445 -0.98 -11.72 -38.75
CA LEU C 445 -0.09 -11.86 -37.60
C LEU C 445 -0.79 -12.66 -36.51
N ARG C 446 -0.01 -13.51 -35.84
CA ARG C 446 -0.51 -14.32 -34.75
C ARG C 446 0.62 -14.54 -33.75
N THR C 447 0.25 -14.69 -32.48
CA THR C 447 1.21 -14.94 -31.42
C THR C 447 0.64 -16.01 -30.50
N HIS C 448 1.48 -16.53 -29.61
CA HIS C 448 1.05 -17.56 -28.69
C HIS C 448 1.63 -17.30 -27.30
N GLY C 449 0.95 -17.86 -26.29
CA GLY C 449 1.36 -17.74 -24.92
C GLY C 449 0.91 -18.93 -24.09
N GLU C 450 0.85 -18.76 -22.77
CA GLU C 450 0.42 -19.80 -21.85
C GLU C 450 -0.65 -19.24 -20.93
N LEU C 451 -1.77 -19.96 -20.80
CA LEU C 451 -2.85 -19.57 -19.91
C LEU C 451 -3.59 -20.82 -19.47
N GLY C 452 -3.70 -21.01 -18.16
CA GLY C 452 -4.37 -22.19 -17.62
C GLY C 452 -3.55 -23.45 -17.67
N GLY C 453 -2.22 -23.34 -17.72
CA GLY C 453 -1.36 -24.51 -17.74
C GLY C 453 -1.13 -25.10 -19.11
N HIS C 454 -1.62 -24.47 -20.17
CA HIS C 454 -1.50 -24.97 -21.52
C HIS C 454 -1.29 -23.79 -22.46
N PRO C 455 -0.75 -24.04 -23.65
CA PRO C 455 -0.55 -22.94 -24.61
C PRO C 455 -1.88 -22.34 -25.05
N VAL C 456 -1.87 -21.03 -25.26
CA VAL C 456 -3.02 -20.30 -25.80
C VAL C 456 -2.55 -19.47 -26.98
N SER C 457 -3.47 -19.21 -27.90
CA SER C 457 -3.17 -18.47 -29.12
C SER C 457 -4.22 -17.40 -29.37
N GLU C 458 -3.80 -16.31 -30.01
CA GLU C 458 -4.71 -15.25 -30.41
C GLU C 458 -4.08 -14.48 -31.57
N LEU C 459 -4.94 -13.99 -32.46
CA LEU C 459 -4.46 -13.17 -33.56
C LEU C 459 -4.01 -11.80 -33.05
N ILE C 460 -3.03 -11.23 -33.74
CA ILE C 460 -2.60 -9.86 -33.47
C ILE C 460 -3.38 -8.94 -34.39
N TYR C 461 -4.14 -8.03 -33.80
CA TYR C 461 -5.03 -7.16 -34.57
C TYR C 461 -4.23 -6.05 -35.22
N ILE C 462 -4.18 -6.07 -36.55
CA ILE C 462 -3.50 -5.02 -37.31
C ILE C 462 -4.49 -3.87 -37.46
N HIS C 463 -4.38 -2.87 -36.60
CA HIS C 463 -5.20 -1.66 -36.69
C HIS C 463 -4.48 -0.52 -37.38
N SER C 464 -3.26 -0.75 -37.87
CA SER C 464 -2.51 0.29 -38.55
C SER C 464 -3.22 0.71 -39.83
N LYS C 465 -2.88 1.91 -40.30
CA LYS C 465 -3.33 2.42 -41.60
C LYS C 465 -2.11 3.09 -42.23
N VAL C 466 -1.15 2.27 -42.65
CA VAL C 466 0.14 2.76 -43.11
C VAL C 466 0.49 2.07 -44.43
N LEU C 467 1.09 2.83 -45.34
CA LEU C 467 1.61 2.32 -46.61
C LEU C 467 3.04 2.80 -46.75
N ILE C 468 3.94 1.89 -47.13
CA ILE C 468 5.35 2.20 -47.34
C ILE C 468 5.70 1.85 -48.78
N ALA C 469 6.44 2.75 -49.44
CA ALA C 469 6.81 2.59 -50.84
C ALA C 469 8.29 2.88 -51.05
N ASP C 470 8.99 1.91 -51.64
CA ASP C 470 10.35 2.08 -52.17
C ASP C 470 11.36 2.57 -51.12
N ASP C 471 11.05 2.38 -49.84
CA ASP C 471 11.93 2.78 -48.73
C ASP C 471 12.18 4.29 -48.68
N ARG C 472 11.32 5.12 -49.28
CA ARG C 472 11.53 6.57 -49.20
C ARG C 472 10.27 7.30 -48.80
N THR C 473 9.11 6.73 -49.11
CA THR C 473 7.83 7.41 -48.92
C THR C 473 6.92 6.57 -48.04
N VAL C 474 6.27 7.23 -47.09
CA VAL C 474 5.38 6.59 -46.13
C VAL C 474 4.12 7.42 -46.00
N ILE C 475 2.98 6.74 -45.86
CA ILE C 475 1.71 7.38 -45.54
C ILE C 475 1.19 6.78 -44.24
N ILE C 476 0.95 7.62 -43.24
CA ILE C 476 0.43 7.21 -41.95
C ILE C 476 -0.82 8.02 -41.65
N GLY C 477 -1.87 7.34 -41.18
CA GLY C 477 -3.09 8.05 -40.85
C GLY C 477 -4.13 7.12 -40.25
N SER C 478 -5.37 7.60 -40.22
CA SER C 478 -6.49 6.84 -39.69
C SER C 478 -7.36 6.22 -40.77
N ALA C 479 -7.07 6.47 -42.04
CA ALA C 479 -7.94 6.04 -43.13
C ALA C 479 -7.65 4.59 -43.49
N ASN C 480 -8.69 3.75 -43.40
CA ASN C 480 -8.61 2.38 -43.86
C ASN C 480 -8.76 2.33 -45.38
N ILE C 481 -8.33 1.21 -45.96
CA ILE C 481 -8.48 1.01 -47.40
C ILE C 481 -9.89 0.51 -47.66
N ASN C 482 -10.85 1.43 -47.69
CA ASN C 482 -12.25 1.11 -47.98
C ASN C 482 -12.93 2.40 -48.46
N ASP C 483 -14.18 2.24 -48.89
CA ASP C 483 -14.94 3.41 -49.33
C ASP C 483 -15.24 4.35 -48.17
N ARG C 484 -15.43 3.81 -46.97
CA ARG C 484 -15.81 4.63 -45.82
C ARG C 484 -14.74 5.64 -45.47
N SER C 485 -13.47 5.26 -45.59
CA SER C 485 -12.38 6.17 -45.22
C SER C 485 -11.88 7.00 -46.40
N LEU C 486 -11.78 6.39 -47.58
CA LEU C 486 -11.08 7.01 -48.70
C LEU C 486 -11.95 7.93 -49.54
N LEU C 487 -13.27 7.70 -49.59
CA LEU C 487 -14.11 8.51 -50.47
C LEU C 487 -14.24 9.94 -49.99
N GLY C 488 -14.16 10.17 -48.68
CA GLY C 488 -14.27 11.50 -48.12
C GLY C 488 -15.69 11.96 -47.83
N LYS C 489 -16.64 11.57 -48.70
CA LYS C 489 -18.04 11.90 -48.48
C LYS C 489 -18.64 11.22 -47.27
N ARG C 490 -17.90 10.33 -46.61
CA ARG C 490 -18.41 9.58 -45.48
C ARG C 490 -17.64 9.90 -44.20
N ASP C 491 -16.88 8.93 -43.69
CA ASP C 491 -16.11 9.16 -42.49
C ASP C 491 -15.04 10.23 -42.73
N SER C 492 -14.75 10.99 -41.67
CA SER C 492 -13.68 11.97 -41.70
C SER C 492 -12.38 11.32 -41.23
N GLU C 493 -11.30 11.52 -41.97
CA GLU C 493 -10.04 10.87 -41.69
C GLU C 493 -8.89 11.87 -41.85
N LEU C 494 -7.75 11.52 -41.25
CA LEU C 494 -6.53 12.30 -41.38
C LEU C 494 -5.38 11.37 -41.76
N ALA C 495 -4.39 11.95 -42.42
CA ALA C 495 -3.17 11.22 -42.76
C ALA C 495 -2.08 12.24 -43.09
N VAL C 496 -0.84 11.75 -43.11
CA VAL C 496 0.30 12.54 -43.56
C VAL C 496 1.09 11.70 -44.55
N LEU C 497 1.54 12.34 -45.62
CA LEU C 497 2.43 11.71 -46.60
C LEU C 497 3.84 12.21 -46.29
N ILE C 498 4.74 11.28 -45.97
CA ILE C 498 6.07 11.61 -45.49
C ILE C 498 7.09 11.18 -46.54
N GLU C 499 7.82 12.16 -47.08
CA GLU C 499 8.83 11.94 -48.10
C GLU C 499 10.21 12.23 -47.53
N ASP C 500 11.15 11.33 -47.77
CA ASP C 500 12.50 11.46 -47.26
C ASP C 500 13.35 12.30 -48.19
N THR C 501 14.11 13.24 -47.61
CA THR C 501 15.10 14.00 -48.34
C THR C 501 16.52 13.61 -48.02
N GLU C 502 16.72 12.79 -46.98
CA GLU C 502 18.05 12.35 -46.54
C GLU C 502 18.07 10.84 -46.58
N THR C 503 19.17 10.26 -47.05
CA THR C 503 19.20 8.82 -47.33
C THR C 503 20.38 8.17 -46.62
N GLU C 504 20.34 6.85 -46.58
CA GLU C 504 21.41 6.02 -46.05
C GLU C 504 21.62 4.85 -47.02
N PRO C 505 22.81 4.25 -47.02
CA PRO C 505 23.06 3.11 -47.91
C PRO C 505 22.21 1.90 -47.56
N SER C 506 21.56 1.33 -48.58
CA SER C 506 20.72 0.16 -48.42
C SER C 506 20.82 -0.69 -49.67
N LEU C 507 19.90 -1.65 -49.82
CA LEU C 507 19.90 -2.56 -50.96
C LEU C 507 18.52 -2.60 -51.60
N MET C 508 18.51 -2.86 -52.91
CA MET C 508 17.26 -3.02 -53.65
C MET C 508 17.53 -4.00 -54.78
N ASN C 509 17.02 -5.23 -54.66
CA ASN C 509 17.27 -6.31 -55.61
C ASN C 509 18.76 -6.52 -55.85
N GLY C 510 19.51 -6.55 -54.75
CA GLY C 510 20.93 -6.81 -54.80
C GLY C 510 21.79 -5.68 -55.30
N ALA C 511 21.21 -4.51 -55.60
CA ALA C 511 21.94 -3.36 -56.08
C ALA C 511 22.03 -2.30 -54.99
N GLU C 512 23.08 -1.48 -55.05
CA GLU C 512 23.26 -0.42 -54.06
C GLU C 512 22.14 0.61 -54.20
N TYR C 513 21.53 0.95 -53.07
CA TYR C 513 20.31 1.77 -53.07
C TYR C 513 20.38 2.74 -51.91
N GLN C 514 20.05 4.00 -52.17
CA GLN C 514 20.00 5.03 -51.13
C GLN C 514 18.56 5.16 -50.64
N ALA C 515 18.27 4.56 -49.50
CA ALA C 515 16.93 4.54 -48.94
C ALA C 515 16.76 5.66 -47.91
N GLY C 516 15.56 6.20 -47.85
CA GLY C 516 15.28 7.29 -46.92
C GLY C 516 15.31 6.81 -45.48
N ARG C 517 15.92 7.62 -44.61
CA ARG C 517 16.12 7.21 -43.22
C ARG C 517 14.80 6.98 -42.50
N PHE C 518 13.81 7.84 -42.75
CA PHE C 518 12.52 7.69 -42.08
C PHE C 518 11.81 6.41 -42.54
N ALA C 519 11.71 6.22 -43.86
CA ALA C 519 10.94 5.09 -44.37
C ALA C 519 11.67 3.77 -44.11
N LEU C 520 12.98 3.73 -44.33
CA LEU C 520 13.71 2.48 -44.17
C LEU C 520 13.73 2.02 -42.72
N SER C 521 13.94 2.94 -41.78
CA SER C 521 13.93 2.55 -40.37
C SER C 521 12.57 2.00 -39.96
N LEU C 522 11.50 2.63 -40.44
CA LEU C 522 10.16 2.13 -40.14
C LEU C 522 9.91 0.78 -40.79
N ARG C 523 10.29 0.63 -42.07
CA ARG C 523 10.07 -0.63 -42.77
C ARG C 523 10.89 -1.75 -42.13
N LYS C 524 12.13 -1.45 -41.76
CA LYS C 524 12.96 -2.46 -41.10
C LYS C 524 12.38 -2.86 -39.75
N HIS C 525 11.88 -1.89 -38.99
CA HIS C 525 11.27 -2.21 -37.70
C HIS C 525 10.05 -3.09 -37.89
N CYS C 526 9.25 -2.82 -38.92
CA CYS C 526 8.09 -3.67 -39.22
C CYS C 526 8.53 -5.07 -39.61
N PHE C 527 9.51 -5.17 -40.51
CA PHE C 527 10.01 -6.49 -40.92
C PHE C 527 10.65 -7.23 -39.75
N GLY C 528 11.43 -6.52 -38.94
CA GLY C 528 12.16 -7.19 -37.86
C GLY C 528 11.23 -7.76 -36.81
N VAL C 529 10.24 -6.98 -36.39
CA VAL C 529 9.29 -7.46 -35.39
C VAL C 529 8.44 -8.59 -35.95
N ILE C 530 8.04 -8.47 -37.23
CA ILE C 530 7.19 -9.48 -37.85
C ILE C 530 7.95 -10.80 -38.01
N LEU C 531 9.21 -10.73 -38.44
CA LEU C 531 10.00 -11.92 -38.70
C LEU C 531 10.75 -12.43 -37.46
N GLY C 532 10.65 -11.73 -36.34
CA GLY C 532 11.35 -12.14 -35.14
C GLY C 532 12.86 -12.07 -35.28
N ALA C 533 13.36 -10.97 -35.85
CA ALA C 533 14.79 -10.82 -36.08
C ALA C 533 15.58 -10.73 -34.78
N ASN C 534 14.91 -10.43 -33.66
CA ASN C 534 15.61 -10.38 -32.38
C ASN C 534 16.23 -11.73 -32.02
N THR C 535 15.54 -12.82 -32.34
CA THR C 535 16.03 -14.16 -32.07
C THR C 535 16.77 -14.77 -33.26
N ARG C 536 16.80 -14.09 -34.40
CA ARG C 536 17.44 -14.59 -35.62
C ARG C 536 18.28 -13.46 -36.22
N PRO C 537 19.47 -13.20 -35.65
CA PRO C 537 20.31 -12.12 -36.16
C PRO C 537 20.91 -12.39 -37.53
N ASP C 538 20.86 -13.65 -38.01
CA ASP C 538 21.38 -13.95 -39.34
C ASP C 538 20.50 -13.36 -40.45
N LEU C 539 19.27 -12.96 -40.13
CA LEU C 539 18.36 -12.46 -41.14
C LEU C 539 18.80 -11.08 -41.61
N ASP C 540 18.94 -10.92 -42.92
CA ASP C 540 19.33 -9.65 -43.51
C ASP C 540 18.08 -8.97 -44.05
N LEU C 541 17.74 -7.81 -43.48
CA LEU C 541 16.54 -7.08 -43.87
C LEU C 541 16.85 -5.85 -44.71
N ARG C 542 18.06 -5.74 -45.25
CA ARG C 542 18.40 -4.58 -46.07
C ARG C 542 17.62 -4.56 -47.38
N ASP C 543 17.52 -5.72 -48.05
CA ASP C 543 16.89 -5.79 -49.36
C ASP C 543 15.48 -6.32 -49.22
N PRO C 544 14.45 -5.54 -49.59
CA PRO C 544 13.06 -5.99 -49.43
C PRO C 544 12.45 -6.66 -50.65
N ILE C 545 13.14 -6.75 -51.78
CA ILE C 545 12.51 -7.25 -53.00
C ILE C 545 13.30 -8.39 -53.62
N CYS C 546 14.50 -8.67 -53.10
CA CYS C 546 15.33 -9.71 -53.68
C CYS C 546 14.67 -11.08 -53.51
N ASP C 547 14.98 -11.99 -54.44
CA ASP C 547 14.25 -13.24 -54.54
C ASP C 547 14.42 -14.09 -53.28
N ASP C 548 15.61 -14.11 -52.69
CA ASP C 548 15.85 -14.93 -51.52
C ASP C 548 15.02 -14.46 -50.33
N PHE C 549 14.91 -13.14 -50.14
CA PHE C 549 14.13 -12.64 -49.02
C PHE C 549 12.63 -12.87 -49.22
N PHE C 550 12.14 -12.62 -50.43
CA PHE C 550 10.71 -12.78 -50.69
C PHE C 550 10.28 -14.23 -50.48
N GLN C 551 11.11 -15.18 -50.94
CA GLN C 551 10.82 -16.59 -50.70
C GLN C 551 10.87 -16.92 -49.21
N LEU C 552 11.84 -16.33 -48.50
CA LEU C 552 11.91 -16.49 -47.04
C LEU C 552 10.67 -15.92 -46.36
N TRP C 553 10.15 -14.82 -46.87
CA TRP C 553 8.93 -14.22 -46.30
C TRP C 553 7.74 -15.16 -46.40
N GLN C 554 7.51 -15.74 -47.59
CA GLN C 554 6.38 -16.64 -47.76
C GLN C 554 6.58 -17.95 -47.01
N ASP C 555 7.80 -18.49 -46.99
CA ASP C 555 8.04 -19.75 -46.30
C ASP C 555 7.79 -19.60 -44.82
N MET C 556 8.24 -18.50 -44.22
CA MET C 556 8.03 -18.28 -42.79
C MET C 556 6.56 -18.12 -42.47
N ALA C 557 5.83 -17.37 -43.30
CA ALA C 557 4.39 -17.23 -43.10
C ALA C 557 3.68 -18.56 -43.26
N GLU C 558 4.10 -19.35 -44.27
CA GLU C 558 3.51 -20.67 -44.47
C GLU C 558 3.87 -21.61 -43.32
N SER C 559 5.14 -21.60 -42.91
CA SER C 559 5.59 -22.49 -41.83
C SER C 559 4.89 -22.16 -40.53
N ASN C 560 4.84 -20.87 -40.16
CA ASN C 560 4.22 -20.49 -38.90
C ASN C 560 2.73 -20.81 -38.89
N ALA C 561 2.03 -20.48 -39.97
CA ALA C 561 0.58 -20.71 -40.01
C ALA C 561 0.23 -22.19 -39.93
N ASN C 562 1.04 -23.05 -40.54
CA ASN C 562 0.77 -24.49 -40.47
C ASN C 562 1.06 -25.05 -39.09
N ILE C 563 2.10 -24.56 -38.42
CA ILE C 563 2.39 -25.03 -37.06
C ILE C 563 1.25 -24.62 -36.13
N TYR C 564 0.72 -23.41 -36.31
CA TYR C 564 -0.40 -22.96 -35.49
C TYR C 564 -1.63 -23.83 -35.73
N GLU C 565 -1.84 -24.26 -36.98
CA GLU C 565 -2.91 -25.21 -37.29
C GLU C 565 -2.75 -26.48 -36.48
N GLN C 566 -1.58 -27.11 -36.54
CA GLN C 566 -1.36 -28.38 -35.85
C GLN C 566 -1.55 -28.26 -34.34
N ILE C 567 -1.07 -27.15 -33.76
CA ILE C 567 -1.09 -27.05 -32.31
C ILE C 567 -2.44 -26.52 -31.81
N PHE C 568 -2.92 -25.43 -32.39
CA PHE C 568 -4.09 -24.74 -31.87
C PHE C 568 -5.35 -24.95 -32.71
N ARG C 569 -5.21 -25.29 -33.99
CA ARG C 569 -6.36 -25.44 -34.89
C ARG C 569 -7.21 -24.19 -34.90
N CYS C 570 -6.55 -23.05 -34.98
CA CYS C 570 -7.17 -21.74 -34.94
C CYS C 570 -7.78 -21.37 -36.29
N LEU C 571 -8.74 -20.45 -36.25
CA LEU C 571 -9.42 -19.90 -37.41
C LEU C 571 -9.14 -18.40 -37.52
N PRO C 572 -9.17 -17.83 -38.74
CA PRO C 572 -9.52 -18.43 -40.02
C PRO C 572 -8.45 -19.37 -40.56
N SER C 573 -8.84 -20.28 -41.45
CA SER C 573 -7.91 -21.25 -41.99
C SER C 573 -8.41 -21.72 -43.36
N ASN C 574 -7.47 -22.20 -44.17
CA ASN C 574 -7.81 -22.80 -45.45
C ASN C 574 -8.37 -24.21 -45.33
N ALA C 575 -8.40 -24.76 -44.12
CA ALA C 575 -8.92 -26.10 -43.91
C ALA C 575 -10.44 -26.15 -43.88
N THR C 576 -11.10 -25.02 -43.65
CA THR C 576 -12.56 -24.96 -43.54
C THR C 576 -13.08 -24.06 -44.65
N ARG C 577 -13.43 -24.66 -45.79
CA ARG C 577 -13.96 -23.90 -46.92
C ARG C 577 -15.47 -23.80 -46.91
N SER C 578 -16.15 -24.44 -45.95
CA SER C 578 -17.59 -24.36 -45.84
C SER C 578 -17.97 -24.46 -44.37
N LEU C 579 -19.20 -24.03 -44.06
CA LEU C 579 -19.68 -24.12 -42.70
C LEU C 579 -19.91 -25.57 -42.28
N ARG C 580 -20.15 -26.45 -43.25
CA ARG C 580 -20.29 -27.87 -42.94
C ARG C 580 -19.00 -28.45 -42.39
N THR C 581 -17.88 -28.22 -43.09
CA THR C 581 -16.59 -28.62 -42.56
C THR C 581 -16.20 -27.80 -41.34
N LEU C 582 -16.67 -26.55 -41.27
CA LEU C 582 -16.37 -25.71 -40.11
C LEU C 582 -16.99 -26.30 -38.84
N ARG C 583 -18.22 -26.82 -38.95
CA ARG C 583 -18.84 -27.49 -37.82
C ARG C 583 -18.08 -28.74 -37.42
N GLU C 584 -17.47 -29.42 -38.40
CA GLU C 584 -16.67 -30.61 -38.09
C GLU C 584 -15.31 -30.23 -37.51
N TYR C 585 -14.75 -29.11 -37.96
CA TYR C 585 -13.39 -28.75 -37.58
C TYR C 585 -13.28 -28.46 -36.08
N VAL C 586 -14.19 -27.66 -35.54
CA VAL C 586 -14.08 -27.23 -34.14
C VAL C 586 -14.44 -28.32 -33.15
N ALA C 587 -14.89 -29.49 -33.61
CA ALA C 587 -15.28 -30.56 -32.70
C ALA C 587 -14.09 -31.27 -32.07
N VAL C 588 -12.91 -31.19 -32.67
CA VAL C 588 -11.74 -31.94 -32.19
C VAL C 588 -11.01 -31.11 -31.14
N GLU C 589 -10.47 -31.81 -30.13
CA GLU C 589 -9.72 -31.13 -29.07
C GLU C 589 -8.33 -30.76 -29.57
N PRO C 590 -7.88 -29.53 -29.37
CA PRO C 590 -6.58 -29.12 -29.88
C PRO C 590 -5.44 -29.70 -29.05
N LEU C 591 -4.28 -29.85 -29.70
CA LEU C 591 -3.11 -30.39 -29.03
C LEU C 591 -2.66 -29.54 -27.85
N ALA C 592 -3.00 -28.25 -27.85
CA ALA C 592 -2.63 -27.38 -26.74
C ALA C 592 -3.23 -27.89 -25.43
N THR C 593 -4.47 -28.37 -25.49
CA THR C 593 -5.13 -28.93 -24.31
C THR C 593 -4.96 -30.44 -24.20
N VAL C 594 -4.75 -31.14 -25.31
CA VAL C 594 -4.53 -32.58 -25.25
C VAL C 594 -3.20 -32.87 -24.54
N SER C 595 -2.10 -32.34 -25.07
CA SER C 595 -0.78 -32.58 -24.52
C SER C 595 0.04 -31.30 -24.58
N PRO C 596 -0.06 -30.45 -23.57
CA PRO C 596 0.74 -29.21 -23.54
C PRO C 596 2.24 -29.46 -23.70
N PRO C 597 2.82 -30.54 -23.13
CA PRO C 597 4.27 -30.73 -23.32
C PRO C 597 4.73 -30.79 -24.77
N LEU C 598 4.12 -31.64 -25.59
CA LEU C 598 4.55 -31.71 -26.99
C LEU C 598 4.07 -30.51 -27.81
N ALA C 599 2.99 -29.85 -27.38
CA ALA C 599 2.55 -28.64 -28.07
C ALA C 599 3.61 -27.55 -27.96
N ARG C 600 4.15 -27.35 -26.75
CA ARG C 600 5.20 -26.35 -26.58
C ARG C 600 6.46 -26.74 -27.34
N SER C 601 6.74 -28.03 -27.44
CA SER C 601 7.93 -28.49 -28.15
C SER C 601 7.87 -28.14 -29.62
N GLU C 602 6.68 -28.13 -30.21
CA GLU C 602 6.52 -27.75 -31.60
C GLU C 602 6.36 -26.24 -31.79
N LEU C 603 6.01 -25.52 -30.74
CA LEU C 603 5.94 -24.06 -30.82
C LEU C 603 7.31 -23.40 -30.79
N THR C 604 8.38 -24.17 -30.53
CA THR C 604 9.72 -23.63 -30.63
C THR C 604 10.12 -23.36 -32.08
N GLN C 605 9.44 -23.99 -33.03
CA GLN C 605 9.74 -23.82 -34.45
C GLN C 605 8.96 -22.68 -35.08
N VAL C 606 8.17 -21.94 -34.29
CA VAL C 606 7.50 -20.74 -34.77
C VAL C 606 8.50 -19.59 -34.73
N GLN C 607 8.64 -18.90 -35.86
CA GLN C 607 9.58 -17.79 -35.96
C GLN C 607 8.81 -16.52 -36.33
N GLY C 608 8.81 -15.54 -35.43
CA GLY C 608 8.07 -14.33 -35.67
C GLY C 608 6.57 -14.56 -35.48
N HIS C 609 5.80 -13.61 -35.99
CA HIS C 609 4.34 -13.67 -35.89
C HIS C 609 3.65 -13.77 -37.25
N LEU C 610 4.41 -13.77 -38.34
CA LEU C 610 3.81 -13.74 -39.66
C LEU C 610 3.14 -15.07 -39.99
N VAL C 611 1.87 -15.00 -40.41
CA VAL C 611 1.12 -16.16 -40.86
C VAL C 611 0.47 -15.82 -42.19
N HIS C 612 0.37 -16.82 -43.06
CA HIS C 612 -0.28 -16.64 -44.35
C HIS C 612 -1.76 -16.33 -44.17
N PHE C 613 -2.27 -15.39 -44.95
CA PHE C 613 -3.69 -15.08 -44.91
C PHE C 613 -4.45 -16.17 -45.66
N PRO C 614 -5.39 -16.87 -45.02
CA PRO C 614 -6.09 -17.97 -45.69
C PRO C 614 -7.18 -17.45 -46.62
N LEU C 615 -6.93 -17.53 -47.93
CA LEU C 615 -7.84 -16.99 -48.92
C LEU C 615 -8.96 -17.95 -49.30
N LYS C 616 -8.91 -19.20 -48.87
CA LYS C 616 -9.95 -20.17 -49.17
C LYS C 616 -10.85 -20.43 -47.96
N PHE C 617 -10.82 -19.56 -46.97
CA PHE C 617 -11.64 -19.70 -45.78
C PHE C 617 -13.10 -19.42 -46.11
N LEU C 618 -13.95 -20.42 -45.91
CA LEU C 618 -15.38 -20.35 -46.23
C LEU C 618 -15.62 -19.85 -47.64
N GLU C 619 -14.78 -20.29 -48.59
CA GLU C 619 -14.92 -19.87 -49.98
C GLU C 619 -16.16 -20.45 -50.65
N ASP C 620 -16.74 -21.53 -50.13
CA ASP C 620 -17.91 -22.13 -50.74
C ASP C 620 -19.21 -21.41 -50.35
N GLU C 621 -19.14 -20.32 -49.59
CA GLU C 621 -20.32 -19.60 -49.12
C GLU C 621 -20.40 -18.23 -49.77
N SER C 622 -21.55 -17.58 -49.57
CA SER C 622 -21.80 -16.23 -50.10
C SER C 622 -21.38 -15.14 -49.12
N LEU C 623 -21.65 -15.38 -47.83
CA LEU C 623 -21.20 -14.65 -46.64
C LEU C 623 -21.88 -13.30 -46.42
N LEU C 624 -22.87 -12.90 -47.22
CA LEU C 624 -23.55 -11.65 -46.96
C LEU C 624 -25.05 -11.90 -46.89
N PRO C 625 -25.72 -11.46 -45.80
CA PRO C 625 -27.17 -11.58 -45.61
C PRO C 625 -27.98 -11.07 -46.80
N GLY C 632 -32.80 -6.25 -43.28
CA GLY C 632 -33.80 -5.49 -43.99
C GLY C 632 -33.23 -4.53 -45.03
N MET C 633 -33.75 -3.31 -45.05
CA MET C 633 -33.40 -2.31 -46.07
C MET C 633 -32.25 -1.45 -45.55
N ILE C 634 -31.06 -2.01 -45.56
CA ILE C 634 -29.88 -1.30 -45.07
C ILE C 634 -28.83 -1.24 -46.19
N PRO C 635 -28.19 -0.09 -46.40
CA PRO C 635 -27.14 0.00 -47.41
C PRO C 635 -25.96 -0.88 -47.06
N LEU C 636 -25.43 -1.58 -48.06
CA LEU C 636 -24.22 -2.37 -47.85
C LEU C 636 -22.98 -1.50 -47.72
N GLU C 637 -23.08 -0.20 -48.02
CA GLU C 637 -21.98 0.74 -47.86
C GLU C 637 -21.60 0.93 -46.39
N VAL C 638 -22.35 0.30 -45.48
CA VAL C 638 -21.94 0.29 -44.08
C VAL C 638 -20.60 -0.42 -43.92
N TRP C 639 -20.32 -1.38 -44.80
CA TRP C 639 -19.13 -2.23 -44.68
C TRP C 639 -18.10 -2.02 -45.78
N THR C 640 -18.32 -1.09 -46.70
CA THR C 640 -17.42 -0.94 -47.84
C THR C 640 -16.50 0.28 -47.74
N PHE D 24 -33.06 24.81 8.53
CA PHE D 24 -32.29 23.82 9.28
C PHE D 24 -30.94 24.39 9.72
N LEU D 25 -30.87 25.72 9.88
CA LEU D 25 -29.62 26.40 10.16
C LEU D 25 -29.39 26.66 11.65
N GLN D 26 -30.40 26.50 12.49
CA GLN D 26 -30.30 26.78 13.92
C GLN D 26 -30.67 25.53 14.72
N LEU D 27 -30.78 25.69 16.04
CA LEU D 27 -31.38 24.69 16.89
C LEU D 27 -32.74 25.18 17.36
N HIS D 28 -33.66 24.24 17.54
CA HIS D 28 -35.05 24.52 17.81
C HIS D 28 -35.39 24.05 19.24
N ARG D 29 -36.65 23.66 19.44
CA ARG D 29 -37.10 23.18 20.75
C ARG D 29 -36.26 22.00 21.21
N HIS D 30 -35.89 22.02 22.50
CA HIS D 30 -35.05 20.98 23.11
C HIS D 30 -33.68 20.88 22.45
N ASP D 31 -33.21 21.98 21.86
CA ASP D 31 -31.91 22.02 21.19
C ASP D 31 -31.78 20.90 20.16
N SER D 32 -32.82 20.77 19.34
CA SER D 32 -32.85 19.76 18.28
C SER D 32 -32.49 20.39 16.94
N TYR D 33 -31.93 19.58 16.05
CA TYR D 33 -31.62 20.02 14.70
C TYR D 33 -32.86 20.27 13.86
N ALA D 34 -34.03 19.81 14.30
CA ALA D 34 -35.26 19.95 13.54
C ALA D 34 -36.34 20.59 14.39
N PRO D 35 -37.18 21.43 13.80
CA PRO D 35 -38.22 22.11 14.57
C PRO D 35 -39.48 21.25 14.65
N PRO D 36 -40.39 21.56 15.57
CA PRO D 36 -41.67 20.82 15.62
C PRO D 36 -42.45 21.02 14.33
N ARG D 37 -43.15 19.96 13.91
CA ARG D 37 -43.92 19.97 12.68
C ARG D 37 -45.40 19.79 12.97
N PRO D 38 -46.20 20.85 12.89
CA PRO D 38 -47.64 20.70 13.11
C PRO D 38 -48.31 20.02 11.93
N GLY D 39 -49.49 19.47 12.19
CA GLY D 39 -50.25 18.82 11.13
C GLY D 39 -49.60 17.58 10.56
N THR D 40 -48.88 16.83 11.37
CA THR D 40 -48.19 15.63 10.91
C THR D 40 -49.06 14.40 11.13
N LEU D 41 -49.18 13.57 10.10
CA LEU D 41 -49.88 12.29 10.23
C LEU D 41 -48.89 11.23 10.71
N ALA D 42 -49.15 10.69 11.90
CA ALA D 42 -48.27 9.69 12.50
C ALA D 42 -49.10 8.53 13.03
N ARG D 43 -48.58 7.31 12.89
CA ARG D 43 -49.23 6.12 13.41
C ARG D 43 -48.24 5.31 14.21
N TRP D 44 -48.62 4.96 15.43
CA TRP D 44 -47.81 4.13 16.31
C TRP D 44 -48.04 2.65 16.03
N PHE D 45 -47.05 1.85 16.39
CA PHE D 45 -47.14 0.40 16.27
C PHE D 45 -46.70 -0.25 17.57
N VAL D 46 -47.42 -1.28 17.99
CA VAL D 46 -47.04 -2.11 19.12
C VAL D 46 -46.79 -3.52 18.58
N ASN D 47 -45.62 -4.07 18.90
CA ASN D 47 -45.16 -5.37 18.41
C ASN D 47 -44.79 -5.25 16.93
N GLY D 48 -43.97 -6.19 16.44
CA GLY D 48 -43.41 -6.06 15.11
C GLY D 48 -44.31 -6.51 13.98
N ALA D 49 -45.38 -7.26 14.27
CA ALA D 49 -46.24 -7.78 13.23
C ALA D 49 -46.84 -6.66 12.38
N GLY D 50 -47.43 -5.67 13.03
CA GLY D 50 -47.99 -4.55 12.28
C GLY D 50 -46.91 -3.63 11.73
N TYR D 51 -45.85 -3.42 12.51
CA TYR D 51 -44.78 -2.53 12.07
C TYR D 51 -44.10 -3.08 10.82
N PHE D 52 -43.79 -4.39 10.83
CA PHE D 52 -43.11 -4.99 9.69
C PHE D 52 -44.02 -5.04 8.46
N ALA D 53 -45.31 -5.31 8.67
CA ALA D 53 -46.24 -5.32 7.55
C ALA D 53 -46.38 -3.95 6.92
N ALA D 54 -46.41 -2.90 7.74
CA ALA D 54 -46.48 -1.54 7.21
C ALA D 54 -45.23 -1.20 6.42
N VAL D 55 -44.06 -1.63 6.92
CA VAL D 55 -42.80 -1.38 6.22
C VAL D 55 -42.82 -2.05 4.84
N ALA D 56 -43.31 -3.29 4.77
CA ALA D 56 -43.35 -4.00 3.49
C ALA D 56 -44.22 -3.26 2.48
N ASP D 57 -45.34 -2.71 2.93
CA ASP D 57 -46.22 -1.96 2.03
C ASP D 57 -45.55 -0.68 1.55
N ALA D 58 -44.81 0.00 2.44
CA ALA D 58 -44.09 1.20 2.04
C ALA D 58 -42.96 0.87 1.07
N ILE D 59 -42.30 -0.26 1.27
CA ILE D 59 -41.25 -0.69 0.33
C ILE D 59 -41.85 -0.94 -1.04
N LEU D 60 -43.05 -1.53 -1.08
CA LEU D 60 -43.71 -1.83 -2.35
C LEU D 60 -44.04 -0.55 -3.13
N ARG D 61 -44.27 0.55 -2.43
CA ARG D 61 -44.62 1.82 -3.06
C ARG D 61 -43.42 2.73 -3.28
N ALA D 62 -42.21 2.24 -3.07
CA ALA D 62 -41.03 3.07 -3.27
C ALA D 62 -40.85 3.36 -4.75
N GLN D 63 -40.54 4.62 -5.06
CA GLN D 63 -40.35 5.06 -6.44
C GLN D 63 -38.95 5.56 -6.73
N GLU D 64 -38.27 6.17 -5.75
CA GLU D 64 -36.95 6.75 -6.02
C GLU D 64 -35.90 6.25 -5.04
N GLU D 65 -36.17 6.35 -3.73
CA GLU D 65 -35.13 6.14 -2.74
C GLU D 65 -35.68 5.37 -1.55
N ILE D 66 -34.81 4.56 -0.95
CA ILE D 66 -35.07 3.89 0.33
C ILE D 66 -33.82 4.05 1.19
N PHE D 67 -33.98 4.64 2.36
CA PHE D 67 -32.89 4.82 3.32
C PHE D 67 -33.14 3.93 4.52
N ILE D 68 -32.11 3.20 4.95
CA ILE D 68 -32.23 2.27 6.07
C ILE D 68 -31.01 2.40 6.98
N THR D 69 -31.25 2.64 8.26
CA THR D 69 -30.25 2.48 9.30
C THR D 69 -30.72 1.39 10.25
N ASP D 70 -29.83 0.46 10.58
CA ASP D 70 -30.16 -0.62 11.51
C ASP D 70 -28.94 -0.97 12.33
N TRP D 71 -29.18 -1.20 13.62
CA TRP D 71 -28.14 -1.79 14.46
C TRP D 71 -27.83 -3.22 14.00
N TRP D 72 -28.87 -3.97 13.62
CA TRP D 72 -28.70 -5.29 13.02
C TRP D 72 -29.82 -5.47 12.01
N LEU D 73 -29.45 -5.86 10.79
CA LEU D 73 -30.42 -6.15 9.74
C LEU D 73 -30.21 -7.58 9.28
N SER D 74 -31.26 -8.40 9.40
CA SER D 74 -31.22 -9.77 8.92
C SER D 74 -31.78 -9.80 7.51
N PRO D 75 -30.98 -10.12 6.50
CA PRO D 75 -31.46 -9.98 5.11
C PRO D 75 -32.62 -10.89 4.76
N GLU D 76 -32.68 -12.09 5.34
CA GLU D 76 -33.66 -13.09 4.96
C GLU D 76 -34.87 -13.11 5.89
N VAL D 77 -35.15 -12.01 6.58
CA VAL D 77 -36.29 -11.97 7.49
C VAL D 77 -37.55 -11.67 6.70
N TYR D 78 -38.66 -12.28 7.12
CA TYR D 78 -39.96 -12.10 6.49
C TYR D 78 -40.75 -11.01 7.21
N LEU D 79 -41.36 -10.12 6.43
CA LEU D 79 -42.12 -9.02 6.98
C LEU D 79 -43.60 -9.33 7.13
N LYS D 80 -44.06 -10.47 6.59
CA LYS D 80 -45.43 -10.91 6.74
C LYS D 80 -45.42 -12.41 7.01
N ARG D 81 -46.27 -12.85 7.93
CA ARG D 81 -46.28 -14.23 8.40
C ARG D 81 -47.70 -14.78 8.37
N PRO D 82 -47.86 -16.09 8.18
CA PRO D 82 -46.79 -17.07 7.91
C PRO D 82 -46.29 -16.99 6.47
N ALA D 83 -44.98 -17.12 6.29
CA ALA D 83 -44.40 -17.03 4.96
C ALA D 83 -44.81 -18.21 4.11
N HIS D 84 -45.44 -17.93 2.98
CA HIS D 84 -45.82 -18.96 2.02
C HIS D 84 -45.03 -18.86 0.72
N SER D 85 -44.13 -17.90 0.60
CA SER D 85 -43.33 -17.71 -0.60
C SER D 85 -42.14 -16.82 -0.23
N ASP D 86 -41.34 -16.50 -1.24
CA ASP D 86 -40.23 -15.58 -1.03
C ASP D 86 -40.64 -14.12 -1.12
N ASP D 87 -41.89 -13.85 -1.51
CA ASP D 87 -42.43 -12.51 -1.38
C ASP D 87 -42.47 -12.12 0.09
N TRP D 88 -42.34 -10.81 0.35
CA TRP D 88 -42.32 -10.19 1.66
C TRP D 88 -41.03 -10.46 2.43
N ARG D 89 -40.08 -11.20 1.86
CA ARG D 89 -38.75 -11.28 2.44
C ARG D 89 -37.97 -10.02 2.11
N LEU D 90 -37.27 -9.47 3.11
CA LEU D 90 -36.71 -8.14 2.97
C LEU D 90 -35.69 -8.08 1.84
N ASP D 91 -34.80 -9.08 1.75
CA ASP D 91 -33.81 -9.08 0.69
C ASP D 91 -34.49 -9.20 -0.68
N ILE D 92 -35.52 -10.03 -0.78
CA ILE D 92 -36.22 -10.19 -2.04
C ILE D 92 -37.00 -8.93 -2.39
N MET D 93 -37.58 -8.27 -1.39
CA MET D 93 -38.32 -7.04 -1.63
C MET D 93 -37.39 -5.92 -2.11
N LEU D 94 -36.25 -5.74 -1.44
CA LEU D 94 -35.31 -4.71 -1.84
C LEU D 94 -34.70 -5.01 -3.20
N LYS D 95 -34.55 -6.30 -3.53
CA LYS D 95 -33.99 -6.66 -4.84
C LYS D 95 -34.98 -6.33 -5.96
N ARG D 96 -36.28 -6.55 -5.72
CA ARG D 96 -37.28 -6.21 -6.73
C ARG D 96 -37.37 -4.70 -6.95
N LYS D 97 -37.34 -3.92 -5.87
CA LYS D 97 -37.39 -2.46 -6.01
C LYS D 97 -36.14 -1.92 -6.69
N ALA D 98 -34.97 -2.52 -6.40
CA ALA D 98 -33.75 -2.05 -7.05
C ALA D 98 -33.77 -2.35 -8.54
N GLU D 99 -34.35 -3.48 -8.94
CA GLU D 99 -34.48 -3.80 -10.35
C GLU D 99 -35.40 -2.82 -11.08
N GLU D 100 -36.24 -2.10 -10.34
CA GLU D 100 -37.12 -1.09 -10.93
C GLU D 100 -36.50 0.30 -10.92
N GLY D 101 -35.24 0.44 -10.49
CA GLY D 101 -34.58 1.72 -10.47
C GLY D 101 -34.59 2.45 -9.15
N VAL D 102 -35.05 1.83 -8.08
CA VAL D 102 -35.07 2.46 -6.77
C VAL D 102 -33.70 2.29 -6.12
N ARG D 103 -33.07 3.41 -5.76
CA ARG D 103 -31.78 3.39 -5.10
C ARG D 103 -31.96 3.08 -3.62
N VAL D 104 -31.32 2.02 -3.13
CA VAL D 104 -31.40 1.62 -1.74
C VAL D 104 -30.07 1.91 -1.07
N SER D 105 -30.10 2.80 -0.07
CA SER D 105 -28.94 3.15 0.72
C SER D 105 -29.12 2.64 2.14
N ILE D 106 -28.20 1.80 2.60
CA ILE D 106 -28.29 1.14 3.90
C ILE D 106 -27.06 1.50 4.71
N LEU D 107 -27.27 1.85 5.97
CA LEU D 107 -26.18 2.13 6.93
C LEU D 107 -26.26 1.09 8.03
N LEU D 108 -25.34 0.13 8.02
CA LEU D 108 -25.29 -0.93 9.00
C LEU D 108 -24.26 -0.60 10.07
N PHE D 109 -24.55 -0.97 11.32
CA PHE D 109 -23.59 -0.81 12.39
C PHE D 109 -22.53 -1.90 12.30
N LYS D 110 -21.27 -1.48 12.33
CA LYS D 110 -20.14 -2.40 12.26
C LYS D 110 -19.71 -2.78 13.68
N GLU D 111 -19.98 -4.01 14.07
CA GLU D 111 -19.63 -4.51 15.39
C GLU D 111 -18.12 -4.69 15.50
N VAL D 112 -17.64 -4.85 16.73
CA VAL D 112 -16.25 -5.23 16.95
C VAL D 112 -16.09 -6.73 16.74
N GLU D 113 -14.88 -7.14 16.38
CA GLU D 113 -14.62 -8.48 15.88
C GLU D 113 -14.79 -9.51 16.99
N LEU D 114 -15.77 -10.40 16.82
CA LEU D 114 -15.96 -11.57 17.67
C LEU D 114 -16.27 -11.19 19.12
N ALA D 115 -17.39 -10.49 19.30
CA ALA D 115 -17.92 -10.27 20.64
C ALA D 115 -19.39 -9.88 20.61
N LEU D 116 -19.97 -9.77 19.42
CA LEU D 116 -21.41 -9.57 19.26
C LEU D 116 -22.04 -10.78 18.56
N GLY D 117 -21.81 -10.93 17.26
CA GLY D 117 -22.34 -12.03 16.50
C GLY D 117 -23.46 -11.67 15.55
N ILE D 118 -23.67 -10.37 15.28
CA ILE D 118 -24.69 -9.97 14.31
C ILE D 118 -24.20 -10.15 12.88
N ASN D 119 -22.90 -10.31 12.68
CA ASN D 119 -22.29 -10.55 11.38
C ASN D 119 -22.74 -9.52 10.34
N SER D 120 -22.48 -8.25 10.66
CA SER D 120 -22.80 -7.18 9.71
C SER D 120 -22.07 -7.37 8.40
N GLY D 121 -20.91 -8.03 8.42
CA GLY D 121 -20.22 -8.35 7.17
C GLY D 121 -21.06 -9.23 6.26
N TYR D 122 -21.71 -10.25 6.82
CA TYR D 122 -22.58 -11.10 6.01
C TYR D 122 -23.80 -10.34 5.50
N SER D 123 -24.38 -9.49 6.34
CA SER D 123 -25.54 -8.70 5.93
C SER D 123 -25.20 -7.81 4.75
N LYS D 124 -24.05 -7.12 4.81
CA LYS D 124 -23.69 -6.21 3.74
C LYS D 124 -23.50 -6.93 2.41
N ARG D 125 -22.70 -8.01 2.41
CA ARG D 125 -22.47 -8.71 1.15
C ARG D 125 -23.75 -9.29 0.59
N ALA D 126 -24.58 -9.89 1.45
CA ALA D 126 -25.84 -10.47 0.98
C ALA D 126 -26.74 -9.41 0.38
N LEU D 127 -26.85 -8.25 1.03
CA LEU D 127 -27.70 -7.19 0.51
C LEU D 127 -27.14 -6.63 -0.79
N MET D 128 -25.83 -6.32 -0.79
CA MET D 128 -25.20 -5.71 -1.95
C MET D 128 -25.17 -6.64 -3.16
N LEU D 129 -25.15 -7.95 -2.91
CA LEU D 129 -25.13 -8.93 -4.00
C LEU D 129 -26.47 -9.02 -4.72
N LEU D 130 -27.54 -8.45 -4.17
CA LEU D 130 -28.85 -8.53 -4.80
C LEU D 130 -28.89 -7.74 -6.11
N HIS D 131 -28.44 -6.49 -6.08
CA HIS D 131 -28.55 -5.62 -7.24
C HIS D 131 -27.59 -4.45 -7.06
N PRO D 132 -27.02 -3.93 -8.16
CA PRO D 132 -26.10 -2.79 -8.03
C PRO D 132 -26.75 -1.53 -7.47
N ASN D 133 -28.08 -1.43 -7.49
CA ASN D 133 -28.77 -0.27 -6.95
C ASN D 133 -28.86 -0.28 -5.43
N ILE D 134 -28.37 -1.33 -4.78
CA ILE D 134 -28.45 -1.46 -3.33
C ILE D 134 -27.05 -1.17 -2.78
N LYS D 135 -26.89 0.02 -2.20
CA LYS D 135 -25.64 0.42 -1.59
C LYS D 135 -25.76 0.35 -0.07
N VAL D 136 -24.70 -0.12 0.57
CA VAL D 136 -24.67 -0.29 2.02
C VAL D 136 -23.28 0.09 2.52
N MET D 137 -23.23 0.85 3.61
CA MET D 137 -22.00 1.23 4.26
C MET D 137 -22.01 0.76 5.71
N ARG D 138 -20.81 0.54 6.25
CA ARG D 138 -20.65 0.04 7.61
C ARG D 138 -19.81 1.02 8.42
N HIS D 139 -20.24 1.26 9.65
CA HIS D 139 -19.62 2.22 10.54
C HIS D 139 -19.91 1.75 11.97
N PRO D 140 -18.94 1.85 12.89
CA PRO D 140 -17.62 2.41 12.59
C PRO D 140 -16.57 1.34 12.37
N ASP D 141 -15.47 1.71 11.73
CA ASP D 141 -14.33 0.82 11.54
C ASP D 141 -13.30 0.97 12.64
N GLN D 142 -13.11 2.19 13.14
CA GLN D 142 -12.25 2.42 14.29
C GLN D 142 -12.81 1.75 15.55
N VAL D 143 -11.91 1.36 16.44
CA VAL D 143 -12.29 0.67 17.66
C VAL D 143 -12.97 1.64 18.61
N THR D 144 -14.14 1.25 19.12
CA THR D 144 -14.92 2.09 20.02
C THR D 144 -15.86 1.20 20.82
N LEU D 145 -16.35 1.76 21.93
CA LEU D 145 -17.37 1.09 22.74
C LEU D 145 -18.78 1.37 22.27
N TRP D 146 -18.98 2.44 21.52
CA TRP D 146 -20.30 2.93 21.18
C TRP D 146 -20.73 2.45 19.80
N ALA D 147 -22.04 2.45 19.57
CA ALA D 147 -22.63 1.83 18.41
C ALA D 147 -23.61 2.78 17.74
N HIS D 148 -23.98 2.46 16.51
CA HIS D 148 -25.09 3.09 15.82
C HIS D 148 -26.34 2.26 16.11
N HIS D 149 -27.21 2.77 16.97
CA HIS D 149 -28.34 2.00 17.46
C HIS D 149 -29.68 2.43 16.86
N GLU D 150 -29.74 3.55 16.15
CA GLU D 150 -31.02 4.01 15.64
C GLU D 150 -31.53 3.10 14.53
N LYS D 151 -32.84 2.86 14.53
CA LYS D 151 -33.52 2.08 13.50
C LYS D 151 -34.39 3.03 12.70
N LEU D 152 -34.16 3.07 11.39
CA LEU D 152 -34.87 4.03 10.55
C LEU D 152 -35.05 3.45 9.17
N LEU D 153 -36.27 3.56 8.63
CA LEU D 153 -36.54 3.25 7.24
C LEU D 153 -37.34 4.39 6.65
N VAL D 154 -36.79 5.02 5.61
CA VAL D 154 -37.42 6.15 4.94
C VAL D 154 -37.61 5.79 3.48
N VAL D 155 -38.82 6.00 2.97
CA VAL D 155 -39.18 5.69 1.60
C VAL D 155 -39.47 6.99 0.86
N ASP D 156 -38.68 7.26 -0.19
CA ASP D 156 -38.83 8.46 -1.03
C ASP D 156 -38.77 9.74 -0.21
N GLN D 157 -38.17 9.69 0.98
CA GLN D 157 -38.08 10.80 1.91
C GLN D 157 -39.44 11.33 2.35
N VAL D 158 -40.51 10.59 2.11
CA VAL D 158 -41.85 11.05 2.48
C VAL D 158 -42.45 10.22 3.62
N VAL D 159 -42.02 8.98 3.80
CA VAL D 159 -42.55 8.08 4.81
C VAL D 159 -41.37 7.51 5.58
N ALA D 160 -41.34 7.73 6.89
CA ALA D 160 -40.21 7.32 7.72
C ALA D 160 -40.70 6.44 8.85
N PHE D 161 -40.06 5.30 9.02
CA PHE D 161 -40.33 4.37 10.11
C PHE D 161 -39.18 4.41 11.10
N LEU D 162 -39.50 4.46 12.39
CA LEU D 162 -38.49 4.42 13.43
C LEU D 162 -39.11 3.84 14.70
N GLY D 163 -38.28 3.68 15.72
CA GLY D 163 -38.70 3.05 16.95
C GLY D 163 -37.61 2.15 17.52
N GLY D 164 -38.01 1.08 18.20
CA GLY D 164 -37.08 0.13 18.75
C GLY D 164 -36.88 -1.12 17.94
N LEU D 165 -37.59 -1.26 16.83
CA LEU D 165 -37.58 -2.50 16.05
C LEU D 165 -36.52 -2.44 14.97
N ASP D 166 -35.53 -3.32 15.07
CA ASP D 166 -34.60 -3.57 13.96
C ASP D 166 -35.24 -4.56 13.00
N LEU D 167 -34.82 -4.48 11.73
CA LEU D 167 -35.24 -5.45 10.72
C LEU D 167 -34.39 -6.70 10.86
N ALA D 168 -34.59 -7.40 11.97
CA ALA D 168 -33.71 -8.48 12.38
C ALA D 168 -34.51 -9.64 12.94
N TYR D 169 -33.82 -10.75 13.19
CA TYR D 169 -34.44 -11.96 13.70
C TYR D 169 -34.97 -11.75 15.12
N GLY D 170 -36.06 -12.45 15.43
CA GLY D 170 -36.64 -12.43 16.76
C GLY D 170 -37.53 -11.26 17.06
N ARG D 171 -37.49 -10.19 16.26
CA ARG D 171 -38.25 -8.98 16.57
C ARG D 171 -39.74 -9.11 16.26
N TRP D 172 -40.10 -9.93 15.28
CA TRP D 172 -41.51 -10.07 14.90
C TRP D 172 -42.30 -10.75 16.02
N ASP D 173 -43.48 -10.19 16.32
CA ASP D 173 -44.39 -10.76 17.30
C ASP D 173 -45.71 -9.99 17.23
N ASP D 174 -46.73 -10.57 17.87
CA ASP D 174 -48.02 -9.89 18.00
C ASP D 174 -48.48 -9.93 19.45
N LEU D 175 -49.72 -9.51 19.72
CA LEU D 175 -50.21 -9.47 21.09
C LEU D 175 -50.46 -10.85 21.67
N HIS D 176 -50.37 -11.91 20.86
CA HIS D 176 -50.54 -13.26 21.40
C HIS D 176 -49.29 -13.70 22.17
N TYR D 177 -48.11 -13.24 21.74
CA TYR D 177 -46.84 -13.54 22.41
C TYR D 177 -46.70 -15.05 22.63
N ARG D 178 -46.95 -15.81 21.56
CA ARG D 178 -46.90 -17.26 21.65
C ARG D 178 -45.50 -17.73 22.01
N LEU D 179 -45.42 -18.71 22.92
CA LEU D 179 -44.15 -19.29 23.32
C LEU D 179 -43.71 -20.45 22.44
N THR D 180 -44.61 -20.99 21.61
CA THR D 180 -44.30 -22.15 20.79
C THR D 180 -44.59 -21.84 19.33
N ASP D 181 -43.94 -22.61 18.44
CA ASP D 181 -44.10 -22.51 17.00
C ASP D 181 -43.71 -23.88 16.42
N LEU D 182 -44.63 -24.84 16.56
CA LEU D 182 -44.34 -26.22 16.18
C LEU D 182 -44.94 -26.62 14.83
N GLY D 183 -45.93 -25.89 14.33
CA GLY D 183 -46.49 -26.14 13.02
C GLY D 183 -47.03 -27.55 12.80
N ASP D 205 -39.54 -25.69 0.24
CA ASP D 205 -40.85 -25.19 -0.18
C ASP D 205 -41.67 -24.65 0.99
N LEU D 206 -42.07 -23.37 0.89
CA LEU D 206 -42.82 -22.72 1.95
C LEU D 206 -44.29 -22.56 1.60
N SER D 207 -44.78 -23.24 0.56
CA SER D 207 -46.13 -23.01 0.08
C SER D 207 -47.19 -23.29 1.14
N HIS D 208 -46.91 -24.23 2.05
CA HIS D 208 -47.86 -24.54 3.12
C HIS D 208 -47.18 -24.42 4.48
N ASN D 209 -46.21 -23.51 4.59
CA ASN D 209 -45.51 -23.31 5.85
C ASN D 209 -46.48 -22.83 6.93
N GLN D 210 -46.35 -23.41 8.13
CA GLN D 210 -47.12 -22.99 9.29
C GLN D 210 -46.25 -22.37 10.37
N PHE D 211 -44.94 -22.26 10.14
CA PHE D 211 -44.00 -21.74 11.12
C PHE D 211 -43.93 -20.22 11.00
N PHE D 212 -44.30 -19.53 12.07
CA PHE D 212 -44.22 -18.07 12.07
C PHE D 212 -42.78 -17.58 12.16
N TRP D 213 -41.92 -18.33 12.86
CA TRP D 213 -40.51 -17.99 12.99
C TRP D 213 -39.69 -19.12 12.40
N LEU D 214 -39.13 -18.89 11.21
CA LEU D 214 -38.41 -19.91 10.46
C LEU D 214 -36.91 -19.83 10.79
N GLY D 215 -36.35 -20.96 11.19
CA GLY D 215 -34.90 -21.05 11.39
C GLY D 215 -34.42 -20.10 12.46
N LYS D 216 -33.55 -19.18 12.06
CA LYS D 216 -32.94 -18.23 13.01
C LYS D 216 -33.95 -17.25 13.61
N ASP D 217 -35.16 -17.20 13.08
CA ASP D 217 -36.17 -16.29 13.61
C ASP D 217 -36.76 -16.77 14.92
N TYR D 218 -36.65 -18.07 15.23
CA TYR D 218 -37.10 -18.62 16.50
C TYR D 218 -35.94 -18.59 17.48
N SER D 219 -36.10 -17.87 18.58
CA SER D 219 -34.97 -17.65 19.48
C SER D 219 -35.48 -17.33 20.88
N ASN D 220 -34.59 -17.54 21.86
CA ASN D 220 -34.79 -17.14 23.24
C ASN D 220 -33.53 -16.40 23.65
N LEU D 221 -33.67 -15.09 23.93
CA LEU D 221 -32.50 -14.24 24.10
C LEU D 221 -31.59 -14.71 25.23
N ILE D 222 -32.17 -15.11 26.36
CA ILE D 222 -31.33 -15.52 27.50
C ILE D 222 -30.81 -16.95 27.36
N THR D 223 -31.47 -17.80 26.57
CA THR D 223 -31.02 -19.18 26.44
C THR D 223 -29.74 -19.29 25.62
N LYS D 224 -29.74 -18.77 24.39
CA LYS D 224 -28.60 -18.93 23.52
C LYS D 224 -28.54 -17.76 22.54
N ASP D 225 -27.33 -17.28 22.29
CA ASP D 225 -27.12 -16.20 21.33
C ASP D 225 -27.17 -16.74 19.90
N TRP D 226 -27.40 -15.82 18.97
CA TRP D 226 -27.47 -16.18 17.56
C TRP D 226 -26.11 -16.70 17.07
N VAL D 227 -26.15 -17.73 16.23
CA VAL D 227 -24.97 -18.32 15.65
C VAL D 227 -25.23 -18.59 14.18
N GLN D 228 -24.20 -18.41 13.34
CA GLN D 228 -24.22 -18.83 11.94
C GLN D 228 -25.36 -18.19 11.15
N LEU D 229 -25.19 -16.93 10.76
CA LEU D 229 -26.28 -16.20 10.12
C LEU D 229 -26.39 -16.47 8.63
N ASP D 230 -25.46 -17.24 8.05
CA ASP D 230 -25.53 -17.63 6.65
C ASP D 230 -26.26 -18.95 6.44
N ARG D 231 -26.79 -19.56 7.49
CA ARG D 231 -27.62 -20.75 7.37
C ARG D 231 -28.94 -20.33 8.01
N PRO D 232 -29.78 -19.52 7.28
CA PRO D 232 -30.87 -18.82 7.95
C PRO D 232 -32.08 -19.67 8.29
N PHE D 233 -32.36 -20.68 7.47
CA PHE D 233 -33.55 -21.49 7.64
C PHE D 233 -33.27 -22.76 8.43
N GLU D 234 -32.12 -22.80 9.11
CA GLU D 234 -31.73 -23.89 9.97
C GLU D 234 -31.86 -23.43 11.42
N ASP D 235 -32.49 -24.26 12.25
CA ASP D 235 -32.63 -23.94 13.66
C ASP D 235 -31.29 -23.96 14.38
N PHE D 236 -31.15 -23.11 15.39
CA PHE D 236 -30.02 -23.14 16.29
C PHE D 236 -30.42 -23.41 17.74
N ILE D 237 -31.72 -23.47 18.03
CA ILE D 237 -32.23 -23.98 19.31
C ILE D 237 -33.38 -24.93 19.01
N ASP D 238 -33.64 -25.83 19.96
CA ASP D 238 -34.65 -26.87 19.78
C ASP D 238 -36.01 -26.32 20.18
N ARG D 239 -36.91 -26.18 19.20
CA ARG D 239 -38.24 -25.65 19.47
C ARG D 239 -39.13 -26.64 20.21
N GLU D 240 -38.77 -27.93 20.20
CA GLU D 240 -39.60 -28.94 20.84
C GLU D 240 -39.32 -29.07 22.34
N THR D 241 -38.24 -28.45 22.83
CA THR D 241 -37.92 -28.44 24.25
C THR D 241 -37.77 -27.05 24.83
N THR D 242 -37.27 -26.10 24.05
CA THR D 242 -37.00 -24.74 24.54
C THR D 242 -38.05 -23.80 24.00
N PRO D 243 -38.77 -23.06 24.83
CA PRO D 243 -39.75 -22.11 24.31
C PRO D 243 -39.09 -20.85 23.80
N ARG D 244 -39.71 -20.25 22.79
CA ARG D 244 -39.25 -18.95 22.32
C ARG D 244 -39.54 -17.89 23.39
N MET D 245 -38.82 -16.77 23.27
CA MET D 245 -39.05 -15.61 24.13
C MET D 245 -39.72 -14.50 23.35
N PRO D 246 -40.93 -14.08 23.73
CA PRO D 246 -41.64 -13.07 22.95
C PRO D 246 -40.94 -11.73 22.96
N TRP D 247 -41.10 -11.00 21.86
CA TRP D 247 -40.47 -9.71 21.66
C TRP D 247 -41.55 -8.64 21.67
N ARG D 248 -41.49 -7.75 22.65
CA ARG D 248 -42.40 -6.61 22.73
C ARG D 248 -41.63 -5.34 22.42
N ASP D 249 -42.15 -4.58 21.46
CA ASP D 249 -41.47 -3.37 21.01
C ASP D 249 -42.53 -2.39 20.53
N VAL D 250 -42.11 -1.14 20.32
CA VAL D 250 -42.98 -0.09 19.82
C VAL D 250 -42.28 0.62 18.66
N GLY D 251 -43.04 0.94 17.62
CA GLY D 251 -42.53 1.68 16.49
C GLY D 251 -43.56 2.70 16.04
N VAL D 252 -43.13 3.55 15.10
CA VAL D 252 -43.96 4.65 14.64
C VAL D 252 -43.57 4.99 13.20
N VAL D 253 -44.55 5.45 12.44
CA VAL D 253 -44.33 5.98 11.11
C VAL D 253 -44.83 7.42 11.07
N VAL D 254 -44.07 8.30 10.41
CA VAL D 254 -44.44 9.70 10.27
C VAL D 254 -44.37 10.06 8.79
N HIS D 255 -45.16 11.06 8.40
CA HIS D 255 -45.27 11.49 7.02
C HIS D 255 -44.93 12.97 6.90
N GLY D 256 -44.47 13.35 5.71
CA GLY D 256 -44.30 14.77 5.41
C GLY D 256 -43.01 15.32 5.97
N LEU D 257 -43.11 16.48 6.64
CA LEU D 257 -41.92 17.20 7.08
C LEU D 257 -41.04 16.39 8.03
N PRO D 258 -41.55 15.75 9.09
CA PRO D 258 -40.65 14.97 9.96
C PRO D 258 -39.94 13.84 9.24
N ALA D 259 -40.59 13.23 8.24
CA ALA D 259 -39.91 12.21 7.45
C ALA D 259 -38.75 12.81 6.65
N ARG D 260 -38.88 14.07 6.24
CA ARG D 260 -37.77 14.77 5.61
C ARG D 260 -36.68 15.09 6.61
N ASP D 261 -37.06 15.45 7.84
CA ASP D 261 -36.07 15.69 8.88
C ASP D 261 -35.29 14.43 9.20
N LEU D 262 -35.98 13.29 9.28
CA LEU D 262 -35.31 12.02 9.48
C LEU D 262 -34.49 11.63 8.26
N ALA D 263 -35.00 11.92 7.06
CA ALA D 263 -34.24 11.63 5.85
C ALA D 263 -32.94 12.43 5.82
N ARG D 264 -32.96 13.67 6.31
CA ARG D 264 -31.74 14.47 6.34
C ARG D 264 -30.79 14.02 7.43
N HIS D 265 -31.29 13.41 8.50
CA HIS D 265 -30.40 12.76 9.46
C HIS D 265 -29.65 11.61 8.80
N PHE D 266 -30.36 10.80 8.01
CA PHE D 266 -29.71 9.73 7.26
C PHE D 266 -28.68 10.28 6.28
N ILE D 267 -29.06 11.28 5.51
CA ILE D 267 -28.17 11.85 4.50
C ILE D 267 -26.92 12.41 5.17
N GLN D 268 -27.08 13.05 6.32
CA GLN D 268 -25.92 13.58 7.04
C GLN D 268 -25.01 12.44 7.49
N ARG D 269 -25.59 11.36 8.02
CA ARG D 269 -24.78 10.21 8.40
C ARG D 269 -24.16 9.53 7.17
N TRP D 270 -24.91 9.50 6.07
CA TRP D 270 -24.41 8.86 4.85
C TRP D 270 -23.22 9.63 4.28
N ASN D 271 -23.39 10.94 4.04
CA ASN D 271 -22.30 11.72 3.46
C ASN D 271 -21.10 11.82 4.41
N PHE D 272 -21.35 11.87 5.71
CA PHE D 272 -20.25 11.89 6.68
C PHE D 272 -19.49 10.58 6.67
N THR D 273 -20.21 9.45 6.72
CA THR D 273 -19.57 8.15 6.72
C THR D 273 -18.82 7.87 5.42
N LYS D 274 -19.20 8.53 4.32
CA LYS D 274 -18.46 8.37 3.08
C LYS D 274 -17.03 8.88 3.21
N THR D 275 -16.84 9.94 4.00
CA THR D 275 -15.54 10.57 4.18
C THR D 275 -14.70 9.89 5.27
N THR D 276 -15.10 8.71 5.75
CA THR D 276 -14.36 8.14 6.86
C THR D 276 -13.15 7.31 6.43
N LYS D 277 -13.27 6.51 5.37
CA LYS D 277 -12.15 5.71 4.91
C LYS D 277 -12.09 5.74 3.39
N ALA D 278 -11.03 5.12 2.85
CA ALA D 278 -10.72 5.18 1.43
C ALA D 278 -11.67 4.33 0.59
N LYS D 279 -12.14 3.20 1.10
CA LYS D 279 -12.97 2.30 0.32
C LYS D 279 -14.28 2.93 -0.15
N PTR D 280 -14.93 3.69 0.73
CA PTR D 280 -16.23 4.27 0.38
C PTR D 280 -16.05 5.67 -0.22
O PTR D 280 -17.02 6.35 -0.52
CB PTR D 280 -17.17 4.31 1.61
CG PTR D 280 -17.40 2.97 2.31
CD1 PTR D 280 -17.88 2.92 3.61
CD2 PTR D 280 -17.10 1.76 1.69
CE1 PTR D 280 -18.09 1.72 4.26
CE2 PTR D 280 -17.29 0.55 2.33
CZ PTR D 280 -17.76 0.53 3.63
OH PTR D 280 -17.98 -0.59 4.26
P PTR D 280 -16.71 -1.46 4.81
O1P PTR D 280 -16.75 -2.94 4.36
O2P PTR D 280 -16.76 -1.43 6.29
O3P PTR D 280 -15.39 -0.83 4.33
N LYS D 281 -14.79 6.08 -0.39
CA LYS D 281 -14.45 7.37 -1.02
C LYS D 281 -14.71 7.36 -2.52
N THR D 282 -14.79 6.16 -3.08
CA THR D 282 -15.08 6.00 -4.49
C THR D 282 -16.47 6.53 -4.82
N PRO D 283 -16.67 7.02 -6.06
CA PRO D 283 -18.00 7.52 -6.46
C PRO D 283 -19.05 6.43 -6.66
N THR D 284 -18.71 5.15 -6.48
CA THR D 284 -19.74 4.11 -6.51
C THR D 284 -20.70 4.22 -5.33
N TYR D 285 -20.30 4.97 -4.30
CA TYR D 285 -21.19 5.32 -3.18
C TYR D 285 -21.52 6.80 -3.35
N PRO D 286 -22.54 7.15 -4.11
CA PRO D 286 -22.79 8.57 -4.40
C PRO D 286 -23.24 9.34 -3.17
N TYR D 287 -23.00 10.64 -3.21
CA TYR D 287 -23.51 11.58 -2.22
C TYR D 287 -25.03 11.70 -2.35
N LEU D 288 -25.69 11.92 -1.21
CA LEU D 288 -27.12 12.13 -1.16
C LEU D 288 -27.41 13.58 -0.77
N LEU D 289 -28.50 14.11 -1.32
CA LEU D 289 -28.93 15.48 -1.10
C LEU D 289 -30.41 15.49 -0.75
N PRO D 290 -30.85 16.42 0.09
CA PRO D 290 -32.24 16.40 0.54
C PRO D 290 -33.21 16.82 -0.57
N LYS D 291 -34.45 16.38 -0.42
CA LYS D 291 -35.52 16.71 -1.34
C LYS D 291 -36.17 18.03 -0.94
N SER D 292 -36.76 18.71 -1.93
CA SER D 292 -37.30 20.04 -1.70
C SER D 292 -38.58 19.98 -0.87
N PHE D 301 -47.72 9.04 -1.96
CA PHE D 301 -48.57 8.13 -1.21
C PHE D 301 -48.49 8.41 0.28
N THR D 302 -49.43 7.84 1.03
CA THR D 302 -49.46 7.94 2.48
C THR D 302 -49.77 6.55 3.02
N LEU D 303 -49.31 6.29 4.23
CA LEU D 303 -49.59 4.96 4.75
C LEU D 303 -50.99 4.91 5.35
N PRO D 304 -51.73 3.82 5.12
CA PRO D 304 -53.07 3.70 5.70
C PRO D 304 -52.99 3.67 7.22
N GLY D 305 -53.57 4.67 7.85
CA GLY D 305 -53.49 4.88 9.27
C GLY D 305 -52.94 6.26 9.60
N GLY D 306 -52.90 6.54 10.90
CA GLY D 306 -52.25 7.73 11.40
C GLY D 306 -53.18 8.61 12.22
N GLN D 307 -52.63 9.74 12.64
CA GLN D 307 -53.34 10.73 13.42
C GLN D 307 -52.64 12.07 13.26
N CYS D 308 -53.43 13.14 13.16
CA CYS D 308 -52.87 14.48 13.00
C CYS D 308 -52.27 14.94 14.32
N THR D 309 -50.95 15.18 14.31
CA THR D 309 -50.20 15.49 15.52
C THR D 309 -49.14 16.53 15.21
N THR D 310 -48.47 16.99 16.26
CA THR D 310 -47.26 17.81 16.15
C THR D 310 -46.08 16.90 16.44
N VAL D 311 -45.21 16.70 15.45
CA VAL D 311 -44.10 15.77 15.54
C VAL D 311 -42.79 16.54 15.40
N GLN D 312 -41.86 16.28 16.32
CA GLN D 312 -40.52 16.84 16.28
C GLN D 312 -39.50 15.72 16.32
N VAL D 313 -38.62 15.67 15.33
CA VAL D 313 -37.57 14.66 15.29
C VAL D 313 -36.49 15.03 16.30
N LEU D 314 -36.01 14.04 17.03
CA LEU D 314 -34.95 14.21 18.01
C LEU D 314 -33.89 13.13 17.77
N ARG D 315 -32.68 13.38 18.25
CA ARG D 315 -31.61 12.42 18.02
C ARG D 315 -30.51 12.60 19.06
N SER D 316 -29.67 11.57 19.16
CA SER D 316 -28.44 11.60 19.95
C SER D 316 -27.29 11.30 19.00
N VAL D 317 -26.41 12.29 18.79
CA VAL D 317 -25.29 12.12 17.86
C VAL D 317 -24.04 12.75 18.46
N ASP D 318 -22.89 12.24 18.02
CA ASP D 318 -21.59 12.73 18.43
C ASP D 318 -20.75 12.99 17.18
N ARG D 319 -19.60 13.64 17.37
CA ARG D 319 -18.73 13.91 16.25
C ARG D 319 -18.24 12.62 15.60
N TRP D 320 -18.18 11.52 16.36
CA TRP D 320 -17.79 10.25 15.77
C TRP D 320 -18.92 9.67 14.92
N SER D 321 -20.16 9.85 15.36
CA SER D 321 -21.29 9.21 14.68
C SER D 321 -21.78 10.00 13.47
N ALA D 322 -21.95 11.32 13.60
CA ALA D 322 -22.47 12.12 12.49
C ALA D 322 -21.71 13.42 12.24
N GLY D 323 -20.59 13.66 12.90
CA GLY D 323 -19.85 14.88 12.68
C GLY D 323 -20.32 16.08 13.49
N THR D 324 -21.40 15.95 14.25
CA THR D 324 -21.92 17.02 15.07
C THR D 324 -22.39 16.42 16.38
N LEU D 325 -22.60 17.27 17.38
CA LEU D 325 -23.05 16.82 18.68
C LEU D 325 -24.50 17.24 18.92
N GLU D 326 -25.29 16.32 19.46
CA GLU D 326 -26.68 16.58 19.79
C GLU D 326 -27.14 15.56 20.80
N ASN D 327 -27.97 16.01 21.75
CA ASN D 327 -28.63 15.15 22.71
C ASN D 327 -30.06 15.63 22.92
N SER D 328 -30.79 15.83 21.80
CA SER D 328 -32.15 16.35 21.88
C SER D 328 -33.12 15.36 22.49
N ILE D 329 -32.86 14.05 22.34
CA ILE D 329 -33.73 13.05 22.96
C ILE D 329 -33.73 13.22 24.47
N LEU D 330 -32.54 13.40 25.05
CA LEU D 330 -32.44 13.57 26.50
C LEU D 330 -33.18 14.82 26.98
N ASN D 331 -33.04 15.93 26.24
CA ASN D 331 -33.70 17.16 26.65
C ASN D 331 -35.22 17.02 26.61
N ALA D 332 -35.75 16.35 25.57
CA ALA D 332 -37.19 16.16 25.50
C ALA D 332 -37.70 15.25 26.61
N TYR D 333 -36.90 14.26 27.01
CA TYR D 333 -37.29 13.40 28.13
C TYR D 333 -37.42 14.21 29.41
N LEU D 334 -36.42 15.04 29.72
CA LEU D 334 -36.47 15.83 30.96
C LEU D 334 -37.59 16.84 30.92
N HIS D 335 -37.77 17.50 29.78
CA HIS D 335 -38.84 18.49 29.65
C HIS D 335 -40.21 17.82 29.74
N THR D 336 -40.39 16.67 29.08
CA THR D 336 -41.68 15.99 29.13
C THR D 336 -42.01 15.54 30.55
N ILE D 337 -41.00 15.08 31.28
CA ILE D 337 -41.21 14.67 32.67
C ILE D 337 -41.44 15.89 33.55
N ARG D 338 -40.72 17.00 33.30
CA ARG D 338 -40.84 18.17 34.16
C ARG D 338 -42.23 18.80 34.09
N GLU D 339 -42.82 18.86 32.89
CA GLU D 339 -44.11 19.50 32.69
C GLU D 339 -45.28 18.52 32.66
N SER D 340 -45.04 17.25 32.99
CA SER D 340 -46.15 16.31 33.10
C SER D 340 -47.09 16.75 34.22
N GLN D 341 -48.38 16.49 34.01
CA GLN D 341 -49.42 16.96 34.92
C GLN D 341 -50.10 15.85 35.71
N HIS D 342 -50.20 14.64 35.15
CA HIS D 342 -51.04 13.62 35.75
C HIS D 342 -50.32 12.28 35.89
N PHE D 343 -49.69 11.80 34.82
CA PHE D 343 -49.04 10.49 34.91
C PHE D 343 -47.93 10.38 33.87
N LEU D 344 -47.04 9.43 34.11
CA LEU D 344 -46.02 9.02 33.15
C LEU D 344 -46.15 7.52 32.96
N TYR D 345 -46.22 7.08 31.71
CA TYR D 345 -46.16 5.66 31.37
C TYR D 345 -44.87 5.42 30.61
N ILE D 346 -43.95 4.68 31.22
CA ILE D 346 -42.63 4.43 30.67
C ILE D 346 -42.49 2.94 30.38
N GLU D 347 -42.11 2.62 29.15
CA GLU D 347 -41.84 1.25 28.72
C GLU D 347 -40.46 1.25 28.06
N ASN D 348 -39.47 0.71 28.74
CA ASN D 348 -38.09 0.79 28.26
C ASN D 348 -37.34 -0.49 28.55
N GLN D 349 -36.41 -0.83 27.66
CA GLN D 349 -35.55 -1.99 27.85
C GLN D 349 -34.62 -1.80 29.05
N PHE D 350 -34.10 -0.58 29.22
CA PHE D 350 -33.21 -0.28 30.34
C PHE D 350 -33.71 0.94 31.08
N PHE D 351 -33.37 1.01 32.38
CA PHE D 351 -33.68 2.14 33.24
C PHE D 351 -32.49 2.29 34.19
N ILE D 352 -31.44 2.91 33.68
CA ILE D 352 -30.21 3.16 34.41
C ILE D 352 -30.02 4.67 34.42
N SER D 353 -30.16 5.27 35.60
CA SER D 353 -30.13 6.72 35.68
C SER D 353 -29.69 7.16 37.07
N CYS D 354 -30.33 8.21 37.60
CA CYS D 354 -29.99 8.77 38.91
C CYS D 354 -28.52 9.20 38.92
N SER D 355 -28.29 10.30 38.21
CA SER D 355 -26.95 10.85 38.03
C SER D 355 -26.24 11.05 39.37
N ASP D 356 -25.03 10.49 39.46
CA ASP D 356 -24.22 10.63 40.66
C ASP D 356 -23.01 11.53 40.46
N GLY D 357 -22.59 11.75 39.21
CA GLY D 357 -21.48 12.62 38.90
C GLY D 357 -20.25 11.91 38.40
N ARG D 358 -20.13 10.60 38.63
CA ARG D 358 -18.91 9.87 38.26
C ARG D 358 -19.12 8.61 37.45
N THR D 359 -20.29 7.98 37.49
CA THR D 359 -20.49 6.79 36.68
C THR D 359 -21.74 6.86 35.81
N VAL D 360 -22.89 7.19 36.41
CA VAL D 360 -24.13 7.40 35.67
C VAL D 360 -24.42 8.88 35.66
N LEU D 361 -24.81 9.40 34.49
CA LEU D 361 -24.85 10.84 34.28
C LEU D 361 -26.21 11.41 33.88
N ASN D 362 -27.10 10.64 33.26
CA ASN D 362 -28.37 11.21 32.83
C ASN D 362 -29.28 11.45 34.03
N LYS D 363 -30.11 12.49 33.94
CA LYS D 363 -30.93 12.95 35.04
C LYS D 363 -32.41 12.62 34.86
N VAL D 364 -32.71 11.54 34.14
CA VAL D 364 -34.11 11.15 33.95
C VAL D 364 -34.73 10.70 35.28
N GLY D 365 -33.99 9.91 36.05
CA GLY D 365 -34.50 9.47 37.34
C GLY D 365 -34.69 10.60 38.33
N ASP D 366 -33.79 11.58 38.30
CA ASP D 366 -33.92 12.72 39.20
C ASP D 366 -35.15 13.56 38.87
N GLU D 367 -35.43 13.76 37.58
CA GLU D 367 -36.61 14.52 37.19
C GLU D 367 -37.88 13.79 37.59
N ILE D 368 -37.88 12.47 37.50
CA ILE D 368 -39.04 11.69 37.97
C ILE D 368 -39.21 11.85 39.47
N VAL D 369 -38.10 11.77 40.21
CA VAL D 369 -38.17 11.96 41.66
C VAL D 369 -38.63 13.37 41.99
N ASP D 370 -38.05 14.37 41.33
CA ASP D 370 -38.43 15.76 41.57
C ASP D 370 -39.91 15.99 41.24
N ARG D 371 -40.41 15.36 40.18
CA ARG D 371 -41.80 15.53 39.81
C ARG D 371 -42.73 14.85 40.81
N ILE D 372 -42.35 13.66 41.27
CA ILE D 372 -43.15 12.94 42.26
C ILE D 372 -43.13 13.68 43.59
N LEU D 373 -41.96 14.17 44.01
CA LEU D 373 -41.85 14.91 45.27
C LEU D 373 -42.67 16.19 45.21
N LYS D 374 -42.71 16.85 44.05
CA LYS D 374 -43.51 18.06 43.90
C LYS D 374 -45.00 17.75 43.99
N ALA D 375 -45.44 16.65 43.39
CA ALA D 375 -46.84 16.27 43.46
C ALA D 375 -47.25 15.88 44.87
N HIS D 376 -46.39 15.18 45.60
CA HIS D 376 -46.73 14.81 46.96
C HIS D 376 -46.82 16.04 47.87
N LYS D 377 -45.89 16.99 47.68
CA LYS D 377 -45.97 18.22 48.45
C LYS D 377 -47.24 19.00 48.11
N GLN D 378 -47.66 18.94 46.84
CA GLN D 378 -48.81 19.71 46.37
C GLN D 378 -50.05 18.84 46.18
N GLY D 379 -50.14 17.71 46.88
CA GLY D 379 -51.39 16.97 47.00
C GLY D 379 -52.04 16.56 45.70
N TRP D 380 -51.25 16.33 44.65
CA TRP D 380 -51.81 15.98 43.35
C TRP D 380 -51.93 14.47 43.20
N CYS D 381 -52.80 14.07 42.27
CA CYS D 381 -52.94 12.66 41.91
C CYS D 381 -51.95 12.42 40.79
N TYR D 382 -50.87 11.69 41.09
CA TYR D 382 -49.81 11.47 40.12
C TYR D 382 -49.35 10.04 40.19
N ARG D 383 -49.21 9.39 39.04
CA ARG D 383 -48.78 8.01 38.96
C ARG D 383 -47.64 7.90 37.95
N VAL D 384 -46.73 6.97 38.21
CA VAL D 384 -45.62 6.68 37.30
C VAL D 384 -45.58 5.18 37.09
N TYR D 385 -45.86 4.75 35.87
CA TYR D 385 -45.79 3.35 35.48
C TYR D 385 -44.47 3.09 34.77
N VAL D 386 -43.65 2.21 35.31
CA VAL D 386 -42.39 1.83 34.70
C VAL D 386 -42.46 0.35 34.32
N LEU D 387 -42.33 0.07 33.04
CA LEU D 387 -42.35 -1.30 32.53
C LEU D 387 -40.97 -1.63 31.99
N LEU D 388 -40.33 -2.64 32.56
CA LEU D 388 -38.99 -3.07 32.20
C LEU D 388 -38.97 -4.57 31.99
N PRO D 389 -38.04 -5.08 31.19
CA PRO D 389 -37.87 -6.54 31.09
C PRO D 389 -37.43 -7.11 32.42
N LEU D 390 -37.98 -8.28 32.76
CA LEU D 390 -37.63 -8.91 34.02
C LEU D 390 -36.14 -9.22 34.09
N LEU D 391 -35.52 -9.51 32.94
CA LEU D 391 -34.09 -9.74 32.85
C LEU D 391 -33.56 -9.07 31.59
N PRO D 392 -32.30 -8.64 31.60
CA PRO D 392 -31.71 -8.09 30.37
C PRO D 392 -31.52 -9.19 29.33
N GLY D 393 -31.67 -8.79 28.06
CA GLY D 393 -31.61 -9.73 26.96
C GLY D 393 -30.23 -10.19 26.56
N PHE D 394 -29.56 -10.90 27.46
CA PHE D 394 -28.24 -11.46 27.18
C PHE D 394 -28.21 -12.93 27.54
N GLU D 395 -27.38 -13.68 26.82
CA GLU D 395 -27.21 -15.11 27.08
C GLU D 395 -26.53 -15.31 28.43
N GLY D 396 -27.19 -16.04 29.32
CA GLY D 396 -26.63 -16.31 30.64
C GLY D 396 -27.41 -17.39 31.34
N ASP D 397 -26.77 -17.98 32.36
CA ASP D 397 -27.38 -19.02 33.18
C ASP D 397 -28.02 -18.35 34.38
N ILE D 398 -29.34 -18.15 34.32
CA ILE D 398 -30.06 -17.49 35.41
C ILE D 398 -29.99 -18.31 36.69
N SER D 399 -29.95 -19.65 36.59
CA SER D 399 -29.90 -20.51 37.76
C SER D 399 -28.61 -20.38 38.56
N THR D 400 -27.58 -19.75 38.02
CA THR D 400 -26.39 -19.40 38.79
C THR D 400 -26.39 -17.94 39.20
N GLY D 401 -27.38 -17.17 38.75
CA GLY D 401 -27.40 -15.73 38.94
C GLY D 401 -27.07 -14.93 37.70
N GLY D 402 -26.93 -15.57 36.54
CA GLY D 402 -26.63 -14.89 35.30
C GLY D 402 -25.14 -14.66 35.10
N GLY D 403 -24.80 -14.26 33.87
CA GLY D 403 -23.42 -13.97 33.53
C GLY D 403 -23.01 -12.57 33.94
N ASN D 404 -21.83 -12.17 33.47
CA ASN D 404 -21.33 -10.83 33.78
C ASN D 404 -22.23 -9.75 33.19
N SER D 405 -22.71 -9.95 31.96
CA SER D 405 -23.55 -8.94 31.32
C SER D 405 -24.88 -8.77 32.06
N ILE D 406 -25.56 -9.88 32.34
CA ILE D 406 -26.84 -9.81 33.03
C ILE D 406 -26.70 -9.17 34.40
N GLN D 407 -25.65 -9.53 35.13
CA GLN D 407 -25.49 -9.08 36.50
C GLN D 407 -25.14 -7.59 36.58
N ALA D 408 -24.26 -7.12 35.69
CA ALA D 408 -23.85 -5.72 35.72
C ALA D 408 -25.02 -4.78 35.46
N ILE D 409 -25.88 -5.12 34.50
CA ILE D 409 -27.03 -4.28 34.19
C ILE D 409 -28.04 -4.32 35.32
N LEU D 410 -28.24 -5.50 35.93
CA LEU D 410 -29.14 -5.59 37.07
C LEU D 410 -28.65 -4.73 38.22
N HIS D 411 -27.32 -4.62 38.39
CA HIS D 411 -26.77 -3.76 39.43
C HIS D 411 -27.19 -2.31 39.22
N PHE D 412 -26.95 -1.78 38.03
CA PHE D 412 -27.30 -0.38 37.75
C PHE D 412 -28.81 -0.19 37.71
N THR D 413 -29.56 -1.23 37.34
CA THR D 413 -31.01 -1.14 37.38
C THR D 413 -31.50 -1.03 38.83
N TYR D 414 -31.02 -1.93 39.70
CA TYR D 414 -31.42 -1.90 41.10
C TYR D 414 -30.87 -0.66 41.80
N ARG D 415 -29.66 -0.22 41.42
CA ARG D 415 -29.09 0.97 42.01
C ARG D 415 -29.85 2.22 41.61
N THR D 416 -30.42 2.25 40.41
CA THR D 416 -31.25 3.37 39.99
C THR D 416 -32.57 3.39 40.74
N LEU D 417 -33.13 2.21 41.04
CA LEU D 417 -34.50 2.12 41.53
C LEU D 417 -34.59 2.16 43.06
N CYS D 418 -33.97 1.19 43.74
CA CYS D 418 -34.23 1.02 45.16
C CYS D 418 -32.99 0.79 46.02
N ARG D 419 -31.79 0.65 45.44
CA ARG D 419 -30.59 0.34 46.21
C ARG D 419 -29.66 1.53 46.22
N GLY D 420 -29.22 1.93 47.42
CA GLY D 420 -28.39 3.09 47.59
C GLY D 420 -29.18 4.34 47.90
N GLU D 421 -28.46 5.39 48.28
CA GLU D 421 -29.10 6.66 48.61
C GLU D 421 -29.41 7.49 47.37
N TYR D 422 -28.88 7.11 46.20
CA TYR D 422 -29.21 7.80 44.96
C TYR D 422 -30.45 7.23 44.29
N SER D 423 -30.89 6.05 44.72
CA SER D 423 -31.99 5.34 44.07
C SER D 423 -33.31 6.09 44.25
N ILE D 424 -34.23 5.84 43.33
CA ILE D 424 -35.53 6.52 43.36
C ILE D 424 -36.28 6.17 44.64
N LEU D 425 -36.31 4.88 44.99
CA LEU D 425 -37.16 4.45 46.11
C LEU D 425 -36.60 4.91 47.45
N HIS D 426 -35.28 4.89 47.62
CA HIS D 426 -34.70 5.41 48.85
C HIS D 426 -34.99 6.89 49.01
N ARG D 427 -34.88 7.67 47.93
CA ARG D 427 -35.18 9.09 47.99
C ARG D 427 -36.66 9.35 48.23
N LEU D 428 -37.54 8.51 47.68
CA LEU D 428 -38.97 8.69 47.90
C LEU D 428 -39.35 8.33 49.33
N LYS D 429 -38.78 7.25 49.87
CA LYS D 429 -39.07 6.88 51.26
C LYS D 429 -38.62 7.95 52.23
N ALA D 430 -37.53 8.67 51.91
CA ALA D 430 -37.03 9.70 52.81
C ALA D 430 -38.02 10.84 52.98
N ALA D 431 -38.78 11.17 51.93
CA ALA D 431 -39.69 12.31 51.96
C ALA D 431 -41.13 11.94 52.31
N MET D 432 -41.58 10.74 51.93
CA MET D 432 -42.98 10.37 52.14
C MET D 432 -43.16 8.99 52.76
N GLY D 433 -42.08 8.26 53.04
CA GLY D 433 -42.23 6.97 53.71
C GLY D 433 -42.88 5.95 52.80
N THR D 434 -43.84 5.21 53.35
CA THR D 434 -44.54 4.17 52.61
C THR D 434 -45.45 4.72 51.52
N ALA D 435 -45.66 6.04 51.47
CA ALA D 435 -46.55 6.62 50.47
C ALA D 435 -45.99 6.56 49.06
N TRP D 436 -44.74 6.11 48.88
CA TRP D 436 -44.16 6.06 47.54
C TRP D 436 -44.91 5.09 46.64
N ARG D 437 -45.56 4.09 47.21
CA ARG D 437 -46.32 3.14 46.40
C ARG D 437 -47.55 3.76 45.74
N ASP D 438 -47.95 4.96 46.16
CA ASP D 438 -49.08 5.64 45.57
C ASP D 438 -48.72 6.45 44.33
N TYR D 439 -47.43 6.64 44.06
CA TYR D 439 -46.99 7.49 42.96
C TYR D 439 -46.21 6.77 41.87
N ILE D 440 -45.64 5.60 42.15
CA ILE D 440 -44.79 4.91 41.19
C ILE D 440 -45.08 3.42 41.24
N SER D 441 -45.07 2.78 40.07
CA SER D 441 -45.30 1.33 39.95
C SER D 441 -44.28 0.77 38.98
N ILE D 442 -43.51 -0.22 39.43
CA ILE D 442 -42.46 -0.84 38.62
C ILE D 442 -42.86 -2.29 38.37
N CYS D 443 -43.00 -2.67 37.11
CA CYS D 443 -43.51 -3.98 36.75
C CYS D 443 -42.75 -4.56 35.57
N GLY D 444 -43.02 -5.83 35.28
CA GLY D 444 -42.50 -6.51 34.12
C GLY D 444 -43.60 -7.30 33.45
N LEU D 445 -43.27 -8.07 32.41
CA LEU D 445 -44.27 -8.84 31.68
C LEU D 445 -43.84 -10.30 31.60
N ARG D 446 -44.83 -11.19 31.74
CA ARG D 446 -44.60 -12.62 31.65
C ARG D 446 -45.85 -13.27 31.07
N THR D 447 -45.64 -14.37 30.36
CA THR D 447 -46.73 -15.15 29.78
C THR D 447 -46.43 -16.63 29.98
N HIS D 448 -47.43 -17.47 29.73
CA HIS D 448 -47.24 -18.90 29.86
C HIS D 448 -47.93 -19.61 28.69
N GLY D 449 -47.44 -20.82 28.42
CA GLY D 449 -47.98 -21.65 27.36
C GLY D 449 -47.82 -23.13 27.66
N GLU D 450 -47.87 -23.97 26.64
CA GLU D 450 -47.72 -25.41 26.80
C GLU D 450 -46.67 -25.92 25.83
N LEU D 451 -45.73 -26.71 26.35
CA LEU D 451 -44.70 -27.32 25.52
C LEU D 451 -44.21 -28.61 26.17
N GLY D 452 -44.26 -29.70 25.42
CA GLY D 452 -43.84 -30.99 25.95
C GLY D 452 -44.82 -31.65 26.88
N GLY D 453 -46.12 -31.31 26.79
CA GLY D 453 -47.11 -31.92 27.64
C GLY D 453 -47.27 -31.28 29.00
N HIS D 454 -46.58 -30.17 29.26
CA HIS D 454 -46.62 -29.50 30.55
C HIS D 454 -46.55 -27.99 30.32
N PRO D 455 -47.01 -27.21 31.29
CA PRO D 455 -46.94 -25.75 31.14
C PRO D 455 -45.50 -25.26 31.07
N VAL D 456 -45.28 -24.23 30.26
CA VAL D 456 -43.99 -23.55 30.17
C VAL D 456 -44.23 -22.06 30.36
N SER D 457 -43.20 -21.38 30.85
CA SER D 457 -43.27 -19.95 31.12
C SER D 457 -42.04 -19.26 30.56
N GLU D 458 -42.21 -18.00 30.15
CA GLU D 458 -41.10 -17.20 29.66
C GLU D 458 -41.45 -15.73 29.80
N LEU D 459 -40.44 -14.91 30.06
CA LEU D 459 -40.62 -13.47 30.14
C LEU D 459 -40.90 -12.90 28.76
N ILE D 460 -41.67 -11.81 28.73
CA ILE D 460 -41.86 -11.04 27.50
C ILE D 460 -40.85 -9.90 27.51
N TYR D 461 -39.97 -9.88 26.51
CA TYR D 461 -38.88 -8.91 26.50
C TYR D 461 -39.40 -7.55 26.06
N ILE D 462 -39.36 -6.59 26.98
CA ILE D 462 -39.78 -5.23 26.68
C ILE D 462 -38.59 -4.53 26.03
N HIS D 463 -38.58 -4.49 24.69
CA HIS D 463 -37.57 -3.76 23.96
C HIS D 463 -38.04 -2.38 23.53
N SER D 464 -39.25 -2.00 23.94
CA SER D 464 -39.76 -0.69 23.60
C SER D 464 -38.91 0.39 24.25
N LYS D 465 -38.97 1.60 23.67
CA LYS D 465 -38.33 2.78 24.22
C LYS D 465 -39.32 3.93 24.06
N VAL D 466 -40.36 3.91 24.90
CA VAL D 466 -41.47 4.84 24.77
C VAL D 466 -41.78 5.46 26.12
N LEU D 467 -42.18 6.73 26.09
CA LEU D 467 -42.67 7.44 27.26
C LEU D 467 -43.99 8.08 26.89
N ILE D 468 -44.99 7.93 27.76
CA ILE D 468 -46.30 8.54 27.56
C ILE D 468 -46.58 9.43 28.76
N ALA D 469 -47.10 10.63 28.49
CA ALA D 469 -47.38 11.61 29.54
C ALA D 469 -48.76 12.21 29.35
N ASP D 470 -49.58 12.12 30.40
CA ASP D 470 -50.85 12.83 30.52
C ASP D 470 -51.83 12.54 29.37
N ASP D 471 -51.67 11.40 28.70
CA ASP D 471 -52.53 11.01 27.59
C ASP D 471 -52.49 12.00 26.42
N ARG D 472 -51.43 12.79 26.32
CA ARG D 472 -51.33 13.79 25.26
C ARG D 472 -50.00 13.77 24.54
N THR D 473 -48.95 13.34 25.23
CA THR D 473 -47.59 13.43 24.71
C THR D 473 -46.94 12.06 24.74
N VAL D 474 -46.26 11.71 23.65
CA VAL D 474 -45.59 10.43 23.51
C VAL D 474 -44.21 10.66 22.92
N ILE D 475 -43.24 9.87 23.37
CA ILE D 475 -41.90 9.83 22.79
C ILE D 475 -41.64 8.40 22.35
N ILE D 476 -41.34 8.22 21.06
CA ILE D 476 -41.05 6.90 20.52
C ILE D 476 -39.70 6.96 19.82
N GLY D 477 -38.84 5.99 20.08
CA GLY D 477 -37.55 5.96 19.44
C GLY D 477 -36.75 4.74 19.82
N SER D 478 -35.45 4.79 19.54
CA SER D 478 -34.53 3.71 19.83
C SER D 478 -33.71 3.95 21.08
N ALA D 479 -33.85 5.10 21.74
CA ALA D 479 -33.01 5.47 22.86
C ALA D 479 -33.52 4.81 24.13
N ASN D 480 -32.66 4.03 24.77
CA ASN D 480 -32.92 3.46 26.08
C ASN D 480 -32.68 4.51 27.17
N ILE D 481 -33.24 4.28 28.35
CA ILE D 481 -33.00 5.19 29.45
C ILE D 481 -31.69 4.80 30.13
N ASN D 482 -30.58 5.25 29.53
CA ASN D 482 -29.25 5.04 30.09
C ASN D 482 -28.32 6.09 29.48
N ASP D 483 -27.09 6.12 30.00
CA ASP D 483 -26.11 7.07 29.48
C ASP D 483 -25.73 6.75 28.04
N ARG D 484 -25.76 5.47 27.67
CA ARG D 484 -25.35 5.08 26.32
C ARG D 484 -26.26 5.69 25.27
N SER D 485 -27.56 5.80 25.57
CA SER D 485 -28.50 6.35 24.61
C SER D 485 -28.73 7.85 24.76
N LEU D 486 -28.80 8.34 26.00
CA LEU D 486 -29.28 9.69 26.25
C LEU D 486 -28.19 10.75 26.20
N LEU D 487 -26.93 10.40 26.48
CA LEU D 487 -25.89 11.43 26.54
C LEU D 487 -25.56 11.99 25.17
N GLY D 488 -25.72 11.21 24.11
CA GLY D 488 -25.43 11.65 22.76
C GLY D 488 -23.99 11.49 22.34
N LYS D 489 -23.05 11.63 23.28
CA LYS D 489 -21.64 11.44 22.96
C LYS D 489 -21.32 9.98 22.66
N ARG D 490 -22.20 9.05 23.00
CA ARG D 490 -21.92 7.64 22.83
C ARG D 490 -22.69 7.05 21.66
N ASP D 491 -23.65 6.19 21.94
CA ASP D 491 -24.45 5.58 20.87
C ASP D 491 -25.28 6.64 20.16
N SER D 492 -25.47 6.43 18.86
CA SER D 492 -26.35 7.29 18.06
C SER D 492 -27.75 6.71 18.09
N GLU D 493 -28.74 7.57 18.37
CA GLU D 493 -30.12 7.15 18.55
C GLU D 493 -31.05 8.12 17.82
N LEU D 494 -32.28 7.65 17.61
CA LEU D 494 -33.33 8.47 17.01
C LEU D 494 -34.58 8.37 17.87
N ALA D 495 -35.40 9.42 17.82
CA ALA D 495 -36.68 9.44 18.51
C ALA D 495 -37.54 10.54 17.90
N VAL D 496 -38.83 10.48 18.20
CA VAL D 496 -39.77 11.52 17.80
C VAL D 496 -40.62 11.91 19.01
N LEU D 497 -40.88 13.20 19.14
CA LEU D 497 -41.81 13.73 20.13
C LEU D 497 -43.14 14.02 19.44
N ILE D 498 -44.19 13.34 19.88
CA ILE D 498 -45.50 13.42 19.25
C ILE D 498 -46.46 14.08 20.22
N GLU D 499 -46.95 15.27 19.83
CA GLU D 499 -47.88 16.04 20.65
C GLU D 499 -49.23 16.09 19.95
N ASP D 500 -50.30 15.84 20.70
CA ASP D 500 -51.64 15.80 20.15
C ASP D 500 -52.26 17.19 20.12
N THR D 501 -52.87 17.53 18.99
CA THR D 501 -53.69 18.73 18.86
C THR D 501 -55.18 18.43 18.76
N GLU D 502 -55.55 17.15 18.62
CA GLU D 502 -56.93 16.73 18.51
C GLU D 502 -57.23 15.79 19.66
N THR D 503 -58.41 15.92 20.25
CA THR D 503 -58.72 15.25 21.50
C THR D 503 -60.02 14.46 21.39
N GLU D 504 -60.24 13.60 22.36
CA GLU D 504 -61.49 12.86 22.54
C GLU D 504 -61.84 12.88 24.03
N PRO D 505 -63.11 12.72 24.37
CA PRO D 505 -63.50 12.71 25.79
C PRO D 505 -62.93 11.49 26.52
N SER D 506 -62.32 11.76 27.68
CA SER D 506 -61.71 10.72 28.51
C SER D 506 -61.86 11.11 29.97
N LEU D 507 -61.13 10.42 30.85
CA LEU D 507 -61.21 10.67 32.28
C LEU D 507 -59.82 10.85 32.87
N MET D 508 -59.75 11.63 33.95
CA MET D 508 -58.50 11.84 34.68
C MET D 508 -58.85 12.06 36.15
N ASN D 509 -58.54 11.08 36.99
CA ASN D 509 -58.90 11.10 38.42
C ASN D 509 -60.39 11.37 38.60
N GLY D 510 -61.21 10.67 37.83
CA GLY D 510 -62.65 10.80 37.95
C GLY D 510 -63.23 12.07 37.37
N ALA D 511 -62.42 12.93 36.77
CA ALA D 511 -62.91 14.15 36.15
C ALA D 511 -62.84 14.01 34.63
N GLU D 512 -63.76 14.69 33.95
CA GLU D 512 -63.80 14.65 32.50
C GLU D 512 -62.58 15.35 31.91
N TYR D 513 -61.94 14.69 30.94
CA TYR D 513 -60.64 15.08 30.44
C TYR D 513 -60.60 14.87 28.93
N GLN D 514 -60.08 15.84 28.21
CA GLN D 514 -59.91 15.74 26.76
C GLN D 514 -58.49 15.25 26.49
N ALA D 515 -58.36 13.96 26.21
CA ALA D 515 -57.08 13.32 25.99
C ALA D 515 -56.77 13.24 24.50
N GLY D 516 -55.48 13.33 24.18
CA GLY D 516 -55.08 13.30 22.78
C GLY D 516 -55.32 11.94 22.15
N ARG D 517 -55.81 11.96 20.90
CA ARG D 517 -56.21 10.72 20.24
C ARG D 517 -55.03 9.79 20.04
N PHE D 518 -53.90 10.33 19.57
CA PHE D 518 -52.72 9.50 19.33
C PHE D 518 -52.23 8.86 20.63
N ALA D 519 -52.05 9.67 21.69
CA ALA D 519 -51.48 9.16 22.92
C ALA D 519 -52.44 8.22 23.64
N LEU D 520 -53.72 8.59 23.73
CA LEU D 520 -54.67 7.79 24.50
C LEU D 520 -54.87 6.42 23.86
N SER D 521 -54.99 6.38 22.53
CA SER D 521 -55.17 5.09 21.86
C SER D 521 -53.97 4.18 22.09
N LEU D 522 -52.76 4.75 22.04
CA LEU D 522 -51.57 3.94 22.31
C LEU D 522 -51.53 3.49 23.77
N ARG D 523 -51.80 4.42 24.69
CA ARG D 523 -51.75 4.07 26.10
C ARG D 523 -52.83 3.03 26.44
N LYS D 524 -54.03 3.18 25.87
CA LYS D 524 -55.08 2.21 26.10
C LYS D 524 -54.72 0.85 25.53
N HIS D 525 -54.10 0.82 24.34
CA HIS D 525 -53.68 -0.44 23.75
C HIS D 525 -52.63 -1.11 24.62
N CYS D 526 -51.71 -0.31 25.19
CA CYS D 526 -50.72 -0.85 26.10
C CYS D 526 -51.38 -1.41 27.36
N PHE D 527 -52.30 -0.65 27.95
CA PHE D 527 -53.00 -1.13 29.14
C PHE D 527 -53.84 -2.36 28.83
N GLY D 528 -54.54 -2.37 27.69
CA GLY D 528 -55.44 -3.46 27.39
C GLY D 528 -54.73 -4.78 27.21
N VAL D 529 -53.62 -4.77 26.47
CA VAL D 529 -52.84 -5.99 26.25
C VAL D 529 -52.20 -6.44 27.55
N ILE D 530 -51.71 -5.50 28.35
CA ILE D 530 -51.01 -5.84 29.59
C ILE D 530 -51.99 -6.44 30.59
N LEU D 531 -53.18 -5.86 30.71
CA LEU D 531 -54.17 -6.32 31.68
C LEU D 531 -55.07 -7.41 31.12
N GLY D 532 -54.93 -7.77 29.85
CA GLY D 532 -55.79 -8.77 29.26
C GLY D 532 -57.24 -8.34 29.22
N ALA D 533 -57.49 -7.10 28.80
CA ALA D 533 -58.86 -6.58 28.78
C ALA D 533 -59.75 -7.32 27.79
N ASN D 534 -59.17 -8.00 26.80
CA ASN D 534 -59.97 -8.82 25.88
C ASN D 534 -60.74 -9.89 26.63
N THR D 535 -60.16 -10.43 27.70
CA THR D 535 -60.79 -11.46 28.52
C THR D 535 -61.60 -10.86 29.67
N ARG D 536 -61.47 -9.57 29.92
CA ARG D 536 -62.20 -8.89 31.00
C ARG D 536 -62.78 -7.58 30.48
N PRO D 537 -63.93 -7.63 29.80
CA PRO D 537 -64.54 -6.40 29.28
C PRO D 537 -65.07 -5.46 30.36
N ASP D 538 -65.17 -5.92 31.61
CA ASP D 538 -65.61 -5.05 32.70
C ASP D 538 -64.57 -4.00 33.04
N LEU D 539 -63.32 -4.16 32.61
CA LEU D 539 -62.27 -3.22 32.96
C LEU D 539 -62.43 -1.91 32.21
N ASP D 540 -62.42 -0.80 32.96
CA ASP D 540 -62.51 0.53 32.39
C ASP D 540 -61.10 1.12 32.36
N LEU D 541 -60.59 1.39 31.16
CA LEU D 541 -59.24 1.91 30.98
C LEU D 541 -59.22 3.39 30.65
N ARG D 542 -60.35 4.08 30.83
CA ARG D 542 -60.41 5.50 30.52
C ARG D 542 -59.55 6.32 31.47
N ASP D 543 -59.62 6.03 32.77
CA ASP D 543 -58.93 6.81 33.78
C ASP D 543 -57.65 6.10 34.18
N PRO D 544 -56.47 6.69 33.95
CA PRO D 544 -55.22 6.01 34.28
C PRO D 544 -54.64 6.34 35.65
N ILE D 545 -55.26 7.22 36.44
CA ILE D 545 -54.64 7.65 37.69
C ILE D 545 -55.59 7.49 38.87
N CYS D 546 -56.84 7.14 38.63
CA CYS D 546 -57.80 7.02 39.72
C CYS D 546 -57.40 5.89 40.66
N ASP D 547 -57.82 6.03 41.93
CA ASP D 547 -57.30 5.14 42.97
C ASP D 547 -57.70 3.69 42.74
N ASP D 548 -58.93 3.45 42.28
CA ASP D 548 -59.39 2.08 42.09
C ASP D 548 -58.62 1.38 40.98
N PHE D 549 -58.32 2.09 39.89
CA PHE D 549 -57.57 1.46 38.80
C PHE D 549 -56.13 1.19 39.21
N PHE D 550 -55.48 2.15 39.87
CA PHE D 550 -54.09 1.94 40.30
C PHE D 550 -54.02 0.79 41.30
N GLN D 551 -54.99 0.73 42.22
CA GLN D 551 -55.08 -0.39 43.15
C GLN D 551 -55.33 -1.70 42.39
N LEU D 552 -56.18 -1.64 41.37
CA LEU D 552 -56.37 -2.79 40.49
C LEU D 552 -55.09 -3.13 39.74
N TRP D 553 -54.35 -2.09 39.33
CA TRP D 553 -53.08 -2.30 38.64
C TRP D 553 -52.07 -3.04 39.51
N GLN D 554 -51.93 -2.58 40.77
CA GLN D 554 -50.99 -3.23 41.68
C GLN D 554 -51.46 -4.63 42.05
N ASP D 555 -52.78 -4.81 42.23
CA ASP D 555 -53.30 -6.11 42.62
C ASP D 555 -53.03 -7.15 41.54
N MET D 556 -53.23 -6.79 40.28
CA MET D 556 -53.01 -7.73 39.19
C MET D 556 -51.54 -8.08 39.05
N ALA D 557 -50.65 -7.09 39.15
CA ALA D 557 -49.23 -7.36 39.10
C ALA D 557 -48.79 -8.24 40.26
N GLU D 558 -49.33 -7.98 41.45
CA GLU D 558 -49.04 -8.83 42.61
C GLU D 558 -49.62 -10.22 42.45
N SER D 559 -50.89 -10.31 42.03
CA SER D 559 -51.55 -11.61 41.91
C SER D 559 -50.87 -12.48 40.87
N ASN D 560 -50.59 -11.92 39.69
CA ASN D 560 -49.96 -12.71 38.63
C ASN D 560 -48.57 -13.18 39.04
N ALA D 561 -47.77 -12.29 39.64
CA ALA D 561 -46.44 -12.68 40.07
C ALA D 561 -46.49 -13.76 41.14
N ASN D 562 -47.51 -13.72 42.00
CA ASN D 562 -47.64 -14.76 43.02
C ASN D 562 -47.98 -16.11 42.41
N ILE D 563 -48.87 -16.12 41.42
CA ILE D 563 -49.26 -17.37 40.77
C ILE D 563 -48.11 -17.93 39.94
N TYR D 564 -47.40 -17.07 39.20
CA TYR D 564 -46.29 -17.55 38.39
C TYR D 564 -45.18 -18.12 39.25
N GLU D 565 -44.92 -17.50 40.41
CA GLU D 565 -43.95 -18.05 41.34
C GLU D 565 -44.33 -19.46 41.77
N GLN D 566 -45.58 -19.63 42.24
CA GLN D 566 -46.00 -20.92 42.76
C GLN D 566 -45.96 -22.02 41.71
N ILE D 567 -46.34 -21.70 40.48
CA ILE D 567 -46.47 -22.75 39.45
C ILE D 567 -45.12 -23.06 38.82
N PHE D 568 -44.38 -22.03 38.41
CA PHE D 568 -43.16 -22.23 37.63
C PHE D 568 -41.89 -22.00 38.42
N ARG D 569 -41.95 -21.33 39.57
CA ARG D 569 -40.77 -21.01 40.39
C ARG D 569 -39.72 -20.26 39.57
N CYS D 570 -40.19 -19.27 38.80
CA CYS D 570 -39.37 -18.56 37.85
C CYS D 570 -38.57 -17.45 38.53
N LEU D 571 -37.47 -17.05 37.88
CA LEU D 571 -36.61 -15.99 38.32
C LEU D 571 -36.59 -14.87 37.27
N PRO D 572 -36.35 -13.61 37.69
CA PRO D 572 -36.04 -13.15 39.05
C PRO D 572 -37.26 -13.16 39.97
N SER D 573 -37.01 -13.18 41.27
CA SER D 573 -38.07 -13.24 42.26
C SER D 573 -37.58 -12.65 43.57
N ASN D 574 -38.51 -12.21 44.40
CA ASN D 574 -38.15 -11.72 45.72
C ASN D 574 -37.80 -12.84 46.68
N ALA D 575 -37.97 -14.10 46.27
CA ALA D 575 -37.69 -15.23 47.14
C ALA D 575 -36.21 -15.56 47.21
N THR D 576 -35.40 -15.12 46.25
CA THR D 576 -33.97 -15.44 46.19
C THR D 576 -33.19 -14.13 46.31
N ARG D 577 -32.84 -13.77 47.53
CA ARG D 577 -32.08 -12.55 47.80
C ARG D 577 -30.58 -12.78 47.84
N SER D 578 -30.13 -14.02 47.70
CA SER D 578 -28.70 -14.29 47.74
C SER D 578 -28.38 -15.45 46.83
N LEU D 579 -27.09 -15.55 46.47
CA LEU D 579 -26.64 -16.67 45.65
C LEU D 579 -26.69 -17.96 46.45
N ARG D 580 -26.59 -17.86 47.78
CA ARG D 580 -26.74 -19.03 48.64
C ARG D 580 -28.16 -19.59 48.54
N THR D 581 -29.16 -18.73 48.73
CA THR D 581 -30.56 -19.15 48.62
C THR D 581 -30.93 -19.50 47.20
N LEU D 582 -30.30 -18.83 46.23
CA LEU D 582 -30.59 -19.10 44.83
C LEU D 582 -30.25 -20.54 44.45
N ARG D 583 -29.15 -21.07 44.97
CA ARG D 583 -28.82 -22.47 44.73
C ARG D 583 -29.89 -23.40 45.32
N GLU D 584 -30.50 -23.00 46.43
CA GLU D 584 -31.55 -23.79 47.05
C GLU D 584 -32.90 -23.65 46.34
N TYR D 585 -33.19 -22.47 45.80
CA TYR D 585 -34.51 -22.25 45.22
C TYR D 585 -34.70 -23.10 43.97
N VAL D 586 -33.69 -23.12 43.09
CA VAL D 586 -33.80 -23.88 41.84
C VAL D 586 -33.64 -25.37 42.05
N ALA D 587 -33.31 -25.81 43.26
CA ALA D 587 -33.11 -27.23 43.52
C ALA D 587 -34.43 -28.00 43.57
N VAL D 588 -35.54 -27.33 43.85
CA VAL D 588 -36.83 -27.98 43.98
C VAL D 588 -37.50 -28.02 42.61
N GLU D 589 -38.22 -29.09 42.33
CA GLU D 589 -38.88 -29.21 41.04
C GLU D 589 -40.15 -28.35 41.05
N PRO D 590 -40.39 -27.57 40.01
CA PRO D 590 -41.58 -26.71 40.01
C PRO D 590 -42.84 -27.52 39.79
N LEU D 591 -43.96 -26.97 40.28
CA LEU D 591 -45.25 -27.65 40.16
C LEU D 591 -45.67 -27.85 38.71
N ALA D 592 -45.14 -27.04 37.79
CA ALA D 592 -45.52 -27.18 36.38
C ALA D 592 -45.15 -28.56 35.84
N THR D 593 -44.00 -29.10 36.25
CA THR D 593 -43.59 -30.43 35.85
C THR D 593 -44.00 -31.50 36.85
N VAL D 594 -44.18 -31.15 38.12
CA VAL D 594 -44.63 -32.13 39.12
C VAL D 594 -46.02 -32.62 38.77
N SER D 595 -46.97 -31.68 38.62
CA SER D 595 -48.36 -32.02 38.31
C SER D 595 -48.87 -31.01 37.30
N PRO D 596 -48.64 -31.26 36.01
CA PRO D 596 -49.12 -30.33 34.97
C PRO D 596 -50.63 -30.12 35.02
N PRO D 597 -51.45 -31.15 35.26
CA PRO D 597 -52.90 -30.89 35.39
C PRO D 597 -53.23 -29.88 36.47
N LEU D 598 -52.66 -30.05 37.66
CA LEU D 598 -52.94 -29.14 38.77
C LEU D 598 -52.34 -27.76 38.54
N ALA D 599 -51.25 -27.68 37.79
CA ALA D 599 -50.66 -26.37 37.45
C ALA D 599 -51.61 -25.57 36.57
N ARG D 600 -52.18 -26.20 35.55
CA ARG D 600 -53.08 -25.50 34.64
C ARG D 600 -54.35 -25.01 35.34
N SER D 601 -54.82 -25.75 36.35
CA SER D 601 -56.03 -25.34 37.06
C SER D 601 -55.81 -24.02 37.81
N GLU D 602 -54.60 -23.80 38.33
CA GLU D 602 -54.29 -22.54 39.00
C GLU D 602 -53.80 -21.46 38.06
N LEU D 603 -53.36 -21.83 36.85
CA LEU D 603 -53.02 -20.83 35.84
C LEU D 603 -54.26 -20.21 35.22
N THR D 604 -55.45 -20.71 35.56
CA THR D 604 -56.70 -20.08 35.11
C THR D 604 -56.91 -18.72 35.75
N GLN D 605 -56.29 -18.46 36.89
CA GLN D 605 -56.44 -17.20 37.60
C GLN D 605 -55.43 -16.14 37.19
N VAL D 606 -54.60 -16.41 36.18
CA VAL D 606 -53.68 -15.40 35.67
C VAL D 606 -54.44 -14.48 34.74
N GLN D 607 -54.34 -13.17 34.98
CA GLN D 607 -55.02 -12.17 34.17
C GLN D 607 -53.99 -11.22 33.58
N GLY D 608 -53.89 -11.21 32.25
CA GLY D 608 -52.91 -10.35 31.60
C GLY D 608 -51.50 -10.90 31.74
N HIS D 609 -50.54 -10.02 31.46
CA HIS D 609 -49.13 -10.37 31.54
C HIS D 609 -48.38 -9.58 32.61
N LEU D 610 -49.05 -8.66 33.30
CA LEU D 610 -48.36 -7.77 34.22
C LEU D 610 -47.91 -8.52 35.46
N VAL D 611 -46.63 -8.40 35.79
CA VAL D 611 -46.06 -8.97 37.01
C VAL D 611 -45.25 -7.89 37.72
N HIS D 612 -45.27 -7.92 39.04
CA HIS D 612 -44.49 -6.96 39.81
C HIS D 612 -43.00 -7.21 39.59
N PHE D 613 -42.25 -6.12 39.47
CA PHE D 613 -40.81 -6.23 39.31
C PHE D 613 -40.18 -6.59 40.65
N PRO D 614 -39.44 -7.70 40.74
CA PRO D 614 -38.86 -8.09 42.04
C PRO D 614 -37.66 -7.23 42.38
N LEU D 615 -37.86 -6.30 43.32
CA LEU D 615 -36.84 -5.33 43.69
C LEU D 615 -35.86 -5.88 44.72
N LYS D 616 -36.16 -7.02 45.33
CA LYS D 616 -35.31 -7.62 46.35
C LYS D 616 -34.58 -8.85 45.82
N PHE D 617 -34.50 -9.00 44.49
CA PHE D 617 -33.82 -10.13 43.89
C PHE D 617 -32.31 -9.99 44.05
N LEU D 618 -31.70 -10.97 44.71
CA LEU D 618 -30.27 -10.97 45.02
C LEU D 618 -29.84 -9.67 45.71
N GLU D 619 -30.67 -9.18 46.63
CA GLU D 619 -30.35 -7.94 47.33
C GLU D 619 -29.19 -8.11 48.30
N ASP D 620 -28.88 -9.34 48.71
CA ASP D 620 -27.81 -9.59 49.67
C ASP D 620 -26.44 -9.65 49.01
N GLU D 621 -26.35 -9.41 47.71
CA GLU D 621 -25.10 -9.45 46.96
C GLU D 621 -24.73 -8.06 46.47
N SER D 622 -23.50 -7.96 45.94
CA SER D 622 -23.01 -6.71 45.40
C SER D 622 -23.33 -6.57 43.91
N LEU D 623 -23.27 -7.69 43.16
CA LEU D 623 -23.72 -7.86 41.79
C LEU D 623 -22.82 -7.23 40.73
N LEU D 624 -21.67 -6.67 41.11
CA LEU D 624 -20.74 -6.07 40.16
C LEU D 624 -19.37 -6.72 40.36
N PRO D 625 -18.73 -7.22 39.29
CA PRO D 625 -17.40 -7.87 39.33
C PRO D 625 -16.35 -7.11 40.12
N GLY D 632 -10.81 -7.02 35.02
CA GLY D 632 -10.11 -6.32 33.95
C GLY D 632 -10.10 -4.81 34.10
N MET D 633 -9.51 -4.12 33.12
CA MET D 633 -9.38 -2.67 33.12
C MET D 633 -10.48 -1.99 32.31
N ILE D 634 -11.64 -2.63 32.19
CA ILE D 634 -12.70 -2.20 31.28
C ILE D 634 -13.56 -1.12 31.94
N PRO D 635 -13.89 -0.05 31.22
CA PRO D 635 -14.78 0.97 31.80
C PRO D 635 -16.17 0.42 32.07
N LEU D 636 -16.73 0.81 33.20
CA LEU D 636 -18.11 0.42 33.53
C LEU D 636 -19.15 1.17 32.71
N GLU D 637 -18.75 2.21 31.97
CA GLU D 637 -19.67 2.89 31.07
C GLU D 637 -20.13 2.00 29.92
N VAL D 638 -19.59 0.78 29.82
CA VAL D 638 -20.12 -0.19 28.87
C VAL D 638 -21.56 -0.54 29.23
N TRP D 639 -21.90 -0.51 30.52
CA TRP D 639 -23.21 -0.91 31.00
C TRP D 639 -24.09 0.24 31.46
N THR D 640 -23.58 1.47 31.47
CA THR D 640 -24.35 2.61 31.97
C THR D 640 -25.06 3.34 30.83
C01 MJV E . 45.15 5.95 -17.61
C02 MJV E . 43.81 5.45 -17.40
C04 MJV E . 41.53 5.08 -16.83
C07 MJV E . 41.24 2.71 -17.86
C08 MJV E . 41.18 2.27 -19.36
C09 MJV E . 40.66 0.88 -19.54
C11 MJV E . 40.17 -1.25 -18.62
C12 MJV E . 39.86 -1.58 -20.09
C14 MJV E . 41.46 -1.71 -22.05
C16 MJV E . 42.74 -2.29 -22.78
C17 MJV E . 43.08 -1.93 -24.12
C18 MJV E . 44.20 -2.46 -24.80
C19 MJV E . 45.05 -3.35 -24.13
C21 MJV E . 44.77 -3.73 -22.80
C22 MJV E . 43.62 -3.20 -22.15
C23 MJV E . 41.31 0.28 -17.18
C24 MJV E . 41.92 1.66 -16.98
C25 MJV E . 43.44 4.17 -17.89
C26 MJV E . 44.44 3.38 -18.59
C27 MJV E . 45.76 3.86 -18.80
C28 MJV E . 46.07 5.13 -18.30
F20 MJV E . 46.12 -3.84 -24.75
N03 MJV E . 42.63 6.01 -16.75
N06 MJV E . 42.04 3.96 -17.52
N10 MJV E . 41.18 -0.15 -18.60
N13 MJV E . 41.07 -2.12 -20.77
O05 MJV E . 40.40 5.24 -16.37
O15 MJV E . 40.78 -0.89 -22.65
CL MJV E . 47.81 5.77 -18.57
S SO4 F . 20.27 -6.42 4.93
O1 SO4 F . 20.75 -6.72 3.59
O2 SO4 F . 19.47 -7.55 5.42
O3 SO4 F . 19.43 -5.22 4.89
O4 SO4 F . 21.40 -6.20 5.82
C1 GOL G . 36.39 -1.19 -7.86
O1 GOL G . 36.54 -2.48 -8.35
C2 GOL G . 37.71 -0.47 -8.07
O2 GOL G . 38.12 -0.53 -9.40
C3 GOL G . 37.40 0.96 -7.62
O3 GOL G . 38.62 1.56 -7.33
C1 GOL H . 29.29 -12.31 -6.65
O1 GOL H . 29.74 -11.26 -7.44
C2 GOL H . 29.17 -11.79 -5.22
O2 GOL H . 29.56 -12.75 -4.29
C3 GOL H . 30.03 -10.52 -5.15
O3 GOL H . 30.00 -10.07 -3.83
C1 GOL I . 34.98 -13.11 -35.92
O1 GOL I . 35.62 -13.17 -37.16
C2 GOL I . 34.56 -14.53 -35.54
O2 GOL I . 35.62 -15.27 -35.02
C3 GOL I . 33.46 -14.32 -34.49
O3 GOL I . 33.24 -15.54 -33.87
C01 MJV J . -2.65 -0.03 29.94
C02 MJV J . -1.55 -0.79 30.50
C04 MJV J . 0.45 -1.93 30.99
C07 MJV J . -0.06 -2.70 33.43
C08 MJV J . 1.22 -2.29 34.16
C09 MJV J . 1.41 -3.13 35.38
C11 MJV J . 1.03 -5.14 36.45
C12 MJV J . 1.45 -4.20 37.63
C14 MJV J . -0.12 -2.51 38.82
C16 MJV J . -1.44 -2.17 39.66
C17 MJV J . -1.60 -0.94 40.38
C18 MJV J . -2.79 -0.63 41.12
C19 MJV J . -3.85 -1.58 41.14
C21 MJV J . -3.72 -2.79 40.43
C22 MJV J . -2.53 -3.06 39.70
C23 MJV J . 0.23 -4.97 34.34
C24 MJV J . 0.06 -4.15 33.04
C25 MJV J . -1.65 -1.29 31.83
C26 MJV J . -2.87 -1.04 32.59
C27 MJV J . -3.95 -0.29 32.01
C28 MJV J . -3.80 0.18 30.71
F20 MJV J . -4.95 -1.32 41.82
N03 MJV J . -0.25 -1.19 29.99
N06 MJV J . -0.41 -2.01 32.10
N10 MJV J . 1.43 -4.60 35.14
N13 MJV J . 0.26 -3.81 38.43
O05 MJV J . 1.58 -2.41 30.85
O15 MJV J . 0.61 -1.59 38.51
CL MJV J . -5.19 1.16 29.95
S SO4 K . -4.75 -3.14 22.15
O1 SO4 K . -3.52 -2.98 21.42
O2 SO4 K . -5.44 -4.30 21.62
O3 SO4 K . -4.49 -3.33 23.57
O4 SO4 K . -5.58 -1.97 21.94
S SO4 L . 16.72 12.15 19.89
O1 SO4 L . 17.90 11.46 19.41
O2 SO4 L . 16.14 12.89 18.80
O3 SO4 L . 17.04 13.03 21.01
O4 SO4 L . 15.72 11.20 20.29
S SO4 M . 14.22 -13.47 51.06
O1 SO4 M . 13.67 -13.71 49.73
O2 SO4 M . 15.68 -13.50 51.00
O3 SO4 M . 13.76 -14.53 51.95
O4 SO4 M . 13.77 -12.18 51.55
S SO4 N . 12.59 18.44 18.06
O1 SO4 N . 12.96 17.91 16.75
O2 SO4 N . 13.08 17.55 19.09
O3 SO4 N . 11.14 18.55 18.14
O4 SO4 N . 13.19 19.76 18.23
C01 MJV O . -16.18 3.61 -38.50
C02 MJV O . -14.97 2.86 -38.28
C04 MJV O . -12.79 1.90 -38.27
C07 MJV O . -13.16 0.08 -36.42
C08 MJV O . -13.89 -1.31 -36.45
C09 MJV O . -13.33 -2.24 -35.39
C11 MJV O . -12.23 -2.46 -33.28
C12 MJV O . -12.06 -1.86 -31.90
C14 MJV O . -13.66 -0.93 -30.14
C16 MJV O . -15.04 -0.93 -29.37
C17 MJV O . -15.46 0.14 -28.54
C18 MJV O . -16.70 0.13 -27.85
C19 MJV O . -17.55 -0.99 -27.98
C21 MJV O . -17.17 -2.08 -28.79
C22 MJV O . -15.92 -2.03 -29.47
C23 MJV O . -12.69 -0.24 -33.99
C24 MJV O . -13.30 0.70 -35.03
C25 MJV O . -14.95 1.80 -37.30
C26 MJV O . -16.16 1.54 -36.57
C27 MJV O . -17.36 2.28 -36.77
C28 MJV O . -17.32 3.29 -37.74
F20 MJV O . -18.71 -1.02 -27.34
N03 MJV O . -13.63 2.90 -38.86
N06 MJV O . -13.62 1.23 -37.32
N10 MJV O . -13.25 -1.63 -34.02
N13 MJV O . -13.35 -1.83 -31.16
O05 MJV O . -11.61 1.68 -38.55
O15 MJV O . -12.81 -0.10 -29.82
CL MJV O . -18.90 4.27 -38.02
C01 MJV P . -25.03 -0.97 22.25
C02 MJV P . -26.38 -1.48 22.49
C04 MJV P . -28.66 -1.84 22.98
C07 MJV P . -28.74 -4.45 22.57
C08 MJV P . -29.86 -4.75 21.52
C09 MJV P . -30.31 -6.18 21.63
C11 MJV P . -30.59 -8.12 23.03
C12 MJV P . -31.00 -8.69 21.66
C14 MJV P . -29.49 -9.50 19.74
C16 MJV P . -28.26 -10.36 19.24
C17 MJV P . -27.95 -10.56 17.87
C18 MJV P . -26.84 -11.35 17.45
C19 MJV P . -26.01 -11.96 18.41
C21 MJV P . -26.30 -11.79 19.79
C22 MJV P . -27.41 -11.00 20.17
C23 MJV P . -29.72 -6.17 24.08
C24 MJV P . -29.28 -4.70 23.97
C25 MJV P . -26.64 -2.87 22.33
C26 MJV P . -25.56 -3.74 21.93
C27 MJV P . -24.25 -3.25 21.69
C28 MJV P . -24.03 -1.89 21.86
F20 MJV P . -24.97 -12.70 18.04
N03 MJV P . -27.63 -0.85 22.89
N06 MJV P . -28.05 -3.08 22.64
N10 MJV P . -30.68 -6.62 23.02
N13 MJV P . -29.87 -9.47 21.09
O05 MJV P . -29.85 -1.62 23.30
O15 MJV P . -30.12 -8.83 18.92
CL MJV P . -22.30 -1.23 21.56
#